data_1L0N
#
_entry.id   1L0N
#
_cell.length_a   153.828
_cell.length_b   153.828
_cell.length_c   596.671
_cell.angle_alpha   90.00
_cell.angle_beta   90.00
_cell.angle_gamma   90.00
#
_symmetry.space_group_name_H-M   'I 41 2 2'
#
loop_
_entity.id
_entity.type
_entity.pdbx_description
1 polymer 'UBIQUINOL-CYTOCHROME C REDUCTASE COMPLEX CORE PROTEIN I'
2 polymer 'UBIQUINOL-CYTOCHROME C REDUCTASE COMPLEX CORE PROTEIN 2'
3 polymer 'Cytochrome B'
4 polymer 'Cytochrome c1, heme protein'
5 polymer 'UBIQUINOL-CYTOCHROME C REDUCTASE IRON-SULFUR SUBUNIT'
6 polymer 'Ubiquinol-cytochrome C reductase complex 14 kDa protein'
7 polymer 'Ubiquinol-cytochrome C reductase complex ubiquinone-binding protein QP-C'
8 polymer 'Ubiquinol-cytochrome C reductase complex 11 kDa protein'
9 polymer 'UBIQUINOL-CYTOCHROME C REDUCTASE 8 KDA PROTEIN'
10 polymer 'Ubiquinol-cytochrome C reductase complex 7.2 kDa protein'
11 polymer 'cytochrome b-c1 complex 6.4K protein'
12 non-polymer 'PROTOPORPHYRIN IX CONTAINING FE'
13 non-polymer 'FE2/S2 (INORGANIC) CLUSTER'
#
loop_
_entity_poly.entity_id
_entity_poly.type
_entity_poly.pdbx_seq_one_letter_code
_entity_poly.pdbx_strand_id
1 'polypeptide(L)'
;TATYAQALQSVPETQVSQLDNGLRVASEQSSQPTCTVGVWIDAGSRYESEKNNGAGYFVEHLAFKGTKNRPGNALEKEVE
SMGAHLNAYSTREHTAYYIKALSKDLPKAVELLADIVQNCSLEDSQIEKERDVILQELQENDTSMRDVVFNYLHATAFQG
TPLAQSVEGPSENVRKLSRADLTEYLSRHYKAPRMVLAAAGGLEHRQLLDLAQKHFSGLSGTYDEDAVPTLSPCRFTGSQ
ICHREDGLPLAHVAIAVEGPGWAHPDNVALQVANAIIGHYDCTYGGGAHLSSPLASIAATNKLCQSFQTFNICYADTGLL
GAHFVCDHMSIDDMMFVLQGQWMRLCTSATESEVLRGKNLLRNALVSHLDGTTPVCEDIGRSLLTYGRRIPLAEWESRIA
EVDARVVREVCSKYFYDQCPAVAGFGPIEQLPDYNRIRSGMFWLRF
;
A
2 'polypeptide(L)'
;SLKVAPKVKATEAPAGVPPHPQDLEFTRLPNGLVIASLENYAPASRIGLFIKAGSRYENSNNLGTSHLLRLASSLTTKGA
SSFKITRGIEAVGGKLSVTSTRENMAYTVECLRDDVDILMEFLLNVTTAPEFRRWEVAALQPQLRIDKAVALQNPQAHVI
ENLHAAAYRNALANSLYCPDYRIGKVTPVELHDYVQNHFTSARMALIGLGVSHPVLKQVAEQFLNIRGGLGLSGAKAKYH
GGEIREQNGDSLVHAALVAESAAIGSAEANAFSVLQHVLGAGPHVKRGSNATSSLYQAVAKGVHQPFDVSAFNASYSDSG
LFGFYTISQAASAGDVIKAAYNQVKTIAQGNLSNPDVQAAKNKLKAGYLMSVESSEGFLDEVGSQALAAGSYTPPSTVLQ
QIDAVADADVINAAKKFVSGRKSMAASGNLGHTPFIDEL
;
B
3 'polypeptide(L)'
;MTNIRKSHPLMKIVNNAFIDLPAPSNISSWWNFGSLLGICLILQILTGLFLAMHYTSDTTTAFSSVTHICRDVNYGWIIR
YMHANGASMFFICLYMHVGRGLYYGSYTFLETWNIGVILLLTVMATAFMGYVLPWGQMSFWGATVITNLLSAIPYIGTNL
VEWIWGGFSVDKATLTRFFAFHFILPFIIMAIAMVHLLFLHETGSNNPTGISSDVDKIPFHPYYTIKDILGALLLILALM
LLVLFAPDLLGDPDNYTPANPLNTPPHIKPEWYFLFAYAILRSIPNKLGGVLALAFSILILALIPLLHTSKQRSMMFRPL
SQCLFWALVADLLTLTWIGGQPVEHPYITIGQLASVLYFLLILVLMPTAGTIENKLLKW
;
C
4 'polypeptide(L)'
;SDLELHPPSYPWSHRGLLSSLDHTSIRRGFQVYKQVCSSCHSMDYVAYRHLVGVCYTEDEAKALAEEVEVQDGPNEDGEM
FMRPGKLSDYFPKPYPNPEAARAANNGALPPDLSYIVRARHGGEDYVFSLLTGYCEPPTGVSLREGLYFNPYFPGQAIGM
APPIYNEVLEFDDGTPATMSQVAKDVCTFLRWAAEPEHDHRKRMGLKMLLMMGLLLPLVYAMKRHKWSVLKSRKLAYRPP
K
;
D
5 'polypeptide(L)'
;SHTDIKVPDFSDYRRPEVLDSTKSSKESSEARKGFSYLVTATTTVGVAYAAKNVVSQFVSSMSASADVLAMSKIEIKLSD
IPEGKNMAFKWRGKPLFVRHRTKKEIDQEAAVEVSQLRDPQHDLERVKKPEWVILIGVCTHLGCVPIANAGDFGGYYCPC
HGSHYDASGRIRKGPAPLNLEVPSYEFTSDDMVIVG
;
E
6 'polypeptide(L)'
;AGRPAVSASSRWLEGIRKWYYNAAGFNKLGLMRDDTIHENDDVKEAIRRLPENLYDDRVFRIKRALDLSMRQQILPKEQW
TKYEEDKSYLEPYLKEVIRERKEREEWAKK
;
F
7 'polypeptide(L)'
;GRQFGHLTRVRHVITYSLSPFEQRAFPHYFSKGIPNVLRRTRACILRVAPPFVAFYLVYTWGTQEFEKSKRKNPAAYEND
R
;
G
8 'polypeptide(L)' GDPKEEEEEEEELVDPLTTVREQCEQLEKCVKARERLELCDERVSSRSQTEEDCTEELLDFLHARDHCVAHKLFNSLK H
9 'polypeptide(L)' MLSVAARSGPFAPVLSATSRGVAGALRPLVQAAVPATSESPVLDLKRSVLCRESLRGQAAGRPLVASVSLNVPASVRY I
10 'polypeptide(L)' VAPTLTARLYSLLFRRTSTFALTIVVGALFFERAFDQGADAIYEHINEGKLWKHIKHKYENK J
11 'polypeptide(L)' MLTRFLGPRYRQLARNWVPTAQLWGAVGAVGLVSATDSRLILDWVPTINGKFKKDD K
#
# COMPACT_ATOMS: atom_id res chain seq x y z
N THR A 1 52.33 -10.45 24.93
CA THR A 1 51.52 -10.25 23.69
C THR A 1 50.67 -8.98 23.82
N ALA A 2 50.80 -8.09 22.83
CA ALA A 2 50.08 -6.82 22.83
C ALA A 2 48.59 -7.01 22.64
N THR A 3 47.79 -6.06 23.13
CA THR A 3 46.33 -6.15 22.95
C THR A 3 45.91 -5.50 21.64
N TYR A 4 44.63 -5.66 21.30
CA TYR A 4 44.07 -5.01 20.11
C TYR A 4 44.19 -3.52 20.28
N ALA A 5 43.73 -3.04 21.44
CA ALA A 5 43.80 -1.63 21.77
C ALA A 5 45.22 -1.10 21.61
N GLN A 6 46.18 -1.81 22.19
CA GLN A 6 47.57 -1.40 22.09
C GLN A 6 48.06 -1.35 20.63
N ALA A 7 47.62 -2.31 19.82
CA ALA A 7 48.08 -2.38 18.46
C ALA A 7 47.69 -1.16 17.63
N LEU A 8 46.53 -0.60 17.94
CA LEU A 8 46.05 0.58 17.24
C LEU A 8 47.00 1.77 17.42
N GLN A 9 47.63 1.87 18.58
CA GLN A 9 48.55 2.97 18.81
C GLN A 9 49.87 2.80 18.07
N SER A 10 50.20 1.54 17.75
CA SER A 10 51.48 1.19 17.09
C SER A 10 51.59 1.61 15.61
N VAL A 11 50.46 1.71 14.91
CA VAL A 11 50.49 2.10 13.48
C VAL A 11 51.07 3.46 13.33
N PRO A 12 52.19 3.57 12.60
CA PRO A 12 52.92 4.84 12.43
C PRO A 12 52.04 5.96 11.96
N GLU A 13 52.23 7.13 12.53
CA GLU A 13 51.46 8.31 12.18
C GLU A 13 51.67 8.66 10.71
N THR A 14 50.56 8.95 10.02
CA THR A 14 50.61 9.36 8.62
C THR A 14 51.13 10.79 8.59
N GLN A 15 52.24 10.99 7.92
CA GLN A 15 52.86 12.30 7.87
C GLN A 15 52.36 13.15 6.73
N VAL A 16 51.90 14.35 7.06
CA VAL A 16 51.35 15.26 6.07
C VAL A 16 52.23 16.50 5.89
N SER A 17 52.42 16.90 4.64
CA SER A 17 53.23 18.06 4.34
C SER A 17 52.72 18.77 3.08
N GLN A 18 52.71 20.09 3.09
CA GLN A 18 52.18 20.87 1.96
C GLN A 18 53.26 21.58 1.12
N LEU A 19 53.08 21.56 -0.18
CA LEU A 19 54.00 22.21 -1.12
C LEU A 19 53.52 23.65 -1.34
N ASP A 20 54.33 24.49 -2.01
CA ASP A 20 53.92 25.88 -2.34
C ASP A 20 53.19 25.79 -3.67
N ASN A 21 51.94 25.34 -3.58
CA ASN A 21 51.11 25.04 -4.71
C ASN A 21 49.72 24.90 -4.16
N GLY A 22 49.60 23.92 -3.29
CA GLY A 22 48.36 23.54 -2.68
C GLY A 22 48.40 22.02 -2.69
N LEU A 23 49.42 21.49 -3.37
CA LEU A 23 49.61 20.05 -3.48
C LEU A 23 50.00 19.49 -2.10
N ARG A 24 49.14 18.67 -1.55
CA ARG A 24 49.48 18.05 -0.29
C ARG A 24 50.21 16.76 -0.56
N VAL A 25 51.25 16.50 0.19
CA VAL A 25 51.97 15.27 0.00
C VAL A 25 52.02 14.54 1.32
N ALA A 26 51.38 13.38 1.36
CA ALA A 26 51.32 12.58 2.58
C ALA A 26 51.72 11.10 2.40
N SER A 27 52.28 10.52 3.47
CA SER A 27 52.79 9.14 3.44
C SER A 27 52.67 8.41 4.77
N GLU A 28 52.62 7.08 4.69
CA GLU A 28 52.61 6.21 5.88
C GLU A 28 53.72 5.17 5.69
N GLN A 29 54.85 5.40 6.32
CA GLN A 29 55.96 4.50 6.15
C GLN A 29 55.75 3.18 6.83
N SER A 30 55.98 2.10 6.10
CA SER A 30 55.93 0.77 6.70
C SER A 30 57.30 0.19 6.52
N SER A 31 57.40 -1.11 6.53
CA SER A 31 58.70 -1.73 6.34
C SER A 31 58.74 -2.55 5.08
N GLN A 32 57.62 -2.61 4.40
CA GLN A 32 57.48 -3.39 3.17
C GLN A 32 58.44 -3.01 2.02
N PRO A 33 58.86 -3.99 1.20
CA PRO A 33 59.75 -3.69 0.06
C PRO A 33 58.97 -3.15 -1.11
N THR A 34 57.65 -3.24 -1.03
CA THR A 34 56.80 -2.75 -2.10
C THR A 34 56.09 -1.49 -1.62
N CYS A 35 55.47 -0.75 -2.53
CA CYS A 35 54.79 0.47 -2.16
C CYS A 35 53.73 0.83 -3.16
N THR A 36 53.00 1.88 -2.85
CA THR A 36 51.96 2.34 -3.74
C THR A 36 51.93 3.84 -3.71
N VAL A 37 52.11 4.46 -4.89
CA VAL A 37 52.13 5.90 -5.01
C VAL A 37 51.02 6.31 -5.90
N GLY A 38 50.39 7.43 -5.58
CA GLY A 38 49.31 7.89 -6.41
C GLY A 38 48.92 9.31 -6.18
N VAL A 39 48.14 9.85 -7.13
CA VAL A 39 47.64 11.20 -7.10
C VAL A 39 46.13 11.16 -6.99
N TRP A 40 45.58 11.68 -5.90
CA TRP A 40 44.12 11.74 -5.74
C TRP A 40 43.68 13.15 -6.06
N ILE A 41 42.65 13.27 -6.89
CA ILE A 41 42.19 14.58 -7.34
C ILE A 41 40.73 14.81 -7.07
N ASP A 42 40.38 16.01 -6.62
CA ASP A 42 38.99 16.39 -6.37
C ASP A 42 38.24 16.66 -7.66
N ALA A 43 38.27 15.70 -8.57
CA ALA A 43 37.58 15.82 -9.85
C ALA A 43 36.76 14.61 -10.05
N GLY A 44 35.50 14.80 -10.41
CA GLY A 44 34.60 13.67 -10.61
C GLY A 44 33.67 13.98 -11.72
N SER A 45 32.38 13.76 -11.52
CA SER A 45 31.38 14.08 -12.53
C SER A 45 30.34 14.91 -11.87
N ARG A 46 30.40 14.97 -10.56
CA ARG A 46 29.51 15.83 -9.82
C ARG A 46 29.95 17.28 -10.16
N TYR A 47 31.14 17.42 -10.76
CA TYR A 47 31.64 18.72 -11.18
C TYR A 47 31.29 19.04 -12.59
N GLU A 48 30.67 18.12 -13.31
CA GLU A 48 30.37 18.45 -14.71
C GLU A 48 28.98 19.00 -15.08
N SER A 49 28.91 19.68 -16.20
CA SER A 49 27.68 20.36 -16.59
C SER A 49 26.50 19.49 -16.98
N GLU A 50 26.55 18.96 -18.20
CA GLU A 50 25.51 18.14 -18.81
C GLU A 50 26.08 17.94 -20.16
N LYS A 51 26.35 19.04 -20.84
CA LYS A 51 27.11 18.97 -22.06
C LYS A 51 28.47 19.09 -21.38
N ASN A 52 29.27 18.01 -21.41
CA ASN A 52 30.59 17.95 -20.74
C ASN A 52 30.69 16.56 -20.20
N ASN A 53 29.64 16.20 -19.45
CA ASN A 53 29.46 14.88 -18.80
C ASN A 53 30.13 13.78 -19.55
N GLY A 54 31.03 13.09 -18.87
CA GLY A 54 31.79 12.03 -19.48
C GLY A 54 33.23 12.48 -19.60
N ALA A 55 33.46 13.76 -19.34
CA ALA A 55 34.76 14.38 -19.45
C ALA A 55 35.94 13.65 -18.79
N GLY A 56 35.80 13.34 -17.51
CA GLY A 56 36.89 12.72 -16.77
C GLY A 56 37.08 11.31 -17.17
N TYR A 57 35.97 10.62 -17.38
CA TYR A 57 36.01 9.21 -17.78
C TYR A 57 36.76 9.14 -19.09
N PHE A 58 36.57 10.17 -19.92
CA PHE A 58 37.24 10.23 -21.20
C PHE A 58 38.72 10.49 -20.98
N VAL A 59 39.08 11.36 -20.02
CA VAL A 59 40.52 11.63 -19.77
C VAL A 59 41.19 10.37 -19.21
N GLU A 60 40.48 9.64 -18.34
CA GLU A 60 41.06 8.42 -17.78
C GLU A 60 41.53 7.52 -18.91
N HIS A 61 40.72 7.40 -19.94
CA HIS A 61 41.11 6.59 -21.06
C HIS A 61 42.40 7.09 -21.70
N LEU A 62 42.52 8.40 -21.96
CA LEU A 62 43.71 8.97 -22.60
C LEU A 62 44.94 9.10 -21.69
N ALA A 63 44.71 9.09 -20.38
CA ALA A 63 45.77 9.32 -19.40
C ALA A 63 47.04 8.48 -19.53
N PHE A 64 46.89 7.22 -19.88
CA PHE A 64 48.07 6.35 -19.98
C PHE A 64 48.44 6.03 -21.42
N LYS A 65 47.96 6.86 -22.37
CA LYS A 65 48.23 6.62 -23.78
C LYS A 65 49.30 7.53 -24.35
N GLY A 66 50.02 8.25 -23.51
CA GLY A 66 51.08 9.09 -24.02
C GLY A 66 51.16 10.50 -23.45
N THR A 67 52.37 10.91 -23.10
CA THR A 67 52.62 12.25 -22.60
C THR A 67 53.54 12.95 -23.62
N LYS A 68 53.94 14.19 -23.35
CA LYS A 68 54.79 14.89 -24.28
C LYS A 68 56.25 14.44 -24.18
N ASN A 69 56.63 13.93 -23.02
CA ASN A 69 57.99 13.44 -22.84
C ASN A 69 58.04 11.93 -23.13
N ARG A 70 56.88 11.30 -23.05
CA ARG A 70 56.76 9.88 -23.31
C ARG A 70 55.56 9.70 -24.20
N PRO A 71 55.80 9.52 -25.48
CA PRO A 71 54.72 9.38 -26.47
C PRO A 71 53.83 8.15 -26.38
N GLY A 72 53.14 7.89 -27.48
CA GLY A 72 52.17 6.81 -27.62
C GLY A 72 52.17 5.63 -26.66
N ASN A 73 53.29 4.92 -26.55
CA ASN A 73 53.32 3.75 -25.72
C ASN A 73 54.54 3.61 -24.83
N ALA A 74 55.39 4.60 -24.85
CA ALA A 74 56.57 4.56 -24.01
C ALA A 74 56.26 4.46 -22.50
N LEU A 75 55.23 5.15 -22.03
CA LEU A 75 54.90 5.10 -20.61
C LEU A 75 54.70 3.66 -20.20
N GLU A 76 53.86 2.95 -20.96
CA GLU A 76 53.57 1.54 -20.68
C GLU A 76 54.87 0.79 -20.60
N LYS A 77 55.72 0.92 -21.63
CA LYS A 77 56.99 0.21 -21.63
C LYS A 77 57.85 0.44 -20.38
N GLU A 78 57.74 1.61 -19.74
CA GLU A 78 58.55 1.86 -18.55
C GLU A 78 57.94 1.22 -17.32
N VAL A 79 56.63 1.40 -17.15
CA VAL A 79 55.94 0.83 -15.99
C VAL A 79 56.11 -0.69 -16.00
N GLU A 80 55.84 -1.29 -17.15
CA GLU A 80 55.97 -2.71 -17.33
C GLU A 80 57.41 -3.19 -17.10
N SER A 81 58.39 -2.53 -17.69
CA SER A 81 59.78 -3.03 -17.51
C SER A 81 60.31 -3.03 -16.10
N MET A 82 59.65 -2.33 -15.19
CA MET A 82 60.11 -2.38 -13.80
C MET A 82 59.16 -3.26 -12.97
N GLY A 83 58.18 -3.83 -13.64
CA GLY A 83 57.28 -4.73 -13.00
C GLY A 83 56.24 -4.02 -12.21
N ALA A 84 56.07 -2.76 -12.45
CA ALA A 84 55.08 -2.03 -11.71
C ALA A 84 53.69 -2.21 -12.30
N HIS A 85 52.68 -1.68 -11.64
CA HIS A 85 51.33 -1.76 -12.14
C HIS A 85 50.78 -0.36 -12.07
N LEU A 86 50.13 0.09 -13.14
CA LEU A 86 49.57 1.42 -13.17
C LEU A 86 48.09 1.27 -13.37
N ASN A 87 47.31 1.78 -12.43
CA ASN A 87 45.86 1.67 -12.50
C ASN A 87 45.25 3.03 -12.27
N ALA A 88 43.93 3.14 -12.37
CA ALA A 88 43.25 4.43 -12.17
C ALA A 88 41.77 4.26 -12.00
N TYR A 89 41.12 5.23 -11.39
CA TYR A 89 39.67 5.13 -11.24
C TYR A 89 38.93 6.46 -11.16
N SER A 90 37.61 6.40 -11.25
CA SER A 90 36.79 7.62 -11.19
C SER A 90 35.37 7.44 -10.72
N THR A 91 35.02 8.21 -9.73
CA THR A 91 33.72 8.16 -9.20
C THR A 91 33.06 9.45 -9.54
N ARG A 92 31.94 9.74 -8.90
CA ARG A 92 31.20 10.97 -9.12
C ARG A 92 31.91 12.11 -8.48
N GLU A 93 32.80 11.82 -7.53
CA GLU A 93 33.44 12.89 -6.78
C GLU A 93 34.99 12.78 -6.71
N HIS A 94 35.57 11.69 -7.21
CA HIS A 94 37.03 11.49 -7.10
C HIS A 94 37.69 10.83 -8.31
N THR A 95 38.93 11.20 -8.56
CA THR A 95 39.69 10.60 -9.63
C THR A 95 41.01 10.28 -9.04
N ALA A 96 41.58 9.16 -9.45
CA ALA A 96 42.84 8.74 -8.90
C ALA A 96 43.65 8.02 -9.93
N TYR A 97 44.96 8.17 -9.84
CA TYR A 97 45.89 7.48 -10.70
C TYR A 97 46.96 6.98 -9.78
N TYR A 98 47.14 5.67 -9.68
CA TYR A 98 48.18 5.16 -8.76
C TYR A 98 49.08 4.13 -9.38
N ILE A 99 50.34 4.12 -8.95
CA ILE A 99 51.32 3.17 -9.42
C ILE A 99 51.65 2.24 -8.26
N LYS A 100 51.66 0.97 -8.52
CA LYS A 100 51.94 -0.01 -7.50
C LYS A 100 53.27 -0.51 -7.93
N ALA A 101 54.31 -0.29 -7.14
CA ALA A 101 55.68 -0.66 -7.55
C ALA A 101 56.65 -0.93 -6.43
N LEU A 102 57.81 -1.46 -6.82
CA LEU A 102 58.91 -1.79 -5.90
C LEU A 102 59.38 -0.49 -5.20
N SER A 103 59.88 -0.59 -3.97
CA SER A 103 60.31 0.61 -3.23
C SER A 103 61.43 1.41 -3.86
N LYS A 104 62.47 0.73 -4.35
CA LYS A 104 63.56 1.45 -5.00
C LYS A 104 62.95 2.35 -6.09
N ASP A 105 61.95 1.83 -6.79
CA ASP A 105 61.34 2.52 -7.91
C ASP A 105 60.51 3.79 -7.61
N LEU A 106 60.44 4.18 -6.34
CA LEU A 106 59.70 5.38 -5.97
C LEU A 106 60.01 6.68 -6.84
N PRO A 107 61.30 7.02 -7.07
CA PRO A 107 61.64 8.18 -7.88
C PRO A 107 60.98 8.16 -9.25
N LYS A 108 61.08 7.05 -9.95
CA LYS A 108 60.50 6.95 -11.28
C LYS A 108 59.01 6.98 -11.19
N ALA A 109 58.44 6.28 -10.22
CA ALA A 109 56.98 6.23 -10.09
C ALA A 109 56.36 7.62 -9.89
N VAL A 110 56.99 8.45 -9.07
CA VAL A 110 56.50 9.79 -8.87
C VAL A 110 56.69 10.56 -10.17
N GLU A 111 57.86 10.42 -10.78
CA GLU A 111 58.16 11.11 -12.02
C GLU A 111 57.11 10.77 -13.08
N LEU A 112 56.78 9.49 -13.20
CA LEU A 112 55.81 9.09 -14.18
C LEU A 112 54.46 9.69 -13.89
N LEU A 113 54.07 9.62 -12.62
CA LEU A 113 52.75 10.12 -12.18
C LEU A 113 52.61 11.60 -12.49
N ALA A 114 53.70 12.34 -12.36
CA ALA A 114 53.68 13.75 -12.64
C ALA A 114 53.37 13.97 -14.10
N ASP A 115 54.17 13.33 -14.95
CA ASP A 115 54.05 13.43 -16.39
C ASP A 115 52.62 13.17 -16.87
N ILE A 116 51.98 12.15 -16.30
CA ILE A 116 50.62 11.78 -16.64
C ILE A 116 49.62 12.82 -16.16
N VAL A 117 49.80 13.32 -14.95
CA VAL A 117 48.84 14.26 -14.37
C VAL A 117 48.97 15.70 -14.85
N GLN A 118 50.02 16.00 -15.61
CA GLN A 118 50.27 17.37 -16.09
C GLN A 118 50.47 17.47 -17.59
N ASN A 119 51.49 16.80 -18.10
CA ASN A 119 51.82 16.87 -19.51
C ASN A 119 51.15 15.80 -20.40
N CYS A 120 49.85 15.64 -20.24
CA CYS A 120 49.10 14.64 -21.01
C CYS A 120 48.95 14.99 -22.49
N SER A 121 49.24 14.03 -23.37
CA SER A 121 49.13 14.26 -24.83
C SER A 121 47.84 13.78 -25.40
N LEU A 122 46.76 14.53 -25.21
CA LEU A 122 45.46 14.11 -25.77
C LEU A 122 45.50 14.31 -27.27
N GLU A 123 46.23 13.43 -27.95
CA GLU A 123 46.38 13.50 -29.39
C GLU A 123 45.13 13.09 -30.12
N ASP A 124 44.67 13.95 -31.03
CA ASP A 124 43.45 13.73 -31.82
C ASP A 124 43.17 12.31 -32.30
N SER A 125 44.19 11.65 -32.85
CA SER A 125 44.07 10.29 -33.32
C SER A 125 43.68 9.35 -32.18
N GLN A 126 44.22 9.59 -31.01
CA GLN A 126 43.91 8.75 -29.85
C GLN A 126 42.58 9.06 -29.22
N ILE A 127 42.17 10.33 -29.21
CA ILE A 127 40.89 10.63 -28.59
C ILE A 127 39.77 10.05 -29.42
N GLU A 128 40.06 9.90 -30.71
CA GLU A 128 39.10 9.31 -31.62
C GLU A 128 39.00 7.78 -31.45
N LYS A 129 40.10 7.10 -31.08
CA LYS A 129 40.00 5.65 -30.86
C LYS A 129 39.27 5.38 -29.54
N GLU A 130 39.37 6.33 -28.63
CA GLU A 130 38.77 6.12 -27.35
C GLU A 130 37.29 6.31 -27.35
N ARG A 131 36.77 7.06 -28.32
CA ARG A 131 35.34 7.17 -28.35
C ARG A 131 34.66 5.81 -28.68
N ASP A 132 35.25 5.06 -29.62
CA ASP A 132 34.75 3.71 -29.95
C ASP A 132 34.88 2.78 -28.76
N VAL A 133 36.00 2.87 -28.04
CA VAL A 133 36.27 2.02 -26.85
C VAL A 133 35.28 2.32 -25.74
N ILE A 134 35.07 3.62 -25.46
CA ILE A 134 34.11 4.01 -24.39
C ILE A 134 32.68 3.55 -24.72
N LEU A 135 32.24 3.77 -25.98
CA LEU A 135 30.87 3.32 -26.37
C LEU A 135 30.66 1.80 -26.14
N GLN A 136 31.71 1.01 -26.39
CA GLN A 136 31.60 -0.41 -26.16
C GLN A 136 31.48 -0.66 -24.68
N GLU A 137 32.28 0.05 -23.88
CA GLU A 137 32.19 -0.10 -22.42
C GLU A 137 30.77 0.26 -21.91
N LEU A 138 30.12 1.21 -22.58
CA LEU A 138 28.78 1.57 -22.18
C LEU A 138 27.87 0.39 -22.49
N GLN A 139 28.13 -0.28 -23.63
CA GLN A 139 27.29 -1.43 -24.05
C GLN A 139 27.50 -2.55 -23.09
N GLU A 140 28.74 -2.72 -22.67
CA GLU A 140 29.06 -3.73 -21.71
C GLU A 140 28.39 -3.46 -20.37
N ASN A 141 28.58 -2.24 -19.83
CA ASN A 141 28.01 -1.91 -18.51
C ASN A 141 26.46 -2.15 -18.49
N ASP A 142 25.78 -1.97 -19.62
CA ASP A 142 24.34 -2.23 -19.70
C ASP A 142 23.99 -3.67 -19.33
N THR A 143 24.89 -4.61 -19.56
CA THR A 143 24.58 -5.96 -19.16
C THR A 143 24.79 -6.20 -17.69
N SER A 144 25.40 -5.26 -16.99
CA SER A 144 25.55 -5.45 -15.56
C SER A 144 24.32 -4.89 -14.77
N MET A 145 23.31 -5.71 -14.53
CA MET A 145 22.12 -5.21 -13.82
C MET A 145 22.47 -4.38 -12.60
N ARG A 146 23.44 -4.83 -11.82
CA ARG A 146 23.84 -4.09 -10.63
C ARG A 146 24.37 -2.65 -10.91
N ASP A 147 25.28 -2.51 -11.87
CA ASP A 147 25.76 -1.16 -12.15
C ASP A 147 24.63 -0.26 -12.59
N VAL A 148 23.72 -0.81 -13.41
CA VAL A 148 22.59 -0.08 -13.90
C VAL A 148 21.74 0.40 -12.73
N VAL A 149 21.35 -0.50 -11.83
CA VAL A 149 20.46 -0.07 -10.74
C VAL A 149 21.03 1.06 -9.91
N PHE A 150 22.32 1.00 -9.62
CA PHE A 150 22.92 2.07 -8.86
C PHE A 150 22.95 3.40 -9.64
N ASN A 151 23.07 3.33 -10.97
CA ASN A 151 23.02 4.54 -11.77
C ASN A 151 21.59 5.04 -11.77
N TYR A 152 20.63 4.11 -11.88
CA TYR A 152 19.21 4.52 -11.85
C TYR A 152 18.93 5.19 -10.53
N LEU A 153 19.34 4.55 -9.44
CA LEU A 153 19.17 5.08 -8.10
C LEU A 153 19.71 6.49 -7.99
N HIS A 154 20.92 6.70 -8.48
CA HIS A 154 21.51 8.00 -8.43
C HIS A 154 20.70 8.95 -9.24
N ALA A 155 20.33 8.54 -10.44
CA ALA A 155 19.58 9.39 -11.30
C ALA A 155 18.22 9.80 -10.74
N THR A 156 17.60 8.99 -9.90
CA THR A 156 16.30 9.39 -9.39
C THR A 156 16.37 10.16 -8.10
N ALA A 157 17.23 9.72 -7.18
CA ALA A 157 17.43 10.38 -5.91
C ALA A 157 17.92 11.81 -6.10
N PHE A 158 18.87 11.99 -7.01
CA PHE A 158 19.46 13.28 -7.27
C PHE A 158 18.92 13.95 -8.57
N GLN A 159 17.69 13.58 -8.92
CA GLN A 159 16.97 14.09 -10.09
C GLN A 159 17.51 15.16 -10.97
N GLY A 160 17.57 16.37 -10.48
CA GLY A 160 18.02 17.46 -11.34
C GLY A 160 19.30 18.11 -10.88
N THR A 161 20.12 17.36 -10.15
CA THR A 161 21.38 17.88 -9.65
C THR A 161 22.53 17.20 -10.40
N PRO A 162 23.76 17.70 -10.27
CA PRO A 162 24.88 17.10 -10.99
C PRO A 162 25.20 15.72 -10.51
N LEU A 163 24.64 15.37 -9.37
CA LEU A 163 24.90 14.08 -8.76
C LEU A 163 24.08 13.02 -9.40
N ALA A 164 23.08 13.41 -10.21
CA ALA A 164 22.24 12.44 -10.87
C ALA A 164 22.94 11.82 -12.02
N GLN A 165 24.02 12.40 -12.45
CA GLN A 165 24.70 11.88 -13.59
C GLN A 165 25.60 10.68 -13.27
N SER A 166 25.97 9.97 -14.31
CA SER A 166 26.86 8.85 -14.19
C SER A 166 28.28 9.35 -14.46
N VAL A 167 29.26 8.51 -14.20
CA VAL A 167 30.62 8.89 -14.42
C VAL A 167 30.95 8.91 -15.89
N GLU A 168 30.50 7.88 -16.60
CA GLU A 168 30.85 7.71 -18.02
C GLU A 168 30.15 8.65 -18.96
N GLY A 169 29.02 9.19 -18.54
CA GLY A 169 28.31 10.15 -19.37
C GLY A 169 27.41 9.46 -20.36
N PRO A 170 26.55 10.23 -21.00
CA PRO A 170 25.60 9.70 -21.99
C PRO A 170 26.31 9.40 -23.25
N SER A 171 25.84 8.41 -23.98
CA SER A 171 26.46 8.04 -25.22
C SER A 171 26.64 9.24 -26.16
N GLU A 172 25.64 10.12 -26.28
CA GLU A 172 25.78 11.33 -27.20
C GLU A 172 26.95 12.24 -26.82
N ASN A 173 27.26 12.32 -25.53
CA ASN A 173 28.40 13.09 -25.09
C ASN A 173 29.71 12.42 -25.46
N VAL A 174 29.72 11.08 -25.43
CA VAL A 174 30.93 10.35 -25.75
C VAL A 174 31.34 10.55 -27.20
N ARG A 175 30.37 10.69 -28.08
CA ARG A 175 30.72 10.86 -29.45
C ARG A 175 30.92 12.26 -29.87
N LYS A 176 30.57 13.23 -29.02
CA LYS A 176 30.76 14.65 -29.44
C LYS A 176 31.83 15.41 -28.66
N LEU A 177 32.25 14.86 -27.51
CA LEU A 177 33.27 15.52 -26.72
C LEU A 177 34.53 15.78 -27.56
N SER A 178 34.98 17.02 -27.53
CA SER A 178 36.14 17.44 -28.33
C SER A 178 37.40 17.50 -27.51
N ARG A 179 38.52 17.77 -28.19
CA ARG A 179 39.78 17.91 -27.49
C ARG A 179 39.71 19.14 -26.58
N ALA A 180 39.13 20.22 -27.10
CA ALA A 180 38.95 21.45 -26.35
C ALA A 180 38.15 21.21 -25.06
N ASP A 181 37.07 20.42 -25.16
CA ASP A 181 36.27 20.12 -23.99
C ASP A 181 37.14 19.48 -22.91
N LEU A 182 37.95 18.52 -23.31
CA LEU A 182 38.80 17.80 -22.38
C LEU A 182 39.90 18.69 -21.80
N THR A 183 40.54 19.49 -22.65
CA THR A 183 41.61 20.38 -22.21
C THR A 183 41.12 21.41 -21.16
N GLU A 184 39.92 21.96 -21.38
CA GLU A 184 39.35 22.92 -20.44
C GLU A 184 39.04 22.25 -19.08
N TYR A 185 38.42 21.07 -19.12
CA TYR A 185 38.11 20.32 -17.88
C TYR A 185 39.39 19.99 -17.09
N LEU A 186 40.47 19.68 -17.80
CA LEU A 186 41.74 19.41 -17.17
C LEU A 186 42.23 20.70 -16.49
N SER A 187 42.19 21.81 -17.24
CA SER A 187 42.64 23.09 -16.74
C SER A 187 41.86 23.51 -15.51
N ARG A 188 40.55 23.36 -15.55
CA ARG A 188 39.71 23.76 -14.45
C ARG A 188 39.90 22.94 -13.19
N HIS A 189 40.10 21.64 -13.35
CA HIS A 189 40.16 20.75 -12.20
C HIS A 189 41.50 20.17 -11.77
N TYR A 190 42.37 19.86 -12.72
CA TYR A 190 43.68 19.28 -12.36
C TYR A 190 44.63 20.32 -11.86
N LYS A 191 44.28 20.98 -10.76
CA LYS A 191 45.15 21.97 -10.17
C LYS A 191 45.45 21.76 -8.69
N ALA A 192 46.74 21.83 -8.38
CA ALA A 192 47.31 21.58 -7.05
C ALA A 192 46.50 21.51 -5.75
N PRO A 193 45.79 22.59 -5.35
CA PRO A 193 45.01 22.52 -4.11
C PRO A 193 43.87 21.51 -4.16
N ARG A 194 43.72 20.84 -5.29
CA ARG A 194 42.67 19.88 -5.44
C ARG A 194 43.26 18.50 -5.66
N MET A 195 44.59 18.42 -5.58
CA MET A 195 45.23 17.13 -5.66
C MET A 195 46.13 16.82 -4.48
N VAL A 196 46.29 15.52 -4.21
CA VAL A 196 47.11 15.03 -3.10
C VAL A 196 47.97 13.87 -3.56
N LEU A 197 49.29 14.02 -3.51
CA LEU A 197 50.17 12.93 -3.87
C LEU A 197 50.26 12.07 -2.63
N ALA A 198 49.80 10.83 -2.72
CA ALA A 198 49.85 9.95 -1.56
C ALA A 198 50.73 8.74 -1.81
N ALA A 199 51.31 8.18 -0.73
CA ALA A 199 52.14 6.98 -0.85
C ALA A 199 52.11 6.15 0.42
N ALA A 200 52.54 4.88 0.33
CA ALA A 200 52.57 3.97 1.52
C ALA A 200 53.50 2.78 1.30
N GLY A 201 54.37 2.53 2.26
CA GLY A 201 55.28 1.41 2.17
C GLY A 201 56.69 1.73 2.64
N GLY A 202 57.68 1.22 1.90
CA GLY A 202 59.08 1.45 2.21
C GLY A 202 59.57 2.75 1.62
N LEU A 203 59.14 3.86 2.21
CA LEU A 203 59.55 5.20 1.76
C LEU A 203 59.79 6.07 2.98
N GLU A 204 60.69 7.01 2.90
CA GLU A 204 60.79 7.99 3.99
C GLU A 204 60.06 9.26 3.48
N HIS A 205 59.23 9.86 4.33
CA HIS A 205 58.45 11.05 3.93
C HIS A 205 59.26 12.16 3.18
N ARG A 206 60.54 12.32 3.54
CA ARG A 206 61.43 13.29 2.87
C ARG A 206 61.60 12.97 1.37
N GLN A 207 61.69 11.68 1.04
CA GLN A 207 61.81 11.24 -0.35
C GLN A 207 60.59 11.78 -1.08
N LEU A 208 59.40 11.45 -0.55
CA LEU A 208 58.16 11.92 -1.13
C LEU A 208 58.16 13.43 -1.33
N LEU A 209 58.60 14.18 -0.32
CA LEU A 209 58.64 15.61 -0.41
C LEU A 209 59.56 16.05 -1.52
N ASP A 210 60.81 15.58 -1.48
CA ASP A 210 61.80 15.91 -2.50
C ASP A 210 61.20 15.64 -3.87
N LEU A 211 60.67 14.43 -4.04
CA LEU A 211 60.08 14.07 -5.32
C LEU A 211 58.91 14.96 -5.71
N ALA A 212 58.12 15.38 -4.72
CA ALA A 212 56.98 16.25 -5.00
C ALA A 212 57.43 17.67 -5.42
N GLN A 213 58.51 18.17 -4.83
CA GLN A 213 59.01 19.48 -5.22
C GLN A 213 59.70 19.39 -6.57
N LYS A 214 60.39 18.29 -6.79
CA LYS A 214 61.12 18.11 -8.01
C LYS A 214 60.20 17.98 -9.21
N HIS A 215 59.18 17.14 -9.11
CA HIS A 215 58.31 16.88 -10.26
C HIS A 215 56.91 17.49 -10.31
N PHE A 216 56.48 18.12 -9.22
CA PHE A 216 55.15 18.75 -9.23
C PHE A 216 55.22 20.28 -9.12
N SER A 217 56.42 20.80 -8.92
CA SER A 217 56.60 22.23 -8.89
C SER A 217 56.31 22.66 -10.28
N GLY A 218 55.25 23.45 -10.44
CA GLY A 218 54.89 23.90 -11.77
C GLY A 218 53.38 23.90 -12.00
N LEU A 219 52.62 23.63 -10.95
CA LEU A 219 51.18 23.71 -11.01
C LEU A 219 50.76 25.03 -10.38
N SER A 220 49.57 25.06 -9.76
CA SER A 220 48.97 26.27 -9.12
C SER A 220 49.75 27.58 -8.75
N GLY A 221 51.05 27.49 -8.48
CA GLY A 221 51.87 28.66 -8.17
C GLY A 221 51.39 29.90 -8.92
N THR A 222 51.73 29.99 -10.21
CA THR A 222 51.27 31.10 -11.03
C THR A 222 50.00 30.60 -11.74
N TYR A 223 48.89 30.59 -11.02
CA TYR A 223 47.63 30.04 -11.53
C TYR A 223 46.45 30.63 -10.72
N ASP A 224 45.69 29.72 -10.08
CA ASP A 224 44.47 30.04 -9.34
C ASP A 224 43.62 31.25 -9.77
N GLU A 225 43.32 32.16 -8.83
CA GLU A 225 42.51 33.35 -9.11
C GLU A 225 41.09 33.03 -9.59
N ASP A 226 40.48 33.90 -10.39
CA ASP A 226 39.10 33.68 -10.81
C ASP A 226 38.90 32.54 -11.81
N ALA A 227 37.79 31.80 -11.60
CA ALA A 227 37.34 30.61 -12.37
C ALA A 227 37.40 29.36 -11.52
N VAL A 228 37.52 29.54 -10.19
CA VAL A 228 37.56 28.39 -9.24
C VAL A 228 36.31 28.35 -8.37
N PRO A 229 35.28 27.63 -8.82
CA PRO A 229 34.04 27.53 -8.07
C PRO A 229 34.02 26.37 -7.10
N THR A 230 33.08 26.41 -6.17
CA THR A 230 32.93 25.37 -5.17
C THR A 230 31.86 24.38 -5.67
N LEU A 231 31.38 23.53 -4.79
CA LEU A 231 30.36 22.56 -5.12
C LEU A 231 29.04 22.95 -4.49
N SER A 232 27.99 22.97 -5.28
CA SER A 232 26.67 23.30 -4.79
C SER A 232 26.08 22.04 -4.21
N PRO A 233 25.24 22.16 -3.18
CA PRO A 233 24.57 20.98 -2.60
C PRO A 233 23.66 20.32 -3.64
N CYS A 234 23.30 19.07 -3.42
CA CYS A 234 22.42 18.40 -4.34
C CYS A 234 21.18 17.96 -3.64
N ARG A 235 20.05 18.45 -4.07
CA ARG A 235 18.80 18.08 -3.48
C ARG A 235 18.56 16.62 -3.63
N PHE A 236 18.18 15.97 -2.53
CA PHE A 236 17.76 14.55 -2.59
C PHE A 236 16.27 14.63 -2.83
N THR A 237 15.74 13.74 -3.65
CA THR A 237 14.33 13.82 -3.94
C THR A 237 13.54 12.69 -3.35
N GLY A 238 13.79 11.48 -3.74
CA GLY A 238 13.03 10.44 -3.11
C GLY A 238 11.87 10.21 -3.97
N SER A 239 11.97 9.15 -4.74
CA SER A 239 11.05 8.86 -5.76
C SER A 239 11.33 7.44 -6.15
N GLN A 240 11.02 7.11 -7.39
CA GLN A 240 11.18 5.74 -7.85
C GLN A 240 11.32 5.67 -9.35
N ILE A 241 12.18 4.76 -9.81
CA ILE A 241 12.31 4.50 -11.21
C ILE A 241 12.26 3.01 -11.39
N CYS A 242 11.34 2.54 -12.20
CA CYS A 242 11.22 1.10 -12.39
C CYS A 242 11.47 0.77 -13.83
N HIS A 243 12.38 -0.12 -14.11
CA HIS A 243 12.61 -0.47 -15.51
C HIS A 243 12.14 -1.89 -15.70
N ARG A 244 10.85 -2.05 -16.00
CA ARG A 244 10.28 -3.40 -16.13
C ARG A 244 10.88 -4.14 -17.33
N GLU A 245 11.38 -5.34 -17.11
CA GLU A 245 11.94 -6.14 -18.22
C GLU A 245 11.88 -7.58 -17.83
N ASP A 246 10.81 -8.28 -18.23
CA ASP A 246 10.61 -9.65 -17.88
C ASP A 246 11.54 -10.63 -18.58
N GLY A 247 12.33 -10.12 -19.50
CA GLY A 247 13.24 -10.99 -20.15
C GLY A 247 14.37 -11.36 -19.23
N LEU A 248 14.74 -10.52 -18.28
CA LEU A 248 15.87 -10.85 -17.42
C LEU A 248 15.33 -11.77 -16.34
N PRO A 249 16.12 -12.75 -15.91
CA PRO A 249 15.65 -13.74 -14.93
C PRO A 249 15.63 -13.36 -13.47
N LEU A 250 16.35 -12.32 -13.04
CA LEU A 250 16.31 -11.93 -11.55
C LEU A 250 16.19 -10.42 -11.39
N ALA A 251 15.35 -10.00 -10.46
CA ALA A 251 15.10 -8.60 -10.27
C ALA A 251 16.14 -7.98 -9.47
N HIS A 252 16.49 -6.78 -9.82
CA HIS A 252 17.42 -6.05 -9.01
C HIS A 252 16.64 -4.87 -8.45
N VAL A 253 16.88 -4.55 -7.18
CA VAL A 253 16.22 -3.43 -6.55
C VAL A 253 17.24 -2.73 -5.62
N ALA A 254 17.18 -1.39 -5.56
CA ALA A 254 18.06 -0.64 -4.71
C ALA A 254 17.22 0.46 -4.11
N ILE A 255 17.16 0.48 -2.77
CA ILE A 255 16.36 1.43 -2.04
C ILE A 255 17.23 2.15 -0.98
N ALA A 256 17.09 3.48 -0.88
CA ALA A 256 17.88 4.20 0.09
C ALA A 256 17.30 5.52 0.50
N VAL A 257 17.58 5.93 1.73
CA VAL A 257 17.15 7.25 2.20
C VAL A 257 18.38 8.13 2.05
N GLU A 258 18.20 9.43 2.22
CA GLU A 258 19.32 10.33 2.08
C GLU A 258 20.14 10.23 3.27
N GLY A 259 21.43 10.04 3.08
CA GLY A 259 22.34 9.99 4.23
C GLY A 259 23.07 11.30 4.32
N PRO A 260 23.86 11.50 5.35
CA PRO A 260 24.59 12.75 5.50
C PRO A 260 25.88 12.57 4.74
N GLY A 261 26.62 13.63 4.51
CA GLY A 261 27.90 13.50 3.80
C GLY A 261 29.08 12.85 4.55
N TRP A 262 30.27 12.94 3.96
CA TRP A 262 31.49 12.37 4.54
C TRP A 262 31.76 12.90 5.91
N ALA A 263 31.77 14.20 6.03
CA ALA A 263 32.13 14.86 7.28
C ALA A 263 31.38 14.42 8.54
N HIS A 264 30.08 14.20 8.42
CA HIS A 264 29.19 13.94 9.56
C HIS A 264 29.62 12.80 10.44
N PRO A 265 29.67 13.07 11.74
CA PRO A 265 30.06 12.07 12.73
C PRO A 265 29.14 10.87 12.82
N ASP A 266 27.86 11.03 12.45
CA ASP A 266 26.98 9.90 12.57
C ASP A 266 27.02 8.77 11.55
N ASN A 267 28.09 8.74 10.75
CA ASN A 267 28.33 7.70 9.78
C ASN A 267 28.79 6.45 10.45
N VAL A 268 29.37 6.60 11.62
CA VAL A 268 29.85 5.45 12.34
C VAL A 268 28.67 4.63 12.83
N ALA A 269 27.70 5.28 13.46
CA ALA A 269 26.49 4.60 13.95
C ALA A 269 25.69 3.99 12.80
N LEU A 270 25.68 4.66 11.66
CA LEU A 270 24.96 4.13 10.52
C LEU A 270 25.61 2.87 10.05
N GLN A 271 26.95 2.84 10.09
CA GLN A 271 27.68 1.66 9.65
C GLN A 271 27.51 0.51 10.62
N VAL A 272 27.33 0.84 11.91
CA VAL A 272 27.13 -0.19 12.91
C VAL A 272 25.78 -0.81 12.61
N ALA A 273 24.77 0.03 12.44
CA ALA A 273 23.43 -0.44 12.12
C ALA A 273 23.43 -1.24 10.80
N ASN A 274 24.16 -0.78 9.82
CA ASN A 274 24.23 -1.51 8.57
C ASN A 274 24.92 -2.87 8.79
N ALA A 275 25.98 -2.89 9.59
CA ALA A 275 26.67 -4.14 9.82
C ALA A 275 25.71 -5.19 10.45
N ILE A 276 24.91 -4.77 11.41
CA ILE A 276 23.93 -5.67 12.04
C ILE A 276 23.05 -6.29 10.96
N ILE A 277 22.55 -5.47 10.03
CA ILE A 277 21.73 -6.03 8.97
C ILE A 277 22.63 -6.86 8.07
N GLY A 278 23.87 -6.42 7.91
CA GLY A 278 24.88 -7.15 7.13
C GLY A 278 24.65 -7.38 5.64
N HIS A 279 25.09 -8.53 5.18
CA HIS A 279 24.94 -8.89 3.79
C HIS A 279 24.76 -10.38 3.65
N TYR A 280 24.23 -10.78 2.53
CA TYR A 280 24.03 -12.17 2.28
C TYR A 280 24.23 -12.44 0.82
N ASP A 281 24.49 -13.71 0.52
CA ASP A 281 24.71 -14.16 -0.84
C ASP A 281 24.43 -15.68 -0.81
N CYS A 282 24.01 -16.26 -1.91
CA CYS A 282 23.66 -17.68 -1.88
C CYS A 282 24.80 -18.65 -1.75
N THR A 283 26.05 -18.19 -1.57
CA THR A 283 27.20 -19.13 -1.35
C THR A 283 27.77 -18.99 0.06
N TYR A 284 27.11 -18.25 0.95
CA TYR A 284 27.62 -18.14 2.32
C TYR A 284 27.34 -19.44 2.94
N GLY A 285 28.24 -19.93 3.76
CA GLY A 285 27.95 -21.16 4.48
C GLY A 285 27.15 -20.63 5.64
N GLY A 286 26.50 -21.51 6.39
CA GLY A 286 25.70 -21.07 7.53
C GLY A 286 24.51 -20.29 6.99
N GLY A 287 23.34 -20.86 7.10
CA GLY A 287 22.20 -20.19 6.53
C GLY A 287 21.35 -19.73 7.63
N ALA A 288 20.50 -20.66 8.10
CA ALA A 288 19.54 -20.39 9.12
C ALA A 288 20.13 -19.83 10.37
N HIS A 289 21.39 -20.18 10.67
CA HIS A 289 21.99 -19.71 11.91
C HIS A 289 22.66 -18.35 11.88
N LEU A 290 22.72 -17.69 10.72
CA LEU A 290 23.36 -16.36 10.64
C LEU A 290 22.72 -15.38 11.66
N SER A 291 23.52 -14.51 12.26
CA SER A 291 23.00 -13.55 13.25
C SER A 291 21.94 -12.62 12.64
N SER A 292 22.27 -11.96 11.55
CA SER A 292 21.38 -11.00 10.98
C SER A 292 20.05 -11.62 10.66
N PRO A 293 18.99 -11.12 11.26
CA PRO A 293 17.64 -11.65 10.99
C PRO A 293 17.28 -11.63 9.49
N LEU A 294 17.65 -10.57 8.77
CA LEU A 294 17.32 -10.51 7.33
C LEU A 294 18.04 -11.65 6.63
N ALA A 295 19.33 -11.78 6.90
CA ALA A 295 20.12 -12.81 6.32
C ALA A 295 19.51 -14.15 6.59
N SER A 296 19.24 -14.39 7.86
CA SER A 296 18.66 -15.64 8.28
C SER A 296 17.33 -15.95 7.59
N ILE A 297 16.40 -15.00 7.64
CA ILE A 297 15.12 -15.27 7.04
C ILE A 297 15.23 -15.38 5.53
N ALA A 298 16.27 -14.74 4.96
CA ALA A 298 16.45 -14.81 3.52
C ALA A 298 16.95 -16.14 3.14
N ALA A 299 17.88 -16.69 3.90
CA ALA A 299 18.45 -17.96 3.53
C ALA A 299 17.47 -19.10 3.73
N THR A 300 16.74 -19.10 4.85
CA THR A 300 15.81 -20.21 5.13
C THR A 300 14.66 -20.26 4.21
N ASN A 301 13.95 -19.13 4.05
CA ASN A 301 12.83 -19.10 3.11
C ASN A 301 13.27 -18.85 1.66
N LYS A 302 14.59 -18.72 1.43
CA LYS A 302 15.14 -18.46 0.08
C LYS A 302 14.44 -17.34 -0.52
N LEU A 303 14.52 -16.16 0.11
CA LEU A 303 13.81 -14.95 -0.41
C LEU A 303 14.68 -14.09 -1.26
N CYS A 304 15.86 -14.59 -1.63
CA CYS A 304 16.78 -13.79 -2.38
C CYS A 304 18.00 -14.55 -2.81
N GLN A 305 18.81 -13.94 -3.62
CA GLN A 305 20.00 -14.61 -4.10
C GLN A 305 21.19 -13.93 -3.47
N SER A 306 21.00 -12.66 -3.12
CA SER A 306 22.04 -11.87 -2.51
C SER A 306 21.39 -10.57 -2.08
N PHE A 307 21.99 -9.91 -1.10
CA PHE A 307 21.55 -8.55 -0.67
C PHE A 307 22.74 -7.89 0.04
N GLN A 308 22.77 -6.58 0.03
CA GLN A 308 23.86 -5.90 0.70
C GLN A 308 23.42 -4.55 1.12
N THR A 309 23.75 -4.16 2.36
CA THR A 309 23.44 -2.81 2.80
C THR A 309 24.60 -1.94 2.39
N PHE A 310 24.34 -0.63 2.21
CA PHE A 310 25.39 0.32 1.85
C PHE A 310 25.14 1.66 2.49
N ASN A 311 26.20 2.46 2.59
CA ASN A 311 26.18 3.81 3.14
C ASN A 311 27.12 4.61 2.24
N ILE A 312 26.62 5.08 1.11
CA ILE A 312 27.46 5.81 0.17
C ILE A 312 27.55 7.26 0.61
N CYS A 313 28.75 7.84 0.53
CA CYS A 313 28.97 9.24 0.96
C CYS A 313 29.45 10.18 -0.12
N TYR A 314 28.87 11.37 -0.17
CA TYR A 314 29.30 12.45 -1.09
C TYR A 314 29.44 13.74 -0.21
N ALA A 315 29.81 14.87 -0.80
CA ALA A 315 30.00 16.11 -0.04
C ALA A 315 29.08 16.32 1.19
N ASP A 316 27.83 16.68 0.98
CA ASP A 316 26.95 16.88 2.13
C ASP A 316 25.69 16.06 2.07
N THR A 317 25.75 14.94 1.39
CA THR A 317 24.60 14.10 1.23
C THR A 317 25.08 12.64 1.03
N GLY A 318 24.14 11.72 0.82
CA GLY A 318 24.51 10.34 0.58
C GLY A 318 23.30 9.41 0.39
N LEU A 319 23.55 8.19 -0.06
CA LEU A 319 22.50 7.21 -0.21
C LEU A 319 22.73 6.13 0.87
N LEU A 320 21.74 5.93 1.73
CA LEU A 320 21.89 4.95 2.79
C LEU A 320 20.80 4.00 2.64
N GLY A 321 21.12 2.72 2.56
CA GLY A 321 20.10 1.70 2.39
C GLY A 321 20.65 0.37 1.93
N ALA A 322 19.88 -0.39 1.16
CA ALA A 322 20.32 -1.71 0.74
C ALA A 322 19.96 -2.01 -0.71
N HIS A 323 20.51 -3.10 -1.22
CA HIS A 323 20.30 -3.54 -2.62
C HIS A 323 20.15 -5.01 -2.56
N PHE A 324 19.32 -5.60 -3.44
CA PHE A 324 19.15 -7.08 -3.42
C PHE A 324 18.81 -7.60 -4.71
N VAL A 325 18.86 -8.92 -4.83
CA VAL A 325 18.65 -9.59 -6.14
C VAL A 325 17.83 -10.80 -5.91
N CYS A 326 16.75 -10.98 -6.64
CA CYS A 326 15.90 -12.17 -6.35
C CYS A 326 14.87 -12.51 -7.41
N ASP A 327 14.28 -13.68 -7.23
CA ASP A 327 13.30 -14.22 -8.15
C ASP A 327 12.14 -13.29 -8.18
N HIS A 328 11.41 -13.23 -9.30
CA HIS A 328 10.24 -12.37 -9.42
C HIS A 328 9.23 -12.44 -8.33
N MET A 329 8.95 -13.64 -7.77
CA MET A 329 7.98 -13.71 -6.66
C MET A 329 8.53 -13.46 -5.27
N SER A 330 9.72 -12.89 -5.13
CA SER A 330 10.19 -12.62 -3.76
C SER A 330 10.48 -11.21 -3.47
N ILE A 331 10.21 -10.32 -4.42
CA ILE A 331 10.50 -8.90 -4.24
C ILE A 331 9.75 -8.33 -3.10
N ASP A 332 8.48 -8.69 -2.96
CA ASP A 332 7.63 -8.16 -1.83
C ASP A 332 8.15 -8.66 -0.45
N ASP A 333 8.20 -9.96 -0.25
CA ASP A 333 8.65 -10.47 1.07
C ASP A 333 10.01 -9.88 1.38
N MET A 334 10.89 -9.82 0.37
CA MET A 334 12.26 -9.34 0.59
C MET A 334 12.22 -7.92 1.09
N MET A 335 11.37 -7.09 0.46
CA MET A 335 11.26 -5.72 0.91
C MET A 335 10.71 -5.67 2.33
N PHE A 336 9.65 -6.43 2.56
CA PHE A 336 8.99 -6.38 3.83
C PHE A 336 9.95 -6.65 4.95
N VAL A 337 10.84 -7.62 4.73
CA VAL A 337 11.80 -7.99 5.72
C VAL A 337 12.86 -6.95 5.85
N LEU A 338 13.27 -6.40 4.71
CA LEU A 338 14.31 -5.39 4.72
C LEU A 338 13.87 -4.25 5.63
N GLN A 339 12.72 -3.66 5.27
CA GLN A 339 12.15 -2.53 6.01
C GLN A 339 11.87 -2.88 7.44
N GLY A 340 11.59 -4.15 7.69
CA GLY A 340 11.29 -4.61 9.01
C GLY A 340 12.46 -4.36 9.89
N GLN A 341 13.65 -4.64 9.38
CA GLN A 341 14.85 -4.44 10.15
C GLN A 341 15.16 -2.94 10.41
N TRP A 342 15.04 -2.09 9.41
CA TRP A 342 15.29 -0.67 9.65
C TRP A 342 14.48 -0.15 10.86
N MET A 343 13.17 -0.39 10.85
CA MET A 343 12.32 0.11 11.95
C MET A 343 12.65 -0.53 13.26
N ARG A 344 12.88 -1.85 13.24
CA ARG A 344 13.22 -2.53 14.44
C ARG A 344 14.41 -1.81 15.03
N LEU A 345 15.42 -1.55 14.19
CA LEU A 345 16.59 -0.84 14.63
C LEU A 345 16.27 0.58 15.03
N CYS A 346 15.34 1.23 14.31
CA CYS A 346 14.95 2.61 14.64
C CYS A 346 14.32 2.67 16.00
N THR A 347 13.53 1.65 16.32
CA THR A 347 12.80 1.65 17.56
C THR A 347 13.31 0.79 18.65
N SER A 348 13.58 -0.50 18.38
CA SER A 348 13.97 -1.43 19.47
C SER A 348 15.35 -2.10 19.44
N ALA A 349 16.33 -1.43 18.85
CA ALA A 349 17.69 -2.00 18.76
C ALA A 349 18.18 -2.45 20.13
N THR A 350 18.79 -3.62 20.20
CA THR A 350 19.27 -4.11 21.49
C THR A 350 20.78 -4.16 21.58
N GLU A 351 21.28 -4.11 22.80
CA GLU A 351 22.70 -4.05 23.08
C GLU A 351 23.64 -5.11 22.47
N SER A 352 23.27 -6.37 22.52
CA SER A 352 24.15 -7.40 22.00
C SER A 352 24.42 -7.19 20.51
N GLU A 353 23.37 -7.08 19.70
CA GLU A 353 23.57 -6.87 18.30
C GLU A 353 24.44 -5.61 18.03
N VAL A 354 24.31 -4.58 18.87
CA VAL A 354 25.11 -3.38 18.62
C VAL A 354 26.60 -3.68 18.81
N LEU A 355 26.90 -4.55 19.76
CA LEU A 355 28.27 -4.95 19.94
C LEU A 355 28.70 -5.75 18.70
N ARG A 356 27.82 -6.60 18.17
CA ARG A 356 28.18 -7.37 16.98
C ARG A 356 28.52 -6.40 15.85
N GLY A 357 27.67 -5.41 15.70
CA GLY A 357 27.92 -4.39 14.69
C GLY A 357 29.29 -3.75 14.94
N LYS A 358 29.51 -3.24 16.15
CA LYS A 358 30.75 -2.58 16.42
C LYS A 358 31.91 -3.47 16.07
N ASN A 359 31.82 -4.76 16.44
CA ASN A 359 32.89 -5.70 16.17
C ASN A 359 33.05 -5.99 14.66
N LEU A 360 31.93 -6.05 13.93
CA LEU A 360 31.99 -6.33 12.51
C LEU A 360 32.69 -5.18 11.86
N LEU A 361 32.48 -4.00 12.42
CA LEU A 361 33.08 -2.81 11.86
C LEU A 361 34.57 -2.68 12.20
N ARG A 362 34.96 -3.08 13.40
CA ARG A 362 36.38 -3.03 13.74
C ARG A 362 37.16 -3.96 12.81
N ASN A 363 36.60 -5.13 12.52
CA ASN A 363 37.24 -6.07 11.61
C ASN A 363 37.25 -5.55 10.17
N ALA A 364 36.15 -4.94 9.72
CA ALA A 364 36.12 -4.43 8.34
C ALA A 364 37.19 -3.39 8.15
N LEU A 365 37.31 -2.48 9.13
CA LEU A 365 38.28 -1.40 9.05
C LEU A 365 39.70 -1.91 8.98
N VAL A 366 40.08 -2.71 9.94
CA VAL A 366 41.42 -3.21 10.01
C VAL A 366 41.71 -4.17 8.85
N SER A 367 40.73 -4.99 8.49
CA SER A 367 40.95 -5.97 7.46
C SER A 367 41.16 -5.29 6.12
N HIS A 368 40.55 -4.13 5.97
CA HIS A 368 40.65 -3.42 4.73
C HIS A 368 41.97 -2.68 4.58
N LEU A 369 42.54 -2.20 5.68
CA LEU A 369 43.81 -1.47 5.56
C LEU A 369 44.97 -2.42 5.64
N ASP A 370 45.00 -3.37 4.72
CA ASP A 370 46.03 -4.36 4.70
C ASP A 370 46.68 -4.39 3.34
N GLY A 371 47.82 -3.73 3.24
CA GLY A 371 48.51 -3.65 1.97
C GLY A 371 48.73 -2.21 1.57
N THR A 372 49.89 -1.92 0.97
CA THR A 372 50.22 -0.54 0.53
C THR A 372 49.10 0.11 -0.33
N THR A 373 48.50 -0.65 -1.22
CA THR A 373 47.48 -0.09 -2.07
C THR A 373 46.25 0.49 -1.37
N PRO A 374 45.52 -0.32 -0.55
CA PRO A 374 44.37 0.23 0.16
C PRO A 374 44.76 1.35 1.08
N VAL A 375 45.91 1.24 1.74
CA VAL A 375 46.34 2.29 2.64
C VAL A 375 46.62 3.56 1.89
N CYS A 376 47.31 3.45 0.76
CA CYS A 376 47.62 4.61 -0.05
C CYS A 376 46.37 5.27 -0.47
N GLU A 377 45.43 4.46 -0.90
CA GLU A 377 44.16 4.97 -1.36
C GLU A 377 43.47 5.69 -0.26
N ASP A 378 43.58 5.14 0.93
CA ASP A 378 42.97 5.73 2.07
C ASP A 378 43.53 7.08 2.45
N ILE A 379 44.84 7.28 2.26
CA ILE A 379 45.48 8.56 2.61
C ILE A 379 45.01 9.62 1.69
N GLY A 380 45.10 9.34 0.40
CA GLY A 380 44.65 10.26 -0.61
C GLY A 380 43.19 10.67 -0.46
N ARG A 381 42.29 9.69 -0.32
CA ARG A 381 40.88 10.01 -0.18
C ARG A 381 40.62 10.82 1.03
N SER A 382 41.14 10.38 2.15
CA SER A 382 40.88 11.06 3.39
C SER A 382 41.21 12.51 3.35
N LEU A 383 42.39 12.85 2.85
CA LEU A 383 42.78 14.23 2.78
C LEU A 383 41.87 15.08 1.89
N LEU A 384 41.24 14.46 0.93
CA LEU A 384 40.34 15.17 0.09
C LEU A 384 39.01 15.45 0.79
N THR A 385 38.56 14.49 1.60
CA THR A 385 37.29 14.60 2.27
C THR A 385 37.35 15.06 3.74
N TYR A 386 38.37 14.62 4.47
CA TYR A 386 38.48 14.93 5.91
C TYR A 386 39.49 16.02 6.20
N GLY A 387 40.40 16.25 5.27
CA GLY A 387 41.43 17.24 5.48
C GLY A 387 42.50 16.72 6.42
N ARG A 388 42.25 15.54 6.99
CA ARG A 388 43.18 14.86 7.89
C ARG A 388 43.21 13.41 7.48
N ARG A 389 43.99 12.66 8.22
CA ARG A 389 44.05 11.23 8.08
C ARG A 389 43.52 10.83 9.43
N ILE A 390 42.46 10.05 9.46
CA ILE A 390 41.92 9.67 10.74
C ILE A 390 42.53 8.38 11.23
N PRO A 391 43.32 8.47 12.30
CA PRO A 391 44.05 7.33 12.82
C PRO A 391 43.11 6.31 13.33
N LEU A 392 43.45 5.04 13.13
CA LEU A 392 42.65 3.92 13.60
C LEU A 392 42.19 4.08 15.05
N ALA A 393 43.06 4.61 15.91
CA ALA A 393 42.68 4.80 17.29
C ALA A 393 41.45 5.69 17.43
N GLU A 394 41.34 6.72 16.58
CA GLU A 394 40.16 7.61 16.62
C GLU A 394 38.91 6.90 16.16
N TRP A 395 39.00 6.19 15.03
CA TRP A 395 37.84 5.47 14.53
C TRP A 395 37.42 4.47 15.61
N GLU A 396 38.41 3.91 16.34
CA GLU A 396 38.07 2.96 17.38
C GLU A 396 37.28 3.63 18.46
N SER A 397 37.71 4.81 18.87
CA SER A 397 37.01 5.56 19.87
C SER A 397 35.62 5.89 19.38
N ARG A 398 35.51 6.27 18.11
CA ARG A 398 34.20 6.59 17.58
C ARG A 398 33.30 5.37 17.52
N ILE A 399 33.86 4.21 17.24
CA ILE A 399 33.06 3.03 17.22
C ILE A 399 32.67 2.67 18.66
N ALA A 400 33.65 2.67 19.55
CA ALA A 400 33.42 2.32 20.95
C ALA A 400 32.26 3.03 21.59
N GLU A 401 32.09 4.32 21.28
CA GLU A 401 31.01 5.14 21.86
C GLU A 401 29.61 4.78 21.46
N VAL A 402 29.45 4.04 20.39
CA VAL A 402 28.12 3.67 19.91
C VAL A 402 27.49 2.59 20.78
N ASP A 403 26.33 2.86 21.36
CA ASP A 403 25.60 1.81 22.07
C ASP A 403 24.19 1.69 21.41
N ALA A 404 23.31 0.89 21.99
CA ALA A 404 21.96 0.73 21.40
C ALA A 404 21.24 2.04 21.25
N ARG A 405 21.28 2.87 22.30
CA ARG A 405 20.59 4.13 22.27
C ARG A 405 21.03 4.94 21.07
N VAL A 406 22.33 4.93 20.78
CA VAL A 406 22.79 5.69 19.64
C VAL A 406 22.20 5.10 18.37
N VAL A 407 22.31 3.78 18.23
CA VAL A 407 21.80 3.13 17.04
C VAL A 407 20.34 3.50 16.78
N ARG A 408 19.48 3.37 17.80
CA ARG A 408 18.08 3.67 17.57
C ARG A 408 17.79 5.11 17.48
N GLU A 409 18.76 5.93 17.80
CA GLU A 409 18.54 7.37 17.69
C GLU A 409 19.01 7.82 16.32
N VAL A 410 20.18 7.32 15.91
CA VAL A 410 20.75 7.68 14.62
C VAL A 410 20.01 7.05 13.46
N CYS A 411 19.53 5.82 13.62
CA CYS A 411 18.73 5.20 12.53
C CYS A 411 17.42 5.98 12.36
N SER A 412 16.77 6.32 13.49
CA SER A 412 15.52 7.06 13.46
C SER A 412 15.64 8.33 12.68
N LYS A 413 16.68 9.10 12.96
CA LYS A 413 16.93 10.35 12.29
C LYS A 413 16.98 10.20 10.73
N TYR A 414 17.56 9.12 10.22
CA TYR A 414 17.71 8.97 8.79
C TYR A 414 16.70 8.07 8.14
N PHE A 415 16.21 7.09 8.89
CA PHE A 415 15.27 6.12 8.33
C PHE A 415 13.83 6.44 8.71
N TYR A 416 13.52 6.48 10.01
CA TYR A 416 12.12 6.72 10.43
C TYR A 416 11.33 7.76 9.69
N ASP A 417 10.30 7.28 8.98
CA ASP A 417 9.35 8.11 8.26
C ASP A 417 10.01 9.07 7.34
N GLN A 418 10.83 8.56 6.45
CA GLN A 418 11.45 9.39 5.43
C GLN A 418 11.15 8.75 4.06
N CYS A 419 11.16 9.55 3.03
CA CYS A 419 10.87 9.02 1.74
C CYS A 419 12.13 8.38 1.16
N PRO A 420 12.02 7.18 0.62
CA PRO A 420 13.16 6.54 0.01
C PRO A 420 13.26 6.85 -1.48
N ALA A 421 14.44 6.59 -2.05
CA ALA A 421 14.66 6.70 -3.48
C ALA A 421 14.69 5.25 -3.84
N VAL A 422 13.82 4.81 -4.74
CA VAL A 422 13.75 3.37 -5.08
C VAL A 422 14.15 3.20 -6.49
N ALA A 423 14.89 2.14 -6.80
CA ALA A 423 15.23 1.92 -8.22
C ALA A 423 15.11 0.46 -8.49
N GLY A 424 14.40 0.09 -9.56
CA GLY A 424 14.19 -1.32 -9.90
C GLY A 424 14.46 -1.66 -11.34
N PHE A 425 14.83 -2.91 -11.60
CA PHE A 425 15.18 -3.34 -12.97
C PHE A 425 14.93 -4.86 -12.99
N GLY A 426 14.51 -5.40 -14.14
CA GLY A 426 14.22 -6.83 -14.24
C GLY A 426 12.74 -7.18 -14.17
N PRO A 427 12.41 -8.35 -13.65
CA PRO A 427 11.00 -8.78 -13.50
C PRO A 427 10.42 -8.11 -12.31
N ILE A 428 9.99 -6.89 -12.40
CA ILE A 428 9.56 -6.21 -11.19
C ILE A 428 8.06 -6.04 -10.99
N GLU A 429 7.26 -6.91 -11.62
CA GLU A 429 5.81 -6.79 -11.48
C GLU A 429 5.43 -6.72 -10.01
N GLN A 430 6.05 -7.52 -9.18
CA GLN A 430 5.69 -7.39 -7.79
C GLN A 430 6.49 -6.42 -6.92
N LEU A 431 7.27 -5.54 -7.51
CA LEU A 431 7.90 -4.53 -6.67
C LEU A 431 6.71 -3.69 -6.09
N PRO A 432 6.69 -3.52 -4.81
CA PRO A 432 5.61 -2.79 -4.14
C PRO A 432 5.44 -1.40 -4.68
N ASP A 433 4.20 -0.91 -4.66
CA ASP A 433 3.88 0.46 -5.09
C ASP A 433 4.62 1.48 -4.19
N TYR A 434 4.97 2.63 -4.71
CA TYR A 434 5.73 3.57 -3.90
C TYR A 434 5.12 3.84 -2.57
N ASN A 435 3.82 4.12 -2.55
CA ASN A 435 3.15 4.40 -1.29
C ASN A 435 3.38 3.24 -0.30
N ARG A 436 3.33 2.02 -0.75
CA ARG A 436 3.49 0.98 0.18
C ARG A 436 4.86 0.90 0.72
N ILE A 437 5.84 1.19 -0.15
CA ILE A 437 7.22 1.24 0.29
C ILE A 437 7.35 2.42 1.25
N ARG A 438 6.64 3.49 0.95
CA ARG A 438 6.72 4.65 1.77
C ARG A 438 6.08 4.35 3.11
N SER A 439 5.03 3.53 3.10
CA SER A 439 4.28 3.28 4.33
C SER A 439 4.97 2.25 5.23
N GLY A 440 5.98 1.58 4.68
CA GLY A 440 6.77 0.64 5.43
C GLY A 440 7.98 1.34 6.06
N MET A 441 8.10 2.65 5.85
CA MET A 441 9.22 3.39 6.42
C MET A 441 8.87 3.91 7.81
N PHE A 442 7.65 3.65 8.26
CA PHE A 442 7.23 4.03 9.61
C PHE A 442 6.37 2.90 10.09
N TRP A 443 6.17 2.83 11.38
CA TRP A 443 5.26 1.83 11.87
C TRP A 443 4.23 2.20 12.90
N LEU A 444 3.02 1.71 12.70
CA LEU A 444 1.88 2.03 13.57
C LEU A 444 1.94 1.52 15.05
N ARG A 445 2.80 0.51 15.34
CA ARG A 445 3.00 -0.03 16.71
C ARG A 445 3.59 1.06 17.50
N PHE A 446 4.62 1.64 16.91
CA PHE A 446 5.37 2.67 17.51
C PHE A 446 4.59 3.87 17.33
N VAL B 17 58.26 6.91 11.47
CA VAL B 17 59.04 5.91 12.24
C VAL B 17 58.23 4.63 12.51
N PRO B 18 58.40 3.61 11.67
CA PRO B 18 57.70 2.34 11.86
C PRO B 18 58.48 1.51 12.84
N PRO B 19 57.84 0.60 13.57
CA PRO B 19 58.56 -0.21 14.55
C PRO B 19 59.50 -1.15 13.83
N HIS B 20 60.67 -1.41 14.41
CA HIS B 20 61.54 -2.42 13.82
C HIS B 20 60.74 -3.75 13.85
N PRO B 21 60.80 -4.50 12.75
CA PRO B 21 59.99 -5.74 12.59
C PRO B 21 60.21 -6.90 13.59
N GLN B 22 60.10 -8.12 13.07
CA GLN B 22 60.25 -9.35 13.84
C GLN B 22 60.51 -10.39 12.80
N ASP B 23 61.10 -11.53 13.17
CA ASP B 23 61.30 -12.56 12.16
C ASP B 23 60.28 -13.60 12.37
N LEU B 24 59.99 -14.36 11.32
CA LEU B 24 59.05 -15.44 11.40
C LEU B 24 59.73 -16.55 12.16
N GLU B 25 59.01 -17.20 13.08
CA GLU B 25 59.60 -18.34 13.80
C GLU B 25 59.02 -19.62 13.20
N PHE B 26 59.91 -20.58 12.92
CA PHE B 26 59.51 -21.82 12.28
C PHE B 26 59.95 -23.00 13.12
N THR B 27 59.13 -24.06 13.14
CA THR B 27 59.41 -25.25 13.95
C THR B 27 58.75 -26.53 13.39
N ARG B 28 59.55 -27.56 13.09
CA ARG B 28 58.98 -28.85 12.67
C ARG B 28 58.85 -29.66 13.90
N LEU B 29 57.65 -30.18 14.20
CA LEU B 29 57.56 -31.06 15.38
C LEU B 29 58.02 -32.43 14.90
N PRO B 30 58.42 -33.31 15.79
CA PRO B 30 58.91 -34.62 15.36
C PRO B 30 57.86 -35.46 14.64
N ASN B 31 56.56 -35.19 14.85
CA ASN B 31 55.51 -35.95 14.16
C ASN B 31 55.29 -35.46 12.78
N GLY B 32 56.12 -34.50 12.35
CA GLY B 32 56.03 -33.97 10.99
C GLY B 32 55.23 -32.68 10.79
N LEU B 33 54.43 -32.31 11.80
CA LEU B 33 53.64 -31.05 11.74
C LEU B 33 54.63 -29.94 11.73
N VAL B 34 54.29 -28.88 11.06
CA VAL B 34 55.14 -27.71 10.98
C VAL B 34 54.37 -26.56 11.63
N ILE B 35 55.05 -25.64 12.29
CA ILE B 35 54.38 -24.47 12.87
C ILE B 35 55.13 -23.17 12.48
N ALA B 36 54.44 -22.20 11.94
CA ALA B 36 55.12 -20.95 11.56
C ALA B 36 54.31 -19.75 11.97
N SER B 37 54.94 -18.77 12.61
CA SER B 37 54.19 -17.58 13.06
C SER B 37 54.99 -16.29 12.98
N LEU B 38 54.30 -15.19 12.69
CA LEU B 38 54.93 -13.88 12.64
C LEU B 38 54.17 -13.00 13.59
N GLU B 39 54.87 -12.29 14.45
CA GLU B 39 54.25 -11.36 15.32
C GLU B 39 54.42 -9.98 14.69
N ASN B 40 53.48 -9.61 13.84
CA ASN B 40 53.41 -8.24 13.32
C ASN B 40 52.47 -7.62 14.34
N TYR B 41 52.81 -6.50 14.92
CA TYR B 41 51.93 -5.94 15.97
C TYR B 41 50.59 -5.34 15.40
N ALA B 42 49.88 -6.19 14.66
CA ALA B 42 48.66 -5.84 13.97
C ALA B 42 47.47 -5.90 14.86
N PRO B 43 46.47 -5.07 14.57
CA PRO B 43 45.20 -5.11 15.30
C PRO B 43 44.46 -6.41 15.09
N ALA B 44 44.67 -7.06 13.96
CA ALA B 44 43.96 -8.32 13.74
C ALA B 44 44.91 -9.53 13.74
N SER B 45 44.33 -10.71 13.78
CA SER B 45 45.08 -11.90 13.76
C SER B 45 44.56 -12.79 12.68
N ARG B 46 45.42 -13.70 12.27
CA ARG B 46 45.10 -14.59 11.21
C ARG B 46 45.74 -15.91 11.55
N ILE B 47 44.95 -16.97 11.49
CA ILE B 47 45.44 -18.31 11.76
C ILE B 47 44.91 -19.20 10.67
N GLY B 48 45.77 -19.99 10.05
CA GLY B 48 45.32 -20.91 9.03
C GLY B 48 45.92 -22.28 9.24
N LEU B 49 45.12 -23.32 9.08
CA LEU B 49 45.63 -24.69 9.19
C LEU B 49 45.71 -25.24 7.79
N PHE B 50 46.92 -25.42 7.27
CA PHE B 50 47.10 -25.88 5.91
C PHE B 50 47.20 -27.39 5.89
N ILE B 51 46.37 -28.04 5.09
CA ILE B 51 46.35 -29.51 5.07
C ILE B 51 46.50 -30.03 3.71
N LYS B 52 47.38 -31.02 3.54
CA LYS B 52 47.55 -31.66 2.24
C LYS B 52 46.35 -32.55 2.07
N ALA B 53 45.27 -32.03 1.45
CA ALA B 53 44.03 -32.80 1.34
C ALA B 53 43.21 -32.46 0.12
N GLY B 54 43.79 -31.67 -0.77
CA GLY B 54 43.14 -31.25 -1.99
C GLY B 54 42.51 -32.41 -2.75
N SER B 55 41.83 -32.05 -3.82
CA SER B 55 41.11 -32.99 -4.62
C SER B 55 41.99 -34.06 -5.19
N ARG B 56 43.28 -33.82 -5.31
CA ARG B 56 44.13 -34.93 -5.88
C ARG B 56 44.17 -36.18 -5.01
N TYR B 57 43.68 -36.13 -3.77
CA TYR B 57 43.73 -37.34 -2.96
C TYR B 57 42.41 -38.10 -3.03
N GLU B 58 41.51 -37.61 -3.88
CA GLU B 58 40.22 -38.29 -4.07
C GLU B 58 40.48 -39.42 -5.05
N ASN B 59 39.61 -40.40 -5.07
CA ASN B 59 39.77 -41.40 -6.14
C ASN B 59 38.43 -41.68 -6.85
N SER B 60 38.43 -42.66 -7.76
CA SER B 60 37.20 -43.00 -8.54
C SER B 60 35.98 -43.30 -7.71
N ASN B 61 36.14 -43.73 -6.49
CA ASN B 61 34.99 -44.02 -5.73
C ASN B 61 34.50 -42.93 -4.89
N ASN B 62 35.28 -41.88 -4.70
CA ASN B 62 34.77 -40.82 -3.87
C ASN B 62 34.96 -39.45 -4.40
N LEU B 63 34.96 -39.27 -5.74
CA LEU B 63 35.16 -37.90 -6.28
C LEU B 63 34.17 -36.95 -5.63
N GLY B 64 34.60 -35.71 -5.41
CA GLY B 64 33.70 -34.69 -4.86
C GLY B 64 33.74 -34.62 -3.34
N THR B 65 34.31 -35.66 -2.69
CA THR B 65 34.31 -35.66 -1.23
C THR B 65 35.01 -34.46 -0.72
N SER B 66 36.00 -33.95 -1.45
CA SER B 66 36.70 -32.77 -0.86
C SER B 66 35.96 -31.54 -1.06
N HIS B 67 35.05 -31.55 -2.03
CA HIS B 67 34.20 -30.35 -2.27
C HIS B 67 33.23 -30.27 -1.12
N LEU B 68 32.35 -31.25 -1.03
CA LEU B 68 31.37 -31.24 0.09
C LEU B 68 32.08 -30.86 1.44
N LEU B 69 33.29 -31.38 1.61
CA LEU B 69 34.02 -31.12 2.83
C LEU B 69 34.28 -29.64 2.88
N ARG B 70 34.76 -29.09 1.80
CA ARG B 70 35.13 -27.70 1.79
C ARG B 70 33.90 -26.90 2.20
N LEU B 71 32.69 -27.36 1.76
CA LEU B 71 31.45 -26.66 2.09
C LEU B 71 30.92 -27.01 3.52
N ALA B 72 31.57 -27.88 4.25
CA ALA B 72 30.99 -28.24 5.52
C ALA B 72 31.68 -27.70 6.76
N SER B 73 32.47 -26.67 6.61
CA SER B 73 33.25 -26.11 7.70
C SER B 73 32.46 -25.64 8.85
N SER B 74 31.16 -25.43 8.68
CA SER B 74 30.38 -25.02 9.86
C SER B 74 29.29 -25.98 10.34
N LEU B 75 29.39 -27.25 9.99
CA LEU B 75 28.45 -28.22 10.52
C LEU B 75 28.85 -28.46 11.99
N THR B 76 27.99 -29.12 12.75
CA THR B 76 28.25 -29.29 14.16
C THR B 76 29.49 -30.08 14.44
N THR B 77 30.22 -29.69 15.46
CA THR B 77 31.43 -30.42 15.87
C THR B 77 31.31 -30.78 17.33
N LYS B 78 32.10 -31.76 17.81
CA LYS B 78 32.05 -32.10 19.27
C LYS B 78 32.55 -30.84 19.89
N GLY B 79 31.95 -30.42 20.93
CA GLY B 79 32.46 -29.18 21.43
C GLY B 79 31.90 -27.90 20.81
N ALA B 80 31.29 -27.98 19.63
CA ALA B 80 30.70 -26.78 19.05
C ALA B 80 29.63 -27.02 17.97
N SER B 81 28.38 -26.69 18.30
CA SER B 81 27.29 -26.84 17.35
C SER B 81 27.37 -25.80 16.23
N SER B 82 26.68 -26.07 15.13
CA SER B 82 26.64 -25.17 13.98
C SER B 82 26.24 -23.81 14.45
N PHE B 83 25.09 -23.72 15.09
CA PHE B 83 24.62 -22.46 15.62
C PHE B 83 25.73 -21.72 16.36
N LYS B 84 26.48 -22.42 17.22
CA LYS B 84 27.55 -21.75 17.97
C LYS B 84 28.64 -21.23 17.08
N ILE B 85 29.03 -22.02 16.09
CA ILE B 85 30.10 -21.62 15.22
C ILE B 85 29.70 -20.40 14.50
N THR B 86 28.54 -20.44 13.91
CA THR B 86 28.05 -19.31 13.19
C THR B 86 27.87 -18.09 14.10
N ARG B 87 27.16 -18.26 15.22
CA ARG B 87 26.92 -17.13 16.11
C ARG B 87 28.10 -16.67 16.89
N GLY B 88 29.01 -17.60 17.18
CA GLY B 88 30.18 -17.24 18.01
C GLY B 88 31.15 -16.43 17.23
N ILE B 89 31.41 -16.84 16.00
CA ILE B 89 32.34 -16.11 15.15
C ILE B 89 31.78 -14.70 14.77
N GLU B 90 30.55 -14.67 14.28
CA GLU B 90 29.94 -13.39 13.97
C GLU B 90 29.86 -12.48 15.21
N ALA B 91 29.83 -13.03 16.43
CA ALA B 91 29.73 -12.11 17.59
C ALA B 91 31.01 -11.32 17.84
N VAL B 92 32.15 -11.84 17.38
CA VAL B 92 33.40 -11.07 17.51
C VAL B 92 33.78 -10.51 16.15
N GLY B 93 32.91 -10.76 15.17
CA GLY B 93 33.13 -10.24 13.83
C GLY B 93 34.28 -10.89 13.06
N GLY B 94 34.57 -12.15 13.32
CA GLY B 94 35.65 -12.81 12.62
C GLY B 94 35.19 -13.54 11.41
N LYS B 95 36.09 -14.27 10.75
CA LYS B 95 35.71 -15.05 9.54
C LYS B 95 36.24 -16.45 9.71
N LEU B 96 35.68 -17.41 8.96
CA LEU B 96 36.09 -18.79 8.93
C LEU B 96 35.94 -19.09 7.52
N SER B 97 37.01 -19.38 6.83
CA SER B 97 36.87 -19.63 5.39
C SER B 97 37.78 -20.71 5.08
N VAL B 98 37.42 -21.54 4.10
CA VAL B 98 38.24 -22.66 3.71
C VAL B 98 38.51 -22.59 2.24
N THR B 99 39.77 -22.77 1.84
CA THR B 99 40.08 -22.66 0.42
C THR B 99 40.89 -23.78 -0.06
N SER B 100 40.54 -24.33 -1.20
CA SER B 100 41.23 -25.51 -1.71
C SER B 100 41.86 -25.33 -3.05
N THR B 101 42.85 -26.18 -3.33
CA THR B 101 43.53 -26.23 -4.63
C THR B 101 43.74 -27.70 -4.82
N ARG B 102 44.24 -28.13 -5.96
CA ARG B 102 44.35 -29.55 -6.20
C ARG B 102 45.21 -30.27 -5.22
N GLU B 103 46.06 -29.52 -4.52
CA GLU B 103 46.93 -30.16 -3.55
C GLU B 103 46.60 -29.91 -2.13
N ASN B 104 46.27 -28.69 -1.76
CA ASN B 104 46.02 -28.44 -0.32
C ASN B 104 44.60 -28.07 -0.04
N MET B 105 44.30 -27.96 1.27
CA MET B 105 43.00 -27.44 1.77
C MET B 105 43.46 -26.62 2.91
N ALA B 106 42.99 -25.41 2.98
CA ALA B 106 43.47 -24.53 3.98
C ALA B 106 42.37 -23.90 4.76
N TYR B 107 42.33 -24.12 6.06
CA TYR B 107 41.27 -23.48 6.86
C TYR B 107 41.84 -22.22 7.48
N THR B 108 41.37 -21.03 7.09
CA THR B 108 41.88 -19.81 7.77
C THR B 108 40.77 -19.18 8.54
N VAL B 109 41.15 -18.55 9.64
CA VAL B 109 40.23 -17.95 10.53
C VAL B 109 40.79 -16.57 10.85
N GLU B 110 39.94 -15.54 10.90
CA GLU B 110 40.50 -14.21 11.21
C GLU B 110 39.66 -13.41 12.19
N CYS B 111 40.32 -12.62 13.03
CA CYS B 111 39.66 -11.82 14.03
C CYS B 111 40.68 -10.90 14.76
N LEU B 112 40.17 -9.96 15.58
CA LEU B 112 41.03 -9.05 16.33
C LEU B 112 41.83 -9.85 17.31
N ARG B 113 42.98 -9.30 17.75
CA ARG B 113 43.88 -9.97 18.69
C ARG B 113 43.22 -10.55 19.87
N ASP B 114 42.42 -9.74 20.53
CA ASP B 114 41.79 -10.17 21.76
C ASP B 114 40.91 -11.38 21.62
N ASP B 115 40.59 -11.76 20.41
CA ASP B 115 39.73 -12.88 20.25
C ASP B 115 40.34 -14.14 19.62
N VAL B 116 41.68 -14.23 19.49
CA VAL B 116 42.24 -15.44 18.93
C VAL B 116 41.77 -16.71 19.63
N ASP B 117 41.87 -16.75 20.95
CA ASP B 117 41.48 -17.95 21.64
C ASP B 117 40.14 -18.62 21.19
N ILE B 118 39.04 -17.87 21.06
CA ILE B 118 37.84 -18.55 20.67
C ILE B 118 37.88 -19.01 19.21
N LEU B 119 38.44 -18.19 18.33
CA LEU B 119 38.54 -18.59 16.96
C LEU B 119 39.44 -19.80 16.83
N MET B 120 40.51 -19.83 17.61
CA MET B 120 41.41 -20.94 17.62
C MET B 120 40.62 -22.19 17.94
N GLU B 121 39.75 -22.10 18.96
CA GLU B 121 38.95 -23.26 19.35
C GLU B 121 37.97 -23.75 18.25
N PHE B 122 37.38 -22.83 17.53
CA PHE B 122 36.42 -23.23 16.53
C PHE B 122 37.16 -23.88 15.41
N LEU B 123 38.36 -23.34 15.11
CA LEU B 123 39.20 -23.88 14.06
C LEU B 123 39.50 -25.33 14.38
N LEU B 124 39.97 -25.59 15.60
CA LEU B 124 40.34 -26.96 16.01
C LEU B 124 39.13 -27.88 15.95
N ASN B 125 37.99 -27.38 16.35
CA ASN B 125 36.78 -28.17 16.30
C ASN B 125 36.32 -28.59 14.86
N VAL B 126 36.44 -27.65 13.91
CA VAL B 126 36.08 -27.91 12.54
C VAL B 126 37.03 -28.88 11.83
N THR B 127 38.32 -28.75 12.14
CA THR B 127 39.34 -29.56 11.46
C THR B 127 39.66 -30.78 12.14
N THR B 128 39.33 -30.93 13.43
CA THR B 128 39.67 -32.18 14.14
C THR B 128 38.57 -32.90 14.92
N ALA B 129 37.39 -32.31 15.00
CA ALA B 129 36.27 -33.01 15.64
C ALA B 129 34.94 -32.78 14.88
N PRO B 130 34.90 -32.95 13.60
CA PRO B 130 33.67 -32.78 12.92
C PRO B 130 32.79 -33.96 13.22
N GLU B 131 31.52 -33.75 13.39
CA GLU B 131 30.64 -34.87 13.59
C GLU B 131 29.96 -35.34 12.22
N PHE B 132 29.83 -34.44 11.24
CA PHE B 132 29.20 -34.82 9.94
C PHE B 132 27.91 -35.59 10.17
N ARG B 133 26.99 -35.04 10.94
CA ARG B 133 25.73 -35.72 11.17
C ARG B 133 24.93 -35.96 9.87
N ARG B 134 24.39 -37.16 9.75
CA ARG B 134 23.56 -37.57 8.62
C ARG B 134 22.63 -36.47 8.13
N TRP B 135 21.79 -35.93 9.01
CA TRP B 135 20.83 -34.93 8.53
C TRP B 135 21.49 -33.63 8.11
N GLU B 136 22.53 -33.20 8.84
CA GLU B 136 23.18 -31.96 8.46
C GLU B 136 23.86 -32.10 7.17
N VAL B 137 24.48 -33.28 6.90
CA VAL B 137 25.18 -33.48 5.60
C VAL B 137 24.13 -33.57 4.50
N ALA B 138 22.99 -34.22 4.80
CA ALA B 138 21.89 -34.28 3.78
C ALA B 138 21.44 -32.90 3.38
N ALA B 139 21.28 -32.00 4.34
CA ALA B 139 20.79 -30.64 3.98
C ALA B 139 21.81 -29.85 3.18
N LEU B 140 23.09 -30.20 3.32
CA LEU B 140 24.16 -29.48 2.65
C LEU B 140 24.36 -29.90 1.21
N GLN B 141 24.00 -31.13 0.85
CA GLN B 141 24.22 -31.58 -0.57
C GLN B 141 23.84 -30.53 -1.65
N PRO B 142 22.62 -29.99 -1.66
CA PRO B 142 22.29 -29.02 -2.73
C PRO B 142 23.26 -27.88 -2.83
N GLN B 143 24.04 -27.61 -1.80
CA GLN B 143 24.93 -26.48 -1.91
C GLN B 143 25.96 -26.75 -2.98
N LEU B 144 26.39 -28.01 -3.11
CA LEU B 144 27.35 -28.38 -4.16
C LEU B 144 26.87 -27.84 -5.55
N ARG B 145 25.58 -27.93 -5.82
CA ARG B 145 25.09 -27.52 -7.08
C ARG B 145 25.10 -25.98 -7.19
N ILE B 146 24.63 -25.27 -6.15
CA ILE B 146 24.67 -23.79 -6.17
C ILE B 146 26.17 -23.31 -6.30
N ASP B 147 27.05 -23.85 -5.43
CA ASP B 147 28.51 -23.53 -5.46
C ASP B 147 29.15 -23.81 -6.79
N LYS B 148 28.84 -24.99 -7.36
CA LYS B 148 29.41 -25.35 -8.59
C LYS B 148 28.89 -24.39 -9.72
N ALA B 149 27.59 -24.09 -9.70
CA ALA B 149 27.00 -23.27 -10.78
C ALA B 149 27.65 -21.91 -10.76
N VAL B 150 27.84 -21.38 -9.55
CA VAL B 150 28.48 -20.06 -9.43
C VAL B 150 29.96 -20.10 -9.95
N ALA B 151 30.74 -21.12 -9.60
CA ALA B 151 32.11 -21.13 -10.12
C ALA B 151 32.11 -21.30 -11.61
N LEU B 152 31.32 -22.23 -12.12
CA LEU B 152 31.27 -22.46 -13.55
C LEU B 152 30.76 -21.37 -14.45
N GLN B 153 30.31 -20.22 -13.92
CA GLN B 153 29.93 -19.17 -14.88
C GLN B 153 31.12 -18.43 -15.46
N ASN B 154 32.31 -18.74 -14.97
CA ASN B 154 33.49 -18.18 -15.62
C ASN B 154 33.95 -19.27 -16.57
N PRO B 155 33.95 -19.00 -17.86
CA PRO B 155 34.41 -19.98 -18.85
C PRO B 155 35.77 -20.55 -18.43
N GLN B 156 36.63 -19.76 -17.80
CA GLN B 156 37.90 -20.27 -17.35
C GLN B 156 37.76 -21.50 -16.48
N ALA B 157 36.89 -21.47 -15.49
CA ALA B 157 36.84 -22.63 -14.59
C ALA B 157 36.52 -23.96 -15.36
N HIS B 158 35.68 -23.91 -16.41
CA HIS B 158 35.42 -25.15 -17.14
C HIS B 158 36.72 -25.62 -17.76
N VAL B 159 37.32 -24.72 -18.57
CA VAL B 159 38.50 -25.03 -19.31
C VAL B 159 39.60 -25.59 -18.46
N ILE B 160 39.98 -24.88 -17.41
CA ILE B 160 41.04 -25.36 -16.61
C ILE B 160 40.69 -26.71 -15.96
N GLU B 161 39.42 -26.92 -15.61
CA GLU B 161 39.06 -28.23 -15.04
C GLU B 161 39.20 -29.29 -16.16
N ASN B 162 38.79 -28.95 -17.41
CA ASN B 162 38.91 -29.92 -18.48
C ASN B 162 40.38 -30.13 -18.84
N LEU B 163 41.20 -29.07 -18.65
CA LEU B 163 42.64 -29.11 -19.01
C LEU B 163 43.32 -30.13 -18.15
N HIS B 164 43.00 -30.16 -16.86
CA HIS B 164 43.68 -31.07 -16.00
C HIS B 164 43.17 -32.43 -16.26
N ALA B 165 41.86 -32.57 -16.45
CA ALA B 165 41.28 -33.90 -16.74
C ALA B 165 41.96 -34.50 -17.96
N ALA B 166 42.26 -33.65 -18.92
CA ALA B 166 42.86 -34.07 -20.14
C ALA B 166 44.33 -34.36 -20.01
N ALA B 167 45.00 -33.65 -19.13
CA ALA B 167 46.41 -33.84 -19.06
C ALA B 167 46.82 -34.98 -18.21
N TYR B 168 46.08 -35.27 -17.17
CA TYR B 168 46.54 -36.30 -16.22
C TYR B 168 45.66 -37.49 -16.16
N ARG B 169 46.19 -38.65 -15.90
CA ARG B 169 45.26 -39.76 -15.79
C ARG B 169 44.98 -40.08 -14.40
N ASN B 170 45.41 -39.23 -13.51
CA ASN B 170 45.43 -39.68 -12.21
C ASN B 170 44.84 -38.84 -11.18
N ALA B 171 45.69 -38.10 -10.52
CA ALA B 171 45.29 -37.40 -9.34
C ALA B 171 44.98 -35.97 -9.58
N LEU B 172 45.85 -35.30 -10.29
CA LEU B 172 45.65 -33.91 -10.54
C LEU B 172 44.53 -33.74 -11.59
N ALA B 173 44.05 -34.86 -12.12
CA ALA B 173 42.98 -34.77 -13.11
C ALA B 173 41.70 -34.53 -12.43
N ASN B 174 41.64 -34.91 -11.17
CA ASN B 174 40.41 -34.73 -10.43
C ASN B 174 39.93 -33.32 -10.48
N SER B 175 38.64 -33.15 -10.44
CA SER B 175 38.16 -31.81 -10.41
C SER B 175 38.10 -31.28 -9.04
N LEU B 176 38.27 -29.99 -8.93
CA LEU B 176 38.17 -29.29 -7.66
C LEU B 176 36.63 -29.15 -7.33
N TYR B 177 35.75 -29.48 -8.30
CA TYR B 177 34.32 -29.36 -8.07
C TYR B 177 33.65 -30.73 -8.18
N CYS B 178 32.70 -30.99 -7.30
CA CYS B 178 32.05 -32.27 -7.29
C CYS B 178 31.37 -32.63 -8.62
N PRO B 179 31.76 -33.75 -9.25
CA PRO B 179 31.10 -34.21 -10.51
C PRO B 179 29.62 -34.32 -10.30
N ASP B 180 28.82 -33.90 -11.30
CA ASP B 180 27.36 -33.90 -11.17
C ASP B 180 26.77 -35.17 -10.66
N TYR B 181 27.21 -36.31 -11.14
CA TYR B 181 26.60 -37.57 -10.69
C TYR B 181 26.82 -37.84 -9.19
N ARG B 182 27.74 -37.12 -8.53
CA ARG B 182 27.93 -37.33 -7.09
C ARG B 182 27.17 -36.34 -6.23
N ILE B 183 26.69 -35.27 -6.80
CA ILE B 183 25.95 -34.36 -5.98
C ILE B 183 24.80 -35.11 -5.32
N GLY B 184 24.78 -35.18 -4.02
CA GLY B 184 23.69 -35.88 -3.38
C GLY B 184 24.09 -37.25 -2.93
N LYS B 185 25.22 -37.75 -3.44
CA LYS B 185 25.66 -39.06 -3.03
C LYS B 185 26.89 -39.16 -2.11
N VAL B 186 27.59 -38.08 -1.85
CA VAL B 186 28.75 -38.26 -0.99
C VAL B 186 28.22 -38.50 0.40
N THR B 187 28.76 -39.49 1.12
CA THR B 187 28.20 -39.85 2.41
C THR B 187 28.95 -39.36 3.62
N PRO B 188 28.27 -39.26 4.74
CA PRO B 188 28.94 -38.92 6.00
C PRO B 188 30.11 -39.84 6.24
N VAL B 189 30.00 -41.14 5.96
CA VAL B 189 31.20 -41.98 6.20
C VAL B 189 32.37 -41.56 5.28
N GLU B 190 32.06 -41.22 4.03
CA GLU B 190 33.10 -40.75 3.11
C GLU B 190 33.80 -39.42 3.60
N LEU B 191 33.10 -38.56 4.32
CA LEU B 191 33.75 -37.35 4.86
C LEU B 191 34.64 -37.79 6.03
N HIS B 192 34.09 -38.61 6.96
CA HIS B 192 34.88 -39.06 8.09
C HIS B 192 36.16 -39.73 7.57
N ASP B 193 36.03 -40.59 6.56
CA ASP B 193 37.21 -41.24 6.05
C ASP B 193 38.17 -40.23 5.46
N TYR B 194 37.63 -39.19 4.85
CA TYR B 194 38.52 -38.23 4.22
C TYR B 194 39.27 -37.43 5.23
N VAL B 195 38.69 -37.26 6.43
CA VAL B 195 39.33 -36.46 7.42
C VAL B 195 40.30 -37.31 8.20
N GLN B 196 39.89 -38.51 8.58
CA GLN B 196 40.78 -39.35 9.39
C GLN B 196 42.00 -39.70 8.62
N ASN B 197 41.90 -39.83 7.34
CA ASN B 197 43.10 -40.14 6.70
C ASN B 197 43.94 -39.06 6.03
N HIS B 198 43.36 -37.88 5.78
CA HIS B 198 44.18 -36.78 5.28
C HIS B 198 44.51 -35.65 6.29
N PHE B 199 43.63 -35.38 7.26
CA PHE B 199 43.89 -34.31 8.24
C PHE B 199 44.75 -34.82 9.38
N THR B 200 45.99 -35.22 9.08
CA THR B 200 46.87 -35.74 10.13
C THR B 200 48.10 -34.87 10.24
N SER B 201 48.81 -35.01 11.37
CA SER B 201 49.99 -34.19 11.69
C SER B 201 51.01 -34.10 10.61
N ALA B 202 51.39 -35.24 10.05
CA ALA B 202 52.46 -35.25 9.04
C ALA B 202 52.05 -34.66 7.74
N ARG B 203 50.78 -34.28 7.62
CA ARG B 203 50.32 -33.66 6.40
C ARG B 203 49.77 -32.35 6.69
N MET B 204 50.10 -31.76 7.83
CA MET B 204 49.49 -30.49 8.24
C MET B 204 50.47 -29.35 8.55
N ALA B 205 49.96 -28.10 8.55
CA ALA B 205 50.80 -26.95 8.92
C ALA B 205 49.96 -25.89 9.61
N LEU B 206 50.35 -25.45 10.82
CA LEU B 206 49.57 -24.43 11.56
C LEU B 206 50.32 -23.11 11.54
N ILE B 207 49.82 -22.17 10.74
CA ILE B 207 50.47 -20.86 10.54
C ILE B 207 49.71 -19.80 11.25
N GLY B 208 50.42 -18.85 11.85
CA GLY B 208 49.78 -17.78 12.58
C GLY B 208 50.32 -16.39 12.32
N LEU B 209 49.41 -15.43 12.34
CA LEU B 209 49.77 -14.05 12.12
C LEU B 209 49.09 -13.25 13.19
N GLY B 210 49.88 -12.66 14.06
CA GLY B 210 49.32 -11.90 15.13
C GLY B 210 49.19 -12.75 16.37
N VAL B 211 49.82 -13.91 16.36
CA VAL B 211 49.85 -14.76 17.58
C VAL B 211 51.26 -14.98 17.89
N SER B 212 51.51 -15.71 18.95
CA SER B 212 52.86 -15.94 19.35
C SER B 212 53.20 -17.39 19.16
N HIS B 213 54.49 -17.66 18.91
CA HIS B 213 54.96 -19.02 18.70
C HIS B 213 54.62 -20.02 19.83
N PRO B 214 54.86 -19.69 21.10
CA PRO B 214 54.49 -20.60 22.18
C PRO B 214 53.03 -21.01 22.11
N VAL B 215 52.14 -20.06 21.83
CA VAL B 215 50.75 -20.38 21.79
C VAL B 215 50.43 -21.35 20.66
N LEU B 216 50.92 -21.07 19.45
CA LEU B 216 50.68 -21.98 18.33
C LEU B 216 51.29 -23.32 18.68
N LYS B 217 52.53 -23.29 19.20
CA LYS B 217 53.23 -24.53 19.54
C LYS B 217 52.49 -25.29 20.58
N GLN B 218 51.92 -24.57 21.55
CA GLN B 218 51.12 -25.22 22.60
C GLN B 218 49.86 -25.88 21.94
N VAL B 219 49.13 -25.10 21.15
CA VAL B 219 47.92 -25.59 20.52
C VAL B 219 48.23 -26.87 19.69
N ALA B 220 49.37 -26.83 19.00
CA ALA B 220 49.79 -27.92 18.11
C ALA B 220 50.16 -29.20 18.85
N GLU B 221 50.85 -29.06 19.97
CA GLU B 221 51.23 -30.22 20.71
C GLU B 221 50.06 -30.80 21.47
N GLN B 222 49.09 -29.97 21.83
CA GLN B 222 47.91 -30.45 22.55
C GLN B 222 46.81 -30.99 21.64
N PHE B 223 46.54 -30.31 20.54
CA PHE B 223 45.44 -30.70 19.70
C PHE B 223 45.74 -31.24 18.31
N LEU B 224 46.86 -30.88 17.71
CA LEU B 224 47.11 -31.39 16.38
C LEU B 224 47.93 -32.64 16.30
N ASN B 225 48.01 -33.41 17.39
CA ASN B 225 48.77 -34.69 17.36
C ASN B 225 47.88 -35.82 16.91
N ILE B 226 47.60 -35.85 15.62
CA ILE B 226 46.77 -36.85 15.02
C ILE B 226 47.60 -37.51 13.99
N ARG B 227 47.64 -38.84 13.99
CA ARG B 227 48.28 -39.52 12.89
C ARG B 227 47.88 -40.94 12.78
N GLY B 228 47.60 -41.37 11.54
CA GLY B 228 47.20 -42.73 11.23
C GLY B 228 46.55 -42.70 9.84
N GLY B 229 46.88 -41.68 9.07
CA GLY B 229 46.31 -41.54 7.74
C GLY B 229 47.21 -42.08 6.67
N LEU B 230 47.28 -41.38 5.53
CA LEU B 230 48.19 -41.82 4.48
C LEU B 230 49.57 -41.15 4.67
N GLY B 231 50.43 -41.20 3.66
CA GLY B 231 51.77 -40.68 3.84
C GLY B 231 52.30 -39.43 3.14
N LEU B 232 52.67 -39.58 1.88
CA LEU B 232 53.31 -38.49 1.16
C LEU B 232 52.41 -37.61 0.26
N SER B 233 53.06 -36.99 -0.73
CA SER B 233 52.35 -36.13 -1.66
C SER B 233 51.94 -36.91 -2.86
N GLY B 234 51.11 -37.95 -2.65
CA GLY B 234 50.52 -38.65 -3.80
C GLY B 234 50.43 -40.15 -4.06
N ALA B 235 49.85 -40.43 -5.24
CA ALA B 235 49.74 -41.76 -5.79
C ALA B 235 50.69 -41.65 -6.96
N LYS B 236 51.01 -40.37 -7.24
CA LYS B 236 51.90 -39.88 -8.30
C LYS B 236 51.19 -39.54 -9.58
N ALA B 237 51.23 -38.26 -9.92
CA ALA B 237 50.55 -37.75 -11.06
C ALA B 237 51.20 -38.23 -12.28
N LYS B 238 50.54 -39.08 -13.02
CA LYS B 238 51.11 -39.58 -14.25
C LYS B 238 50.60 -38.70 -15.38
N TYR B 239 51.47 -37.90 -16.01
CA TYR B 239 51.03 -37.02 -17.13
C TYR B 239 50.80 -37.83 -18.35
N HIS B 240 49.70 -37.58 -19.05
CA HIS B 240 49.49 -38.34 -20.25
C HIS B 240 49.19 -37.55 -21.46
N GLY B 241 48.29 -36.60 -21.35
CA GLY B 241 48.04 -35.75 -22.50
C GLY B 241 46.80 -36.12 -23.18
N GLY B 242 46.36 -35.30 -24.11
CA GLY B 242 45.13 -35.57 -24.82
C GLY B 242 44.36 -34.28 -24.83
N GLU B 243 43.10 -34.30 -25.28
CA GLU B 243 42.39 -33.05 -25.39
C GLU B 243 40.87 -33.13 -25.15
N ILE B 244 40.33 -32.16 -24.41
CA ILE B 244 38.91 -32.15 -24.19
C ILE B 244 38.30 -30.94 -24.83
N ARG B 245 37.20 -31.12 -25.54
CA ARG B 245 36.56 -30.05 -26.33
C ARG B 245 35.07 -29.89 -26.02
N GLU B 246 34.64 -28.69 -25.61
CA GLU B 246 33.25 -28.49 -25.25
C GLU B 246 32.54 -27.49 -26.13
N GLN B 247 31.76 -27.98 -27.11
CA GLN B 247 31.00 -27.08 -28.01
C GLN B 247 30.03 -26.26 -27.15
N ASN B 248 29.91 -24.97 -27.47
CA ASN B 248 29.16 -24.04 -26.61
C ASN B 248 28.33 -22.90 -27.26
N GLY B 249 28.90 -22.20 -28.24
CA GLY B 249 28.25 -20.98 -28.76
C GLY B 249 28.26 -19.93 -27.60
N ASP B 250 29.41 -19.25 -27.43
CA ASP B 250 29.58 -18.22 -26.38
C ASP B 250 30.09 -16.99 -27.07
N SER B 251 30.25 -17.10 -28.39
CA SER B 251 30.81 -16.04 -29.25
C SER B 251 32.30 -15.92 -29.06
N LEU B 252 32.78 -16.33 -27.88
CA LEU B 252 34.18 -16.29 -27.59
C LEU B 252 34.71 -17.70 -27.31
N VAL B 253 35.80 -18.10 -27.94
CA VAL B 253 36.35 -19.40 -27.71
C VAL B 253 37.44 -19.30 -26.68
N HIS B 254 37.39 -20.15 -25.67
CA HIS B 254 38.43 -20.17 -24.71
C HIS B 254 39.24 -21.42 -25.03
N ALA B 255 40.56 -21.31 -25.08
CA ALA B 255 41.36 -22.48 -25.35
C ALA B 255 42.61 -22.38 -24.53
N ALA B 256 43.15 -23.53 -24.08
CA ALA B 256 44.40 -23.53 -23.30
C ALA B 256 45.29 -24.66 -23.82
N LEU B 257 46.54 -24.35 -24.19
CA LEU B 257 47.47 -25.33 -24.77
C LEU B 257 48.55 -25.42 -23.75
N VAL B 258 48.96 -26.63 -23.44
CA VAL B 258 49.87 -26.82 -22.33
C VAL B 258 50.69 -28.08 -22.51
N ALA B 259 51.86 -28.14 -21.85
CA ALA B 259 52.74 -29.35 -21.87
C ALA B 259 53.28 -29.59 -20.49
N GLU B 260 53.84 -30.76 -20.23
CA GLU B 260 54.36 -31.00 -18.89
C GLU B 260 55.58 -30.16 -18.70
N SER B 261 55.73 -29.54 -17.52
CA SER B 261 56.87 -28.69 -17.21
C SER B 261 57.59 -29.22 -16.00
N ALA B 262 57.69 -28.43 -14.93
CA ALA B 262 58.42 -28.90 -13.77
C ALA B 262 57.77 -28.67 -12.41
N ALA B 263 58.03 -29.60 -11.49
CA ALA B 263 57.48 -29.55 -10.14
C ALA B 263 57.93 -28.33 -9.37
N ILE B 264 57.06 -27.86 -8.49
CA ILE B 264 57.35 -26.72 -7.69
C ILE B 264 58.55 -26.93 -6.78
N GLY B 265 59.32 -25.89 -6.53
CA GLY B 265 60.52 -26.05 -5.68
C GLY B 265 61.80 -26.39 -6.47
N SER B 266 61.68 -27.11 -7.58
CA SER B 266 62.85 -27.42 -8.42
C SER B 266 63.35 -26.14 -9.10
N ALA B 267 64.66 -26.08 -9.40
CA ALA B 267 65.23 -24.92 -10.10
C ALA B 267 64.46 -24.66 -11.42
N GLU B 268 64.18 -25.72 -12.18
CA GLU B 268 63.49 -25.62 -13.47
C GLU B 268 62.18 -24.90 -13.39
N ALA B 269 61.49 -25.00 -12.25
CA ALA B 269 60.20 -24.30 -12.09
C ALA B 269 60.42 -22.86 -12.24
N ASN B 270 61.48 -22.34 -11.58
CA ASN B 270 61.79 -20.92 -11.71
C ASN B 270 62.00 -20.51 -13.15
N ALA B 271 62.64 -21.37 -13.96
CA ALA B 271 62.84 -21.02 -15.37
C ALA B 271 61.47 -20.81 -16.02
N PHE B 272 60.55 -21.74 -15.77
CA PHE B 272 59.24 -21.63 -16.34
C PHE B 272 58.56 -20.35 -15.88
N SER B 273 58.76 -19.96 -14.61
CA SER B 273 58.12 -18.75 -14.13
C SER B 273 58.66 -17.57 -14.88
N VAL B 274 59.97 -17.57 -15.12
CA VAL B 274 60.54 -16.49 -15.87
C VAL B 274 60.05 -16.53 -17.31
N LEU B 275 59.78 -17.72 -17.84
CA LEU B 275 59.32 -17.80 -19.23
C LEU B 275 57.93 -17.23 -19.29
N GLN B 276 57.15 -17.52 -18.26
CA GLN B 276 55.81 -17.01 -18.20
C GLN B 276 55.84 -15.51 -18.29
N HIS B 277 56.85 -14.87 -17.70
CA HIS B 277 56.87 -13.44 -17.78
C HIS B 277 57.49 -12.87 -19.02
N VAL B 278 58.27 -13.68 -19.72
CA VAL B 278 58.83 -13.23 -20.98
C VAL B 278 57.68 -13.24 -21.99
N LEU B 279 56.85 -14.27 -21.91
CA LEU B 279 55.74 -14.40 -22.80
C LEU B 279 54.66 -13.43 -22.44
N GLY B 280 54.16 -13.50 -21.20
CA GLY B 280 53.11 -12.59 -20.77
C GLY B 280 52.06 -13.16 -19.84
N ALA B 281 51.97 -12.61 -18.64
CA ALA B 281 50.92 -13.03 -17.73
C ALA B 281 49.89 -11.94 -17.85
N GLY B 282 49.32 -11.54 -16.73
CA GLY B 282 48.32 -10.46 -16.77
C GLY B 282 48.90 -9.10 -17.17
N PRO B 283 48.03 -8.09 -17.19
CA PRO B 283 48.39 -6.72 -17.59
C PRO B 283 48.94 -5.88 -16.46
N HIS B 284 49.67 -4.84 -16.78
CA HIS B 284 50.21 -3.99 -15.75
C HIS B 284 49.58 -2.63 -15.84
N VAL B 285 49.04 -2.30 -17.00
CA VAL B 285 48.45 -0.97 -17.18
C VAL B 285 47.00 -1.05 -17.60
N LYS B 286 46.15 -0.28 -16.95
CA LYS B 286 44.74 -0.29 -17.26
C LYS B 286 44.51 0.16 -18.68
N ARG B 287 43.86 -0.69 -19.47
CA ARG B 287 43.57 -0.40 -20.86
C ARG B 287 44.82 -0.16 -21.65
N GLY B 288 45.79 -1.04 -21.49
CA GLY B 288 47.06 -0.88 -22.20
C GLY B 288 47.29 -1.85 -23.35
N SER B 289 48.18 -1.46 -24.26
CA SER B 289 48.53 -2.24 -25.43
C SER B 289 49.35 -3.47 -25.08
N ASN B 290 49.89 -3.48 -23.87
CA ASN B 290 50.66 -4.59 -23.42
C ASN B 290 51.93 -4.73 -24.26
N ALA B 291 52.74 -3.68 -24.32
CA ALA B 291 53.93 -3.69 -25.17
C ALA B 291 54.98 -4.76 -24.86
N THR B 292 55.28 -4.98 -23.58
CA THR B 292 56.30 -5.95 -23.27
C THR B 292 55.84 -7.37 -23.29
N SER B 293 54.60 -7.62 -23.72
CA SER B 293 54.07 -8.99 -23.76
C SER B 293 54.28 -9.66 -25.07
N SER B 294 55.27 -10.52 -25.13
CA SER B 294 55.60 -11.27 -26.36
C SER B 294 54.43 -11.96 -27.04
N LEU B 295 53.58 -12.64 -26.28
CA LEU B 295 52.48 -13.34 -26.90
C LEU B 295 51.51 -12.36 -27.52
N TYR B 296 51.15 -11.35 -26.73
CA TYR B 296 50.14 -10.41 -27.15
C TYR B 296 50.51 -9.70 -28.44
N GLN B 297 51.73 -9.17 -28.51
CA GLN B 297 52.12 -8.48 -29.69
C GLN B 297 52.17 -9.44 -30.83
N ALA B 298 52.53 -10.68 -30.55
CA ALA B 298 52.61 -11.67 -31.60
C ALA B 298 51.24 -12.03 -32.19
N VAL B 299 50.22 -12.16 -31.33
CA VAL B 299 48.86 -12.46 -31.81
C VAL B 299 48.27 -11.22 -32.48
N ALA B 300 48.45 -10.06 -31.82
CA ALA B 300 47.89 -8.79 -32.31
C ALA B 300 48.30 -8.45 -33.73
N LYS B 301 49.57 -8.70 -34.03
CA LYS B 301 50.15 -8.40 -35.33
C LYS B 301 49.30 -8.94 -36.47
N GLY B 302 48.82 -10.16 -36.35
CA GLY B 302 48.03 -10.75 -37.42
C GLY B 302 46.55 -11.02 -37.12
N VAL B 303 46.07 -10.55 -35.96
CA VAL B 303 44.67 -10.71 -35.59
C VAL B 303 44.12 -9.37 -35.23
N HIS B 304 43.03 -8.99 -35.87
CA HIS B 304 42.45 -7.68 -35.65
C HIS B 304 41.08 -7.73 -34.86
N GLN B 305 41.42 -7.51 -33.63
CA GLN B 305 40.78 -7.18 -32.34
C GLN B 305 40.13 -8.15 -31.35
N PRO B 306 38.83 -8.20 -30.91
CA PRO B 306 38.60 -8.84 -29.61
C PRO B 306 39.40 -10.09 -29.44
N PHE B 307 40.33 -10.01 -28.46
CA PHE B 307 41.16 -11.17 -28.08
C PHE B 307 42.00 -10.98 -26.82
N ASP B 308 42.39 -12.07 -26.20
CA ASP B 308 43.30 -11.99 -25.11
C ASP B 308 44.26 -13.21 -25.10
N VAL B 309 45.48 -13.02 -24.56
CA VAL B 309 46.43 -14.11 -24.42
C VAL B 309 47.26 -13.96 -23.26
N SER B 310 47.63 -15.11 -22.69
CA SER B 310 48.49 -15.11 -21.56
C SER B 310 49.12 -16.45 -21.37
N ALA B 311 50.37 -16.44 -20.92
CA ALA B 311 51.03 -17.66 -20.65
C ALA B 311 50.32 -18.20 -19.46
N PHE B 312 50.30 -19.54 -19.33
CA PHE B 312 49.64 -20.22 -18.22
C PHE B 312 50.68 -21.09 -17.58
N ASN B 313 50.72 -21.12 -16.25
CA ASN B 313 51.77 -21.84 -15.58
C ASN B 313 51.30 -22.38 -14.25
N ALA B 314 51.31 -23.70 -14.11
CA ALA B 314 50.83 -24.30 -12.93
C ALA B 314 51.84 -25.24 -12.55
N SER B 315 52.17 -25.27 -11.28
CA SER B 315 53.16 -26.13 -10.83
C SER B 315 52.67 -26.83 -9.54
N TYR B 316 52.89 -28.13 -9.44
CA TYR B 316 52.44 -28.84 -8.32
C TYR B 316 53.57 -29.65 -7.66
N SER B 317 53.21 -30.47 -6.71
CA SER B 317 54.21 -31.18 -5.97
C SER B 317 55.04 -32.10 -6.81
N ASP B 318 54.45 -32.75 -7.80
CA ASP B 318 55.19 -33.77 -8.55
C ASP B 318 55.03 -33.68 -10.02
N SER B 319 54.61 -32.52 -10.51
CA SER B 319 54.41 -32.30 -11.94
C SER B 319 54.20 -30.80 -12.19
N GLY B 320 53.80 -30.43 -13.41
CA GLY B 320 53.58 -29.04 -13.72
C GLY B 320 52.97 -28.86 -15.10
N LEU B 321 52.10 -27.88 -15.25
CA LEU B 321 51.56 -27.64 -16.55
C LEU B 321 51.91 -26.24 -16.94
N PHE B 322 52.62 -26.08 -18.07
CA PHE B 322 52.95 -24.76 -18.61
C PHE B 322 52.55 -24.67 -20.04
N GLY B 323 52.17 -23.45 -20.48
CA GLY B 323 51.75 -23.15 -21.85
C GLY B 323 51.06 -21.78 -21.93
N PHE B 324 49.97 -21.69 -22.69
CA PHE B 324 49.25 -20.44 -22.78
C PHE B 324 47.75 -20.65 -22.87
N TYR B 325 46.99 -19.54 -22.64
CA TYR B 325 45.51 -19.54 -22.64
C TYR B 325 45.07 -18.38 -23.63
N THR B 326 44.01 -18.58 -24.41
CA THR B 326 43.58 -17.59 -25.36
C THR B 326 42.09 -17.43 -25.30
N ILE B 327 41.61 -16.22 -25.60
CA ILE B 327 40.20 -15.93 -25.64
C ILE B 327 40.04 -15.21 -26.92
N SER B 328 39.13 -15.61 -27.78
CA SER B 328 39.02 -14.85 -29.08
C SER B 328 37.77 -15.18 -29.78
N GLN B 329 37.39 -14.39 -30.75
CA GLN B 329 36.18 -14.73 -31.55
C GLN B 329 36.32 -16.17 -32.16
N ALA B 330 35.20 -16.88 -32.25
CA ALA B 330 35.13 -18.26 -32.79
C ALA B 330 35.95 -18.52 -34.07
N ALA B 331 35.84 -17.63 -35.03
CA ALA B 331 36.55 -17.80 -36.31
C ALA B 331 38.04 -17.47 -36.27
N SER B 332 38.49 -16.75 -35.25
CA SER B 332 39.90 -16.40 -35.18
C SER B 332 40.67 -17.33 -34.28
N ALA B 333 39.98 -18.26 -33.60
CA ALA B 333 40.69 -19.15 -32.65
C ALA B 333 41.92 -19.82 -33.25
N GLY B 334 41.78 -20.39 -34.42
CA GLY B 334 42.88 -21.05 -35.02
C GLY B 334 44.05 -20.10 -35.20
N ASP B 335 43.78 -18.91 -35.70
CA ASP B 335 44.82 -17.95 -35.93
C ASP B 335 45.43 -17.48 -34.61
N VAL B 336 44.60 -17.18 -33.62
CA VAL B 336 45.17 -16.74 -32.37
C VAL B 336 46.10 -17.79 -31.82
N ILE B 337 45.62 -19.04 -31.76
CA ILE B 337 46.42 -20.14 -31.22
C ILE B 337 47.70 -20.37 -32.01
N LYS B 338 47.59 -20.40 -33.31
CA LYS B 338 48.79 -20.63 -34.08
C LYS B 338 49.86 -19.55 -33.92
N ALA B 339 49.44 -18.28 -33.79
CA ALA B 339 50.38 -17.20 -33.59
C ALA B 339 51.00 -17.35 -32.21
N ALA B 340 50.19 -17.68 -31.22
CA ALA B 340 50.71 -17.80 -29.89
C ALA B 340 51.75 -18.91 -29.83
N TYR B 341 51.41 -20.06 -30.38
CA TYR B 341 52.30 -21.20 -30.40
C TYR B 341 53.58 -20.83 -31.15
N ASN B 342 53.46 -20.14 -32.29
CA ASN B 342 54.66 -19.81 -33.01
C ASN B 342 55.52 -18.87 -32.21
N GLN B 343 54.90 -18.04 -31.36
CA GLN B 343 55.72 -17.14 -30.61
C GLN B 343 56.59 -17.91 -29.67
N VAL B 344 56.03 -18.93 -29.03
CA VAL B 344 56.82 -19.72 -28.10
C VAL B 344 57.95 -20.37 -28.84
N LYS B 345 57.64 -20.92 -30.02
CA LYS B 345 58.65 -21.57 -30.84
C LYS B 345 59.83 -20.65 -31.06
N THR B 346 59.56 -19.39 -31.38
CA THR B 346 60.59 -18.40 -31.63
C THR B 346 61.55 -18.29 -30.45
N ILE B 347 61.01 -18.42 -29.24
CA ILE B 347 61.84 -18.36 -28.04
C ILE B 347 62.60 -19.64 -27.89
N ALA B 348 62.02 -20.72 -28.33
CA ALA B 348 62.67 -21.99 -28.18
C ALA B 348 63.78 -22.18 -29.16
N GLN B 349 63.76 -21.39 -30.22
CA GLN B 349 64.78 -21.47 -31.26
C GLN B 349 65.94 -20.50 -30.99
N GLY B 350 65.97 -19.92 -29.79
CA GLY B 350 67.05 -19.02 -29.41
C GLY B 350 66.81 -17.51 -29.50
N ASN B 351 65.72 -17.10 -30.14
CA ASN B 351 65.50 -15.67 -30.29
C ASN B 351 64.98 -14.98 -29.03
N LEU B 352 65.86 -14.92 -28.03
CA LEU B 352 65.53 -14.32 -26.74
C LEU B 352 66.66 -13.37 -26.36
N SER B 353 66.29 -12.20 -25.90
CA SER B 353 67.26 -11.15 -25.59
C SER B 353 67.98 -11.39 -24.30
N ASN B 354 68.26 -10.32 -23.61
CA ASN B 354 68.82 -10.38 -22.29
C ASN B 354 68.05 -9.38 -21.46
N PRO B 355 67.85 -8.16 -21.97
CA PRO B 355 66.94 -7.25 -21.29
C PRO B 355 65.51 -7.82 -21.21
N ASP B 356 65.14 -8.77 -22.09
CA ASP B 356 63.77 -9.37 -22.03
C ASP B 356 63.66 -10.24 -20.80
N VAL B 357 64.65 -11.09 -20.58
CA VAL B 357 64.67 -11.97 -19.42
C VAL B 357 64.78 -11.08 -18.21
N GLN B 358 65.58 -10.02 -18.34
CA GLN B 358 65.78 -9.05 -17.25
C GLN B 358 64.46 -8.39 -16.88
N ALA B 359 63.70 -8.00 -17.89
CA ALA B 359 62.41 -7.40 -17.65
C ALA B 359 61.51 -8.45 -17.06
N ALA B 360 61.61 -9.67 -17.55
CA ALA B 360 60.74 -10.71 -17.01
C ALA B 360 61.09 -10.95 -15.54
N LYS B 361 62.39 -11.06 -15.26
CA LYS B 361 62.82 -11.25 -13.88
C LYS B 361 62.22 -10.16 -13.03
N ASN B 362 62.30 -8.91 -13.50
CA ASN B 362 61.71 -7.80 -12.75
C ASN B 362 60.20 -7.90 -12.65
N LYS B 363 59.53 -8.40 -13.68
CA LYS B 363 58.08 -8.48 -13.55
C LYS B 363 57.72 -9.52 -12.51
N LEU B 364 58.38 -10.67 -12.56
CA LEU B 364 58.17 -11.78 -11.60
C LEU B 364 58.49 -11.45 -10.12
N LYS B 365 59.66 -10.87 -9.91
CA LYS B 365 60.08 -10.51 -8.55
C LYS B 365 59.15 -9.44 -7.99
N ALA B 366 58.87 -8.40 -8.77
CA ALA B 366 58.00 -7.35 -8.27
C ALA B 366 56.67 -7.96 -7.91
N GLY B 367 56.20 -8.89 -8.74
CA GLY B 367 54.94 -9.52 -8.48
C GLY B 367 54.93 -10.39 -7.23
N TYR B 368 56.03 -11.11 -6.97
CA TYR B 368 56.07 -11.98 -5.82
C TYR B 368 56.01 -11.16 -4.56
N LEU B 369 56.84 -10.14 -4.49
CA LEU B 369 56.88 -9.30 -3.34
C LEU B 369 55.53 -8.71 -3.17
N MET B 370 54.89 -8.34 -4.27
CA MET B 370 53.55 -7.76 -4.20
C MET B 370 52.55 -8.76 -3.67
N SER B 371 52.70 -10.00 -4.07
CA SER B 371 51.81 -11.02 -3.63
C SER B 371 51.84 -11.28 -2.10
N VAL B 372 52.91 -10.89 -1.41
CA VAL B 372 52.91 -11.10 0.05
C VAL B 372 52.88 -9.78 0.83
N GLU B 373 52.31 -8.77 0.20
CA GLU B 373 52.22 -7.46 0.78
C GLU B 373 51.33 -7.41 1.95
N SER B 374 50.25 -8.18 1.87
CA SER B 374 49.24 -8.21 2.87
C SER B 374 49.20 -9.49 3.60
N SER B 375 48.46 -9.50 4.70
CA SER B 375 48.31 -10.69 5.54
C SER B 375 47.79 -11.89 4.74
N GLU B 376 46.61 -11.77 4.18
CA GLU B 376 46.05 -12.85 3.40
C GLU B 376 47.09 -13.41 2.43
N GLY B 377 47.83 -12.54 1.77
CA GLY B 377 48.82 -13.00 0.81
C GLY B 377 50.01 -13.70 1.46
N PHE B 378 50.52 -13.08 2.53
CA PHE B 378 51.64 -13.63 3.24
C PHE B 378 51.28 -14.98 3.77
N LEU B 379 50.19 -15.06 4.48
CA LEU B 379 49.80 -16.29 5.13
C LEU B 379 49.69 -17.48 4.18
N ASP B 380 49.03 -17.30 3.05
CA ASP B 380 48.86 -18.41 2.14
C ASP B 380 50.21 -18.85 1.61
N GLU B 381 51.10 -17.88 1.39
CA GLU B 381 52.41 -18.16 0.89
C GLU B 381 53.20 -18.95 1.93
N VAL B 382 53.02 -18.63 3.22
CA VAL B 382 53.75 -19.36 4.24
C VAL B 382 53.23 -20.77 4.43
N GLY B 383 51.91 -20.92 4.39
CA GLY B 383 51.26 -22.23 4.51
C GLY B 383 51.70 -23.19 3.39
N SER B 384 51.59 -22.74 2.15
CA SER B 384 51.94 -23.58 1.01
C SER B 384 53.40 -23.96 1.05
N GLN B 385 54.23 -23.04 1.55
CA GLN B 385 55.65 -23.30 1.63
C GLN B 385 55.87 -24.37 2.61
N ALA B 386 55.16 -24.30 3.72
CA ALA B 386 55.32 -25.30 4.79
C ALA B 386 54.99 -26.70 4.27
N LEU B 387 53.95 -26.79 3.45
CA LEU B 387 53.53 -28.08 2.92
C LEU B 387 54.41 -28.54 1.81
N ALA B 388 54.64 -27.68 0.84
CA ALA B 388 55.48 -28.06 -0.29
C ALA B 388 56.95 -28.37 0.10
N ALA B 389 57.54 -27.52 0.98
CA ALA B 389 58.98 -27.62 1.30
C ALA B 389 59.40 -27.92 2.72
N GLY B 390 58.55 -27.63 3.69
CA GLY B 390 58.91 -27.89 5.07
C GLY B 390 59.84 -26.85 5.56
N SER B 391 59.82 -25.71 4.89
CA SER B 391 60.70 -24.61 5.22
C SER B 391 60.03 -23.33 4.95
N TYR B 392 60.66 -22.24 5.38
CA TYR B 392 60.20 -20.92 5.02
C TYR B 392 61.35 -20.22 4.33
N THR B 393 61.11 -19.80 3.10
CA THR B 393 62.13 -19.19 2.29
C THR B 393 61.88 -17.71 2.20
N PRO B 394 62.75 -16.92 2.80
CA PRO B 394 62.58 -15.47 2.87
C PRO B 394 62.56 -14.81 1.50
N PRO B 395 61.90 -13.66 1.34
CA PRO B 395 61.87 -12.95 0.07
C PRO B 395 63.29 -12.73 -0.52
N SER B 396 64.30 -12.58 0.33
CA SER B 396 65.63 -12.34 -0.19
C SER B 396 66.13 -13.50 -1.00
N THR B 397 65.92 -14.71 -0.52
CA THR B 397 66.45 -15.82 -1.24
C THR B 397 65.65 -16.25 -2.39
N VAL B 398 64.34 -15.95 -2.36
CA VAL B 398 63.49 -16.23 -3.52
C VAL B 398 63.95 -15.31 -4.68
N LEU B 399 64.25 -14.04 -4.36
CA LEU B 399 64.72 -13.11 -5.36
C LEU B 399 66.07 -13.60 -5.87
N GLN B 400 66.84 -14.19 -4.97
CA GLN B 400 68.15 -14.74 -5.35
C GLN B 400 67.95 -15.95 -6.26
N GLN B 401 66.91 -16.72 -5.96
CA GLN B 401 66.62 -17.94 -6.72
C GLN B 401 66.24 -17.60 -8.14
N ILE B 402 65.46 -16.52 -8.28
CA ILE B 402 64.98 -16.05 -9.55
C ILE B 402 66.15 -15.53 -10.36
N ASP B 403 67.06 -14.81 -9.70
CA ASP B 403 68.21 -14.28 -10.39
C ASP B 403 69.11 -15.36 -11.02
N ALA B 404 69.23 -16.51 -10.36
CA ALA B 404 70.07 -17.60 -10.89
C ALA B 404 69.55 -18.15 -12.22
N VAL B 405 68.27 -17.96 -12.51
CA VAL B 405 67.75 -18.38 -13.78
C VAL B 405 68.55 -17.70 -14.95
N ALA B 406 69.19 -18.49 -15.80
CA ALA B 406 69.94 -17.93 -16.90
C ALA B 406 69.06 -17.85 -18.12
N ASP B 407 69.53 -17.12 -19.13
CA ASP B 407 68.80 -17.02 -20.38
C ASP B 407 68.59 -18.42 -20.95
N ALA B 408 69.63 -19.25 -20.93
CA ALA B 408 69.52 -20.62 -21.44
C ALA B 408 68.49 -21.47 -20.65
N ASP B 409 68.29 -21.19 -19.36
CA ASP B 409 67.31 -21.98 -18.64
C ASP B 409 65.93 -21.65 -19.25
N VAL B 410 65.69 -20.34 -19.48
CA VAL B 410 64.45 -19.89 -20.08
C VAL B 410 64.27 -20.52 -21.45
N ILE B 411 65.31 -20.43 -22.30
CA ILE B 411 65.24 -21.02 -23.64
C ILE B 411 64.91 -22.49 -23.51
N ASN B 412 65.69 -23.21 -22.68
CA ASN B 412 65.42 -24.64 -22.43
C ASN B 412 63.92 -24.98 -21.99
N ALA B 413 63.28 -24.13 -21.16
CA ALA B 413 61.89 -24.38 -20.82
C ALA B 413 60.98 -24.25 -22.06
N ALA B 414 61.26 -23.25 -22.90
CA ALA B 414 60.45 -23.06 -24.07
C ALA B 414 60.60 -24.26 -24.94
N LYS B 415 61.83 -24.77 -25.04
CA LYS B 415 62.11 -25.94 -25.87
C LYS B 415 61.40 -27.16 -25.31
N LYS B 416 61.22 -27.17 -24.00
CA LYS B 416 60.55 -28.28 -23.40
C LYS B 416 59.07 -28.17 -23.70
N PHE B 417 58.55 -26.96 -23.80
CA PHE B 417 57.13 -26.84 -24.11
C PHE B 417 56.86 -27.27 -25.53
N VAL B 418 57.68 -26.73 -26.45
CA VAL B 418 57.52 -27.00 -27.88
C VAL B 418 57.52 -28.46 -28.28
N SER B 419 58.25 -29.31 -27.58
CA SER B 419 58.34 -30.72 -28.00
C SER B 419 57.68 -31.74 -27.08
N GLY B 420 57.01 -31.29 -26.04
CA GLY B 420 56.39 -32.24 -25.13
C GLY B 420 55.02 -32.65 -25.62
N ARG B 421 54.58 -33.86 -25.26
CA ARG B 421 53.26 -34.32 -25.67
C ARG B 421 52.34 -33.33 -25.07
N LYS B 422 51.45 -32.75 -25.87
CA LYS B 422 50.59 -31.66 -25.40
C LYS B 422 49.28 -32.02 -24.74
N SER B 423 48.65 -31.04 -24.12
CA SER B 423 47.33 -31.25 -23.50
C SER B 423 46.51 -30.04 -23.78
N MET B 424 45.23 -30.21 -24.15
CA MET B 424 44.46 -29.07 -24.46
C MET B 424 42.96 -29.16 -24.12
N ALA B 425 42.39 -28.03 -23.70
CA ALA B 425 40.97 -27.91 -23.37
C ALA B 425 40.49 -26.67 -24.06
N ALA B 426 39.27 -26.72 -24.59
CA ALA B 426 38.74 -25.58 -25.28
C ALA B 426 37.20 -25.57 -25.21
N SER B 427 36.57 -24.41 -25.09
CA SER B 427 35.13 -24.35 -25.01
C SER B 427 34.69 -23.18 -25.85
N GLY B 428 33.50 -23.27 -26.44
CA GLY B 428 33.01 -22.22 -27.32
C GLY B 428 32.49 -22.84 -28.61
N ASN B 429 32.33 -22.04 -29.65
CA ASN B 429 31.95 -22.57 -30.92
C ASN B 429 33.26 -22.99 -31.53
N LEU B 430 33.58 -24.28 -31.40
CA LEU B 430 34.87 -24.82 -31.80
C LEU B 430 35.12 -25.04 -33.27
N GLY B 431 34.20 -24.64 -34.13
CA GLY B 431 34.37 -24.86 -35.56
C GLY B 431 35.69 -24.47 -36.23
N HIS B 432 36.45 -23.57 -35.65
CA HIS B 432 37.74 -23.22 -36.27
C HIS B 432 38.87 -23.35 -35.22
N THR B 433 38.58 -24.01 -34.10
CA THR B 433 39.58 -24.22 -33.06
C THR B 433 40.32 -25.51 -33.42
N PRO B 434 41.62 -25.42 -33.76
CA PRO B 434 42.43 -26.56 -34.19
C PRO B 434 42.50 -27.64 -33.17
N PHE B 435 42.92 -28.84 -33.58
CA PHE B 435 42.96 -30.04 -32.71
C PHE B 435 44.25 -30.54 -32.09
N ILE B 436 45.36 -29.83 -32.16
CA ILE B 436 46.71 -30.41 -31.66
C ILE B 436 47.31 -31.07 -32.84
N ASP B 437 46.67 -32.13 -33.35
CA ASP B 437 47.07 -32.73 -34.64
C ASP B 437 47.52 -31.60 -35.53
N GLU B 438 46.65 -30.62 -35.66
CA GLU B 438 46.83 -29.51 -36.55
C GLU B 438 47.63 -28.31 -36.03
N LEU B 439 48.38 -28.47 -34.94
CA LEU B 439 49.08 -27.29 -34.45
C LEU B 439 50.47 -27.10 -35.02
N ASN C 3 4.21 -10.31 5.91
CA ASN C 3 4.22 -11.77 6.36
C ASN C 3 2.89 -12.28 6.96
N ILE C 4 2.51 -11.76 8.12
CA ILE C 4 1.31 -12.22 8.84
C ILE C 4 0.02 -12.12 8.01
N ARG C 5 -0.11 -11.06 7.23
CA ARG C 5 -1.27 -10.83 6.38
C ARG C 5 -1.38 -11.87 5.32
N LYS C 6 -0.23 -12.30 4.80
CA LYS C 6 -0.24 -13.21 3.68
C LYS C 6 -0.54 -14.65 4.01
N SER C 7 -0.10 -15.09 5.19
CA SER C 7 -0.17 -16.50 5.57
C SER C 7 -1.38 -16.95 6.40
N HIS C 8 -1.76 -16.16 7.40
CA HIS C 8 -2.90 -16.46 8.29
C HIS C 8 -4.21 -16.71 7.50
N PRO C 9 -4.85 -17.85 7.76
CA PRO C 9 -6.09 -18.26 7.08
C PRO C 9 -7.18 -17.24 6.91
N LEU C 10 -7.41 -16.38 7.91
CA LEU C 10 -8.45 -15.34 7.78
C LEU C 10 -7.89 -14.13 7.07
N MET C 11 -6.70 -13.69 7.46
CA MET C 11 -6.09 -12.52 6.82
C MET C 11 -5.96 -12.65 5.33
N LYS C 12 -5.52 -13.84 4.85
CA LYS C 12 -5.43 -14.13 3.40
C LYS C 12 -6.65 -13.57 2.69
N ILE C 13 -7.82 -14.01 3.14
CA ILE C 13 -9.06 -13.57 2.55
C ILE C 13 -9.11 -12.06 2.46
N VAL C 14 -8.87 -11.38 3.58
CA VAL C 14 -8.92 -9.92 3.59
C VAL C 14 -7.87 -9.36 2.62
N ASN C 15 -6.67 -9.88 2.72
CA ASN C 15 -5.55 -9.48 1.90
C ASN C 15 -5.84 -9.66 0.42
N ASN C 16 -6.41 -10.81 0.07
CA ASN C 16 -6.70 -11.09 -1.32
C ASN C 16 -7.88 -10.28 -1.85
N ALA C 17 -8.72 -9.75 -0.96
CA ALA C 17 -9.91 -8.98 -1.40
C ALA C 17 -9.79 -7.46 -1.30
N PHE C 18 -9.07 -6.95 -0.32
CA PHE C 18 -8.97 -5.52 -0.15
C PHE C 18 -7.53 -4.95 -0.01
N ILE C 19 -6.52 -5.79 0.11
CA ILE C 19 -5.17 -5.24 0.26
C ILE C 19 -4.26 -5.38 -0.97
N ASP C 20 -3.89 -6.60 -1.31
CA ASP C 20 -2.98 -6.81 -2.42
C ASP C 20 -3.65 -7.18 -3.70
N LEU C 21 -4.95 -7.06 -3.76
CA LEU C 21 -5.68 -7.43 -4.94
C LEU C 21 -5.22 -6.51 -6.05
N PRO C 22 -4.71 -7.08 -7.12
CA PRO C 22 -4.29 -6.28 -8.28
C PRO C 22 -5.52 -5.69 -8.86
N ALA C 23 -5.62 -4.36 -8.98
CA ALA C 23 -6.78 -3.71 -9.60
C ALA C 23 -6.33 -2.72 -10.73
N PRO C 24 -7.18 -2.47 -11.72
CA PRO C 24 -6.79 -1.61 -12.83
C PRO C 24 -6.59 -0.22 -12.32
N SER C 25 -5.57 0.46 -12.78
CA SER C 25 -5.27 1.79 -12.28
C SER C 25 -6.14 2.70 -12.93
N ASN C 26 -7.19 2.16 -13.49
CA ASN C 26 -8.04 2.87 -14.40
C ASN C 26 -9.52 3.08 -14.04
N ILE C 27 -10.01 2.39 -13.02
CA ILE C 27 -11.42 2.48 -12.75
C ILE C 27 -11.84 3.82 -12.29
N SER C 28 -13.02 4.22 -12.76
CA SER C 28 -13.57 5.51 -12.48
C SER C 28 -14.70 5.42 -11.46
N SER C 29 -15.31 6.58 -11.18
CA SER C 29 -16.41 6.69 -10.21
C SER C 29 -17.48 5.64 -10.34
N TRP C 30 -17.79 5.24 -11.56
CA TRP C 30 -18.79 4.21 -11.76
C TRP C 30 -18.41 2.84 -11.17
N TRP C 31 -17.22 2.70 -10.61
CA TRP C 31 -16.88 1.47 -10.00
C TRP C 31 -17.07 1.57 -8.52
N ASN C 32 -17.54 2.69 -8.03
CA ASN C 32 -17.65 2.83 -6.60
C ASN C 32 -18.89 2.26 -6.02
N PHE C 33 -19.90 2.07 -6.88
CA PHE C 33 -21.20 1.55 -6.43
C PHE C 33 -21.10 0.10 -5.84
N GLY C 34 -20.00 -0.58 -6.17
CA GLY C 34 -19.75 -1.87 -5.63
C GLY C 34 -19.66 -1.79 -4.09
N SER C 35 -18.75 -0.96 -3.58
CA SER C 35 -18.61 -0.80 -2.14
C SER C 35 -19.84 -0.12 -1.60
N LEU C 36 -20.35 0.85 -2.33
CA LEU C 36 -21.52 1.56 -1.89
C LEU C 36 -22.70 0.61 -1.61
N LEU C 37 -22.93 -0.37 -2.47
CA LEU C 37 -24.00 -1.33 -2.20
C LEU C 37 -23.61 -2.09 -0.89
N GLY C 38 -22.36 -2.56 -0.83
CA GLY C 38 -21.85 -3.21 0.34
C GLY C 38 -22.18 -2.34 1.56
N ILE C 39 -21.84 -1.03 1.49
CA ILE C 39 -22.14 -0.10 2.58
C ILE C 39 -23.65 -0.05 2.85
N CYS C 40 -24.44 0.13 1.79
CA CYS C 40 -25.89 0.21 1.91
C CYS C 40 -26.44 -1.06 2.54
N LEU C 41 -25.84 -2.20 2.20
CA LEU C 41 -26.32 -3.43 2.75
C LEU C 41 -26.14 -3.44 4.22
N ILE C 42 -24.95 -3.04 4.70
CA ILE C 42 -24.74 -3.03 6.17
C ILE C 42 -25.55 -1.98 6.91
N LEU C 43 -25.62 -0.77 6.34
CA LEU C 43 -26.38 0.30 6.94
C LEU C 43 -27.83 -0.11 7.03
N GLN C 44 -28.28 -0.87 6.04
CA GLN C 44 -29.65 -1.35 6.06
C GLN C 44 -29.94 -2.52 7.00
N ILE C 45 -28.90 -3.20 7.46
CA ILE C 45 -29.08 -4.32 8.37
C ILE C 45 -28.99 -3.78 9.79
N LEU C 46 -28.04 -2.86 9.99
CA LEU C 46 -27.79 -2.22 11.26
C LEU C 46 -28.98 -1.33 11.76
N THR C 47 -29.49 -0.41 10.93
CA THR C 47 -30.65 0.38 11.36
C THR C 47 -31.85 -0.52 11.34
N GLY C 48 -31.83 -1.55 10.50
CA GLY C 48 -32.92 -2.51 10.46
C GLY C 48 -33.08 -3.31 11.76
N LEU C 49 -31.96 -3.74 12.35
CA LEU C 49 -32.00 -4.52 13.58
C LEU C 49 -32.53 -3.66 14.74
N PHE C 50 -32.04 -2.44 14.84
CA PHE C 50 -32.46 -1.54 15.91
C PHE C 50 -33.97 -1.23 15.80
N LEU C 51 -34.48 -1.27 14.59
CA LEU C 51 -35.88 -1.04 14.36
C LEU C 51 -36.66 -2.25 14.90
N ALA C 52 -36.12 -3.45 14.68
CA ALA C 52 -36.81 -4.69 15.13
C ALA C 52 -36.86 -4.84 16.64
N MET C 53 -36.13 -3.98 17.35
CA MET C 53 -36.12 -4.01 18.83
C MET C 53 -37.33 -3.23 19.44
N HIS C 54 -38.13 -2.62 18.57
CA HIS C 54 -39.24 -1.84 19.02
C HIS C 54 -40.47 -2.06 18.17
N TYR C 55 -40.26 -2.55 16.96
CA TYR C 55 -41.37 -2.81 16.06
C TYR C 55 -42.08 -4.11 16.47
N THR C 56 -43.39 -4.18 16.24
CA THR C 56 -44.14 -5.40 16.51
C THR C 56 -44.88 -5.74 15.21
N SER C 57 -44.89 -7.00 14.80
CA SER C 57 -45.52 -7.35 13.55
C SER C 57 -46.97 -7.79 13.63
N ASP C 58 -47.77 -7.15 14.48
CA ASP C 58 -49.18 -7.50 14.59
C ASP C 58 -50.05 -6.30 14.14
N THR C 59 -51.01 -6.57 13.26
CA THR C 59 -51.93 -5.54 12.69
C THR C 59 -52.39 -4.40 13.62
N THR C 60 -52.79 -4.75 14.84
CA THR C 60 -53.31 -3.76 15.79
C THR C 60 -52.28 -2.85 16.44
N THR C 61 -51.00 -3.21 16.31
CA THR C 61 -49.94 -2.41 16.92
C THR C 61 -48.88 -2.05 15.92
N ALA C 62 -48.93 -2.68 14.74
CA ALA C 62 -47.95 -2.46 13.69
C ALA C 62 -47.63 -0.98 13.46
N PHE C 63 -48.64 -0.23 13.00
CA PHE C 63 -48.51 1.19 12.74
C PHE C 63 -48.14 1.94 14.02
N SER C 64 -48.82 1.59 15.12
CA SER C 64 -48.59 2.25 16.40
C SER C 64 -47.14 2.12 16.87
N SER C 65 -46.54 0.96 16.64
CA SER C 65 -45.16 0.72 17.02
C SER C 65 -44.19 1.53 16.23
N VAL C 66 -44.52 1.80 14.98
CA VAL C 66 -43.69 2.63 14.13
C VAL C 66 -43.75 4.10 14.65
N THR C 67 -44.95 4.55 15.10
CA THR C 67 -45.07 5.90 15.68
C THR C 67 -44.34 5.91 17.00
N HIS C 68 -44.50 4.83 17.77
CA HIS C 68 -43.81 4.71 19.05
C HIS C 68 -42.31 4.99 18.88
N ILE C 69 -41.76 4.49 17.78
CA ILE C 69 -40.35 4.65 17.48
C ILE C 69 -39.95 6.10 17.20
N CYS C 70 -40.74 6.80 16.41
CA CYS C 70 -40.40 8.15 16.04
C CYS C 70 -40.62 9.20 17.12
N ARG C 71 -41.48 8.93 18.10
CA ARG C 71 -41.80 9.92 19.13
C ARG C 71 -41.13 9.61 20.43
N ASP C 72 -41.20 8.35 20.82
CA ASP C 72 -40.72 7.96 22.12
C ASP C 72 -39.32 7.37 22.19
N VAL C 73 -38.99 6.50 21.22
CA VAL C 73 -37.67 5.87 21.20
C VAL C 73 -36.62 6.90 20.91
N ASN C 74 -35.62 6.98 21.78
CA ASN C 74 -34.56 7.95 21.60
C ASN C 74 -33.93 7.78 20.24
N TYR C 75 -33.91 8.83 19.47
CA TYR C 75 -33.30 8.80 18.17
C TYR C 75 -33.92 7.75 17.27
N GLY C 76 -35.14 7.34 17.62
CA GLY C 76 -35.83 6.36 16.83
C GLY C 76 -36.09 6.91 15.43
N TRP C 77 -36.43 8.21 15.37
CA TRP C 77 -36.74 8.86 14.11
C TRP C 77 -35.64 8.79 13.07
N ILE C 78 -34.40 9.08 13.45
CA ILE C 78 -33.30 9.01 12.48
C ILE C 78 -33.15 7.61 12.05
N ILE C 79 -33.13 6.69 13.02
CA ILE C 79 -33.01 5.28 12.69
C ILE C 79 -34.08 4.90 11.69
N ARG C 80 -35.34 5.27 11.98
CA ARG C 80 -36.43 4.98 11.05
C ARG C 80 -36.20 5.58 9.64
N TYR C 81 -35.92 6.89 9.56
CA TYR C 81 -35.71 7.53 8.25
C TYR C 81 -34.45 7.08 7.49
N MET C 82 -33.40 6.69 8.23
CA MET C 82 -32.21 6.21 7.60
C MET C 82 -32.54 4.89 6.91
N HIS C 83 -33.39 4.07 7.55
CA HIS C 83 -33.80 2.81 6.96
C HIS C 83 -34.58 3.16 5.69
N ALA C 84 -35.63 3.94 5.87
CA ALA C 84 -36.46 4.38 4.76
C ALA C 84 -35.62 4.90 3.57
N ASN C 85 -34.78 5.89 3.82
CA ASN C 85 -34.00 6.47 2.75
C ASN C 85 -32.86 5.61 2.21
N GLY C 86 -32.36 4.74 3.06
CA GLY C 86 -31.30 3.85 2.67
C GLY C 86 -31.83 2.87 1.65
N ALA C 87 -33.13 2.62 1.70
CA ALA C 87 -33.74 1.71 0.76
C ALA C 87 -33.71 2.33 -0.64
N SER C 88 -33.92 3.63 -0.72
CA SER C 88 -33.87 4.28 -1.99
C SER C 88 -32.44 4.48 -2.40
N MET C 89 -31.58 4.80 -1.43
CA MET C 89 -30.17 4.94 -1.72
C MET C 89 -29.63 3.62 -2.24
N PHE C 90 -30.10 2.50 -1.67
CA PHE C 90 -29.70 1.18 -2.13
C PHE C 90 -30.20 0.99 -3.54
N PHE C 91 -31.32 1.58 -3.90
CA PHE C 91 -31.79 1.39 -5.25
C PHE C 91 -31.11 2.23 -6.30
N ILE C 92 -30.72 3.46 -5.95
CA ILE C 92 -30.02 4.33 -6.88
C ILE C 92 -28.66 3.65 -7.19
N CYS C 93 -28.01 3.18 -6.13
CA CYS C 93 -26.74 2.53 -6.31
C CYS C 93 -26.90 1.28 -7.15
N LEU C 94 -27.93 0.50 -6.84
CA LEU C 94 -28.21 -0.73 -7.59
C LEU C 94 -28.38 -0.35 -9.05
N TYR C 95 -29.16 0.69 -9.31
CA TYR C 95 -29.37 1.12 -10.70
C TYR C 95 -28.09 1.65 -11.38
N MET C 96 -27.25 2.39 -10.67
CA MET C 96 -25.96 2.83 -11.24
C MET C 96 -25.10 1.58 -11.65
N HIS C 97 -24.94 0.66 -10.69
CA HIS C 97 -24.16 -0.57 -10.82
C HIS C 97 -24.56 -1.41 -12.02
N VAL C 98 -25.87 -1.68 -12.18
CA VAL C 98 -26.32 -2.47 -13.30
C VAL C 98 -26.01 -1.71 -14.55
N GLY C 99 -26.34 -0.44 -14.55
CA GLY C 99 -26.09 0.38 -15.69
C GLY C 99 -24.62 0.40 -16.06
N ARG C 100 -23.76 0.53 -15.06
CA ARG C 100 -22.34 0.62 -15.32
C ARG C 100 -21.86 -0.58 -16.09
N GLY C 101 -22.32 -1.74 -15.66
CA GLY C 101 -21.92 -2.97 -16.26
C GLY C 101 -22.41 -3.10 -17.66
N LEU C 102 -23.60 -2.59 -17.90
CA LEU C 102 -24.20 -2.69 -19.20
C LEU C 102 -23.38 -1.85 -20.17
N TYR C 103 -23.07 -0.63 -19.77
CA TYR C 103 -22.31 0.27 -20.60
C TYR C 103 -20.93 -0.24 -20.85
N TYR C 104 -20.27 -0.75 -19.82
CA TYR C 104 -18.89 -1.18 -19.98
C TYR C 104 -18.64 -2.64 -20.37
N GLY C 105 -19.68 -3.43 -20.64
CA GLY C 105 -19.45 -4.83 -21.02
C GLY C 105 -19.03 -5.73 -19.83
N SER C 106 -19.17 -5.22 -18.63
CA SER C 106 -18.82 -5.99 -17.51
C SER C 106 -19.58 -7.32 -17.45
N TYR C 107 -20.74 -7.37 -18.10
CA TYR C 107 -21.55 -8.58 -18.12
C TYR C 107 -20.89 -9.78 -18.78
N THR C 108 -19.75 -9.58 -19.43
CA THR C 108 -19.10 -10.70 -20.09
C THR C 108 -18.61 -11.69 -19.08
N PHE C 109 -18.59 -11.28 -17.81
CA PHE C 109 -18.28 -12.14 -16.67
C PHE C 109 -19.64 -12.78 -16.29
N LEU C 110 -20.12 -13.77 -17.05
CA LEU C 110 -21.48 -14.36 -16.80
C LEU C 110 -21.83 -14.66 -15.33
N GLU C 111 -21.01 -15.54 -14.68
CA GLU C 111 -21.28 -15.96 -13.28
C GLU C 111 -21.48 -14.74 -12.37
N THR C 112 -20.48 -13.85 -12.33
CA THR C 112 -20.58 -12.64 -11.52
C THR C 112 -21.88 -11.95 -11.81
N TRP C 113 -22.14 -11.70 -13.11
CA TRP C 113 -23.37 -10.98 -13.57
C TRP C 113 -24.62 -11.71 -13.19
N ASN C 114 -24.68 -12.99 -13.52
CA ASN C 114 -25.87 -13.74 -13.20
C ASN C 114 -26.16 -13.71 -11.74
N ILE C 115 -25.11 -13.85 -10.92
CA ILE C 115 -25.30 -13.74 -9.49
C ILE C 115 -25.86 -12.31 -9.19
N GLY C 116 -25.36 -11.33 -9.94
CA GLY C 116 -25.83 -9.97 -9.77
C GLY C 116 -27.33 -9.85 -9.98
N VAL C 117 -27.85 -10.57 -10.98
CA VAL C 117 -29.28 -10.54 -11.26
C VAL C 117 -30.04 -11.17 -10.09
N ILE C 118 -29.49 -12.28 -9.55
CA ILE C 118 -30.08 -12.90 -8.38
C ILE C 118 -30.05 -11.86 -7.24
N LEU C 119 -28.98 -11.05 -7.18
CA LEU C 119 -28.88 -10.01 -6.14
C LEU C 119 -29.87 -8.93 -6.39
N LEU C 120 -30.14 -8.62 -7.66
CA LEU C 120 -31.13 -7.58 -7.94
C LEU C 120 -32.51 -8.06 -7.46
N LEU C 121 -32.92 -9.26 -7.91
CA LEU C 121 -34.20 -9.83 -7.51
C LEU C 121 -34.36 -9.90 -5.98
N THR C 122 -33.31 -10.40 -5.31
CA THR C 122 -33.36 -10.58 -3.86
C THR C 122 -33.60 -9.29 -3.13
N VAL C 123 -32.93 -8.20 -3.53
CA VAL C 123 -33.22 -6.94 -2.82
C VAL C 123 -34.59 -6.37 -3.20
N MET C 124 -35.05 -6.64 -4.42
CA MET C 124 -36.38 -6.17 -4.81
C MET C 124 -37.42 -6.89 -3.93
N ALA C 125 -37.35 -8.23 -3.90
CA ALA C 125 -38.27 -8.98 -3.05
C ALA C 125 -38.15 -8.50 -1.65
N THR C 126 -36.91 -8.24 -1.20
CA THR C 126 -36.71 -7.75 0.17
C THR C 126 -37.37 -6.42 0.44
N ALA C 127 -37.13 -5.43 -0.43
CA ALA C 127 -37.66 -4.10 -0.24
C ALA C 127 -39.16 -4.05 -0.32
N PHE C 128 -39.72 -4.87 -1.20
CA PHE C 128 -41.16 -4.91 -1.35
C PHE C 128 -41.82 -5.35 -0.05
N MET C 129 -41.22 -6.30 0.64
CA MET C 129 -41.77 -6.74 1.90
C MET C 129 -41.59 -5.66 2.97
N GLY C 130 -40.49 -4.92 2.85
CA GLY C 130 -40.18 -3.87 3.80
C GLY C 130 -41.25 -2.83 3.89
N TYR C 131 -41.66 -2.34 2.74
CA TYR C 131 -42.68 -1.31 2.64
C TYR C 131 -44.07 -1.68 3.23
N VAL C 132 -44.37 -2.98 3.32
CA VAL C 132 -45.68 -3.41 3.82
C VAL C 132 -45.73 -3.34 5.33
N LEU C 133 -44.57 -3.54 5.97
CA LEU C 133 -44.46 -3.56 7.44
C LEU C 133 -45.15 -2.46 8.29
N PRO C 134 -45.06 -1.17 7.91
CA PRO C 134 -45.73 -0.09 8.68
C PRO C 134 -47.24 -0.22 8.66
N TRP C 135 -47.77 -0.98 7.70
CA TRP C 135 -49.19 -1.22 7.55
C TRP C 135 -49.89 0.10 7.33
N GLY C 136 -49.45 0.80 6.29
CA GLY C 136 -50.03 2.05 5.86
C GLY C 136 -50.96 1.78 4.68
N GLN C 137 -51.69 2.80 4.25
CA GLN C 137 -52.61 2.67 3.13
C GLN C 137 -51.90 2.07 1.94
N MET C 138 -50.75 2.62 1.60
CA MET C 138 -49.99 2.11 0.48
C MET C 138 -49.35 0.80 0.77
N SER C 139 -49.04 0.56 2.04
CA SER C 139 -48.42 -0.71 2.42
C SER C 139 -49.37 -1.87 2.16
N PHE C 140 -50.63 -1.67 2.47
CA PHE C 140 -51.64 -2.70 2.29
C PHE C 140 -52.07 -2.89 0.84
N TRP C 141 -52.33 -1.79 0.15
CA TRP C 141 -52.79 -1.85 -1.23
C TRP C 141 -51.68 -2.17 -2.20
N GLY C 142 -50.49 -1.70 -1.90
CA GLY C 142 -49.35 -2.06 -2.69
C GLY C 142 -49.12 -3.55 -2.43
N ALA C 143 -49.38 -4.00 -1.18
CA ALA C 143 -49.24 -5.42 -0.87
C ALA C 143 -50.28 -6.21 -1.61
N THR C 144 -51.46 -5.61 -1.78
CA THR C 144 -52.55 -6.26 -2.47
C THR C 144 -52.29 -6.31 -3.97
N VAL C 145 -52.19 -5.13 -4.58
CA VAL C 145 -52.01 -5.03 -6.02
C VAL C 145 -50.89 -5.91 -6.58
N ILE C 146 -49.71 -5.82 -5.97
CA ILE C 146 -48.54 -6.54 -6.43
C ILE C 146 -48.62 -8.04 -6.24
N THR C 147 -49.00 -8.47 -5.05
CA THR C 147 -49.09 -9.91 -4.74
C THR C 147 -50.10 -10.63 -5.64
N ASN C 148 -51.23 -9.96 -5.91
CA ASN C 148 -52.29 -10.49 -6.77
C ASN C 148 -51.88 -10.83 -8.20
N LEU C 149 -50.74 -10.31 -8.66
CA LEU C 149 -50.26 -10.59 -10.02
C LEU C 149 -50.11 -12.08 -10.27
N LEU C 150 -49.58 -12.78 -9.26
CA LEU C 150 -49.34 -14.21 -9.36
C LEU C 150 -50.61 -15.02 -9.74
N SER C 151 -51.79 -14.39 -9.62
CA SER C 151 -53.05 -15.05 -9.95
C SER C 151 -53.27 -15.16 -11.46
N ALA C 152 -52.33 -14.65 -12.25
CA ALA C 152 -52.40 -14.74 -13.71
C ALA C 152 -51.81 -16.06 -14.20
N ILE C 153 -51.03 -16.70 -13.35
CA ILE C 153 -50.44 -17.96 -13.69
C ILE C 153 -51.58 -18.99 -13.76
N PRO C 154 -51.70 -19.65 -14.91
CA PRO C 154 -52.79 -20.59 -15.17
C PRO C 154 -52.83 -21.87 -14.30
N TYR C 155 -54.03 -22.21 -13.80
CA TYR C 155 -54.25 -23.46 -13.04
C TYR C 155 -53.49 -23.60 -11.70
N ILE C 156 -52.57 -22.69 -11.43
CA ILE C 156 -51.75 -22.74 -10.19
C ILE C 156 -51.97 -21.45 -9.41
N GLY C 157 -52.13 -20.35 -10.15
CA GLY C 157 -52.25 -18.99 -9.62
C GLY C 157 -53.15 -18.68 -8.45
N THR C 158 -54.41 -19.10 -8.49
CA THR C 158 -55.31 -18.81 -7.40
C THR C 158 -54.73 -19.38 -6.13
N ASN C 159 -54.45 -20.69 -6.14
CA ASN C 159 -53.84 -21.38 -5.01
C ASN C 159 -52.54 -20.68 -4.53
N LEU C 160 -51.69 -20.27 -5.48
CA LEU C 160 -50.44 -19.59 -5.15
C LEU C 160 -50.65 -18.33 -4.34
N VAL C 161 -51.50 -17.45 -4.84
CA VAL C 161 -51.77 -16.20 -4.17
C VAL C 161 -52.36 -16.43 -2.78
N GLU C 162 -53.24 -17.41 -2.67
CA GLU C 162 -53.83 -17.73 -1.39
C GLU C 162 -52.79 -18.39 -0.46
N TRP C 163 -51.81 -19.07 -1.04
CA TRP C 163 -50.77 -19.71 -0.22
C TRP C 163 -49.91 -18.67 0.42
N ILE C 164 -49.40 -17.71 -0.36
CA ILE C 164 -48.54 -16.71 0.23
C ILE C 164 -49.25 -15.67 1.06
N TRP C 165 -50.51 -15.43 0.75
CA TRP C 165 -51.31 -14.44 1.48
C TRP C 165 -51.58 -14.88 2.90
N GLY C 166 -51.87 -16.17 3.08
CA GLY C 166 -52.16 -16.71 4.40
C GLY C 166 -53.66 -16.71 4.67
N GLY C 167 -54.37 -15.84 3.99
CA GLY C 167 -55.79 -15.76 4.10
C GLY C 167 -56.39 -15.64 2.71
N PHE C 168 -57.41 -14.82 2.59
CA PHE C 168 -58.04 -14.58 1.31
C PHE C 168 -57.76 -13.14 0.96
N SER C 169 -56.98 -12.50 1.82
CA SER C 169 -56.61 -11.12 1.61
C SER C 169 -55.24 -10.92 2.18
N VAL C 170 -54.87 -9.66 2.34
CA VAL C 170 -53.62 -9.35 2.96
C VAL C 170 -53.98 -9.05 4.40
N ASP C 171 -54.06 -10.11 5.22
CA ASP C 171 -54.52 -9.97 6.61
C ASP C 171 -53.44 -10.04 7.70
N LYS C 172 -53.68 -10.86 8.73
CA LYS C 172 -52.78 -10.98 9.85
C LYS C 172 -51.60 -11.83 9.50
N ALA C 173 -51.87 -12.97 8.89
CA ALA C 173 -50.85 -13.92 8.51
C ALA C 173 -49.81 -13.27 7.62
N THR C 174 -50.27 -12.43 6.68
CA THR C 174 -49.38 -11.74 5.74
C THR C 174 -48.35 -10.78 6.38
N LEU C 175 -48.76 -9.98 7.36
CA LEU C 175 -47.79 -9.05 7.99
C LEU C 175 -46.66 -9.75 8.71
N THR C 176 -47.01 -10.68 9.62
CA THR C 176 -46.01 -11.42 10.39
C THR C 176 -45.13 -12.19 9.41
N ARG C 177 -45.78 -12.77 8.42
CA ARG C 177 -45.11 -13.52 7.38
C ARG C 177 -44.13 -12.62 6.73
N PHE C 178 -44.60 -11.56 6.10
CA PHE C 178 -43.70 -10.60 5.44
C PHE C 178 -42.57 -10.11 6.36
N PHE C 179 -42.81 -10.02 7.67
CA PHE C 179 -41.75 -9.59 8.60
C PHE C 179 -40.62 -10.60 8.61
N ALA C 180 -40.97 -11.85 8.88
CA ALA C 180 -40.00 -12.93 8.96
C ALA C 180 -39.09 -12.97 7.72
N PHE C 181 -39.68 -12.94 6.53
CA PHE C 181 -38.86 -12.94 5.30
C PHE C 181 -38.03 -11.67 5.14
N HIS C 182 -38.53 -10.53 5.64
CA HIS C 182 -37.78 -9.28 5.56
C HIS C 182 -36.60 -9.30 6.50
N PHE C 183 -36.65 -10.19 7.49
CA PHE C 183 -35.54 -10.28 8.41
C PHE C 183 -34.50 -11.24 7.81
N ILE C 184 -34.97 -12.37 7.30
CA ILE C 184 -34.08 -13.41 6.78
C ILE C 184 -33.41 -13.06 5.44
N LEU C 185 -34.08 -12.28 4.61
CA LEU C 185 -33.53 -11.97 3.31
C LEU C 185 -32.15 -11.30 3.16
N PRO C 186 -31.89 -10.20 3.86
CA PRO C 186 -30.57 -9.54 3.77
C PRO C 186 -29.36 -10.43 4.21
N PHE C 187 -29.57 -11.43 5.06
CA PHE C 187 -28.45 -12.29 5.39
C PHE C 187 -28.17 -13.19 4.21
N ILE C 188 -29.23 -13.73 3.61
CA ILE C 188 -29.05 -14.53 2.42
C ILE C 188 -28.37 -13.65 1.37
N ILE C 189 -28.90 -12.42 1.17
CA ILE C 189 -28.27 -11.45 0.23
C ILE C 189 -26.77 -11.38 0.48
N MET C 190 -26.37 -11.32 1.75
CA MET C 190 -24.96 -11.23 2.06
C MET C 190 -24.21 -12.42 1.56
N ALA C 191 -24.56 -13.62 2.00
CA ALA C 191 -23.86 -14.80 1.49
C ALA C 191 -23.73 -14.69 -0.07
N ILE C 192 -24.80 -14.30 -0.73
CA ILE C 192 -24.77 -14.22 -2.17
C ILE C 192 -23.77 -13.16 -2.66
N ALA C 193 -23.66 -12.02 -1.96
CA ALA C 193 -22.70 -10.96 -2.34
C ALA C 193 -21.25 -11.48 -2.16
N MET C 194 -21.07 -12.38 -1.21
CA MET C 194 -19.76 -12.96 -1.03
C MET C 194 -19.45 -13.79 -2.27
N VAL C 195 -20.40 -14.60 -2.72
CA VAL C 195 -20.21 -15.40 -3.93
C VAL C 195 -20.06 -14.45 -5.17
N HIS C 196 -20.75 -13.31 -5.13
CA HIS C 196 -20.64 -12.32 -6.19
C HIS C 196 -19.15 -11.92 -6.24
N LEU C 197 -18.62 -11.54 -5.09
CA LEU C 197 -17.23 -11.13 -4.98
C LEU C 197 -16.29 -12.32 -5.27
N LEU C 198 -16.72 -13.54 -4.91
CA LEU C 198 -15.89 -14.75 -5.16
C LEU C 198 -15.67 -14.94 -6.66
N PHE C 199 -16.74 -14.87 -7.46
CA PHE C 199 -16.59 -15.01 -8.91
C PHE C 199 -15.86 -13.85 -9.53
N LEU C 200 -16.10 -12.64 -9.02
CA LEU C 200 -15.43 -11.45 -9.53
C LEU C 200 -13.89 -11.57 -9.34
N HIS C 201 -13.47 -12.07 -8.17
CA HIS C 201 -12.04 -12.16 -7.89
C HIS C 201 -11.27 -13.07 -8.80
N GLU C 202 -12.00 -13.97 -9.42
CA GLU C 202 -11.41 -14.91 -10.35
C GLU C 202 -10.83 -14.18 -11.62
N THR C 203 -11.30 -12.95 -11.93
CA THR C 203 -10.72 -12.19 -13.06
C THR C 203 -10.26 -10.80 -12.71
N GLY C 204 -10.65 -10.28 -11.57
CA GLY C 204 -10.27 -8.92 -11.28
C GLY C 204 -11.26 -8.05 -12.03
N SER C 205 -11.22 -6.74 -11.79
CA SER C 205 -12.18 -5.84 -12.41
C SER C 205 -11.94 -5.50 -13.87
N ASN C 206 -13.00 -5.05 -14.53
CA ASN C 206 -12.97 -4.56 -15.91
C ASN C 206 -12.63 -3.08 -15.72
N ASN C 207 -12.54 -2.29 -16.80
CA ASN C 207 -12.26 -0.84 -16.71
C ASN C 207 -12.92 -0.14 -17.87
N PRO C 208 -12.99 1.17 -17.82
CA PRO C 208 -13.64 1.90 -18.88
C PRO C 208 -13.27 1.56 -20.31
N THR C 209 -12.07 1.11 -20.59
CA THR C 209 -11.71 0.87 -22.00
C THR C 209 -12.16 -0.45 -22.46
N GLY C 210 -12.40 -1.32 -21.52
CA GLY C 210 -12.77 -2.68 -21.83
C GLY C 210 -11.56 -3.39 -22.45
N ILE C 211 -10.41 -2.72 -22.44
CA ILE C 211 -9.30 -3.32 -23.02
C ILE C 211 -8.70 -4.45 -22.23
N SER C 212 -8.07 -4.14 -21.10
CA SER C 212 -7.39 -5.20 -20.30
C SER C 212 -6.27 -4.59 -19.59
N SER C 213 -6.25 -4.78 -18.28
CA SER C 213 -5.33 -4.05 -17.46
C SER C 213 -4.21 -4.77 -16.76
N ASP C 214 -3.92 -6.03 -17.15
CA ASP C 214 -2.82 -6.79 -16.55
C ASP C 214 -1.56 -6.06 -16.74
N VAL C 215 -1.53 -5.22 -17.74
CA VAL C 215 -0.38 -4.46 -18.06
C VAL C 215 -0.17 -3.26 -17.17
N ASP C 216 -1.19 -2.90 -16.41
CA ASP C 216 -1.10 -1.77 -15.50
C ASP C 216 -2.04 -1.92 -14.27
N LYS C 217 -1.71 -2.80 -13.37
CA LYS C 217 -2.52 -2.99 -12.17
C LYS C 217 -1.85 -2.26 -11.01
N ILE C 218 -2.67 -1.83 -10.06
CA ILE C 218 -2.17 -1.22 -8.83
C ILE C 218 -2.86 -1.93 -7.67
N PRO C 219 -2.20 -2.01 -6.52
CA PRO C 219 -2.76 -2.75 -5.38
C PRO C 219 -4.00 -2.07 -4.92
N PHE C 220 -4.97 -2.83 -4.49
CA PHE C 220 -6.19 -2.24 -3.99
C PHE C 220 -5.87 -1.37 -2.82
N HIS C 221 -4.74 -1.48 -2.18
CA HIS C 221 -4.75 -0.68 -0.98
C HIS C 221 -4.41 0.78 -1.23
N PRO C 222 -3.43 1.59 -0.87
CA PRO C 222 -3.85 3.03 -0.72
C PRO C 222 -4.96 3.39 -1.67
N TYR C 223 -4.66 3.26 -2.96
CA TYR C 223 -5.52 3.63 -4.05
C TYR C 223 -7.05 3.46 -4.00
N TYR C 224 -7.54 2.25 -3.80
CA TYR C 224 -9.00 2.07 -3.79
C TYR C 224 -9.66 1.93 -2.45
N THR C 225 -8.88 1.79 -1.37
CA THR C 225 -9.51 1.81 -0.08
C THR C 225 -9.86 3.26 0.13
N ILE C 226 -8.85 4.12 0.01
CA ILE C 226 -9.06 5.56 0.22
C ILE C 226 -10.02 6.20 -0.73
N LYS C 227 -10.16 5.67 -1.94
CA LYS C 227 -11.13 6.25 -2.88
C LYS C 227 -12.53 5.73 -2.57
N ASP C 228 -12.63 4.55 -1.94
CA ASP C 228 -13.95 4.04 -1.55
C ASP C 228 -14.44 4.79 -0.33
N ILE C 229 -13.48 5.18 0.51
CA ILE C 229 -13.79 5.91 1.70
C ILE C 229 -14.46 7.19 1.26
N LEU C 230 -13.72 8.03 0.53
CA LEU C 230 -14.25 9.29 -0.04
C LEU C 230 -15.59 8.99 -0.70
N GLY C 231 -15.69 7.82 -1.33
CA GLY C 231 -16.93 7.39 -1.97
C GLY C 231 -18.09 7.13 -0.99
N ALA C 232 -17.80 6.47 0.11
CA ALA C 232 -18.83 6.19 1.10
C ALA C 232 -19.29 7.49 1.73
N LEU C 233 -18.37 8.44 1.84
CA LEU C 233 -18.65 9.72 2.44
C LEU C 233 -19.73 10.45 1.64
N LEU C 234 -19.63 10.37 0.32
CA LEU C 234 -20.61 11.02 -0.53
C LEU C 234 -21.96 10.31 -0.45
N LEU C 235 -21.92 9.00 -0.15
CA LEU C 235 -23.16 8.23 -0.01
C LEU C 235 -23.84 8.74 1.18
N ILE C 236 -23.06 8.92 2.27
CA ILE C 236 -23.60 9.42 3.53
C ILE C 236 -24.24 10.78 3.32
N LEU C 237 -23.52 11.68 2.62
CA LEU C 237 -24.06 13.02 2.32
C LEU C 237 -25.42 12.90 1.68
N ALA C 238 -25.50 12.21 0.54
CA ALA C 238 -26.78 12.01 -0.15
C ALA C 238 -27.81 11.45 0.81
N LEU C 239 -27.47 10.35 1.48
CA LEU C 239 -28.39 9.75 2.45
C LEU C 239 -28.84 10.77 3.51
N MET C 240 -27.89 11.34 4.25
CA MET C 240 -28.23 12.30 5.31
C MET C 240 -28.95 13.58 4.84
N LEU C 241 -28.58 14.08 3.67
CA LEU C 241 -29.24 15.23 3.11
C LEU C 241 -30.69 14.85 2.90
N LEU C 242 -30.91 13.61 2.43
CA LEU C 242 -32.25 13.12 2.23
C LEU C 242 -32.96 12.98 3.58
N VAL C 243 -32.44 12.14 4.49
CA VAL C 243 -33.12 11.95 5.82
C VAL C 243 -33.26 13.12 6.81
N LEU C 244 -32.30 14.01 6.85
CA LEU C 244 -32.45 15.13 7.75
C LEU C 244 -33.33 16.23 7.14
N PHE C 245 -33.00 16.72 5.96
CA PHE C 245 -33.78 17.79 5.37
C PHE C 245 -35.12 17.37 4.74
N ALA C 246 -35.16 16.27 4.01
CA ALA C 246 -36.41 15.85 3.36
C ALA C 246 -36.76 14.36 3.58
N PRO C 247 -37.09 13.99 4.82
CA PRO C 247 -37.37 12.59 5.18
C PRO C 247 -38.48 11.90 4.37
N ASP C 248 -39.53 12.63 4.02
CA ASP C 248 -40.62 12.03 3.27
C ASP C 248 -40.62 12.36 1.78
N LEU C 249 -39.55 12.96 1.27
CA LEU C 249 -39.50 13.34 -0.16
C LEU C 249 -39.78 12.18 -1.15
N LEU C 250 -38.97 11.12 -1.08
CA LEU C 250 -39.10 9.98 -1.98
C LEU C 250 -40.20 9.01 -1.57
N GLY C 251 -40.77 9.22 -0.41
CA GLY C 251 -41.83 8.34 0.04
C GLY C 251 -43.12 9.01 -0.27
N ASP C 252 -42.98 10.31 -0.52
CA ASP C 252 -44.10 11.20 -0.79
C ASP C 252 -44.99 11.31 0.45
N PRO C 253 -45.49 12.49 0.71
CA PRO C 253 -46.48 12.63 1.78
C PRO C 253 -47.73 11.83 1.36
N ASP C 254 -47.97 10.67 1.98
CA ASP C 254 -49.14 9.81 1.64
C ASP C 254 -49.40 8.64 2.61
N ASN C 255 -48.43 7.71 2.65
CA ASN C 255 -48.50 6.43 3.42
C ASN C 255 -48.80 6.48 4.92
N TYR C 256 -49.10 7.66 5.45
CA TYR C 256 -49.51 7.75 6.85
C TYR C 256 -50.99 7.36 6.88
N THR C 257 -51.70 7.52 7.98
CA THR C 257 -53.09 6.98 8.10
C THR C 257 -53.07 5.44 7.92
N PRO C 258 -53.48 4.71 8.95
CA PRO C 258 -53.50 3.24 8.96
C PRO C 258 -54.15 2.53 7.76
N ALA C 259 -54.08 1.22 7.76
CA ALA C 259 -54.61 0.44 6.66
C ALA C 259 -56.10 0.31 6.78
N ASN C 260 -56.75 0.21 5.63
CA ASN C 260 -58.19 0.10 5.59
C ASN C 260 -58.52 -0.76 4.40
N PRO C 261 -58.83 -2.04 4.64
CA PRO C 261 -59.14 -2.99 3.56
C PRO C 261 -60.45 -2.72 2.78
N LEU C 262 -61.08 -1.59 3.00
CA LEU C 262 -62.33 -1.29 2.30
C LEU C 262 -62.22 0.01 1.51
N ASN C 263 -61.15 0.75 1.74
CA ASN C 263 -60.98 2.05 1.11
C ASN C 263 -60.68 2.04 -0.40
N THR C 264 -59.41 1.76 -0.75
CA THR C 264 -58.89 1.79 -2.14
C THR C 264 -58.68 3.22 -2.54
N PRO C 265 -57.48 3.73 -2.30
CA PRO C 265 -57.16 5.12 -2.63
C PRO C 265 -56.98 5.32 -4.11
N PRO C 266 -57.53 6.41 -4.67
CA PRO C 266 -57.30 6.76 -6.06
C PRO C 266 -55.85 7.19 -6.09
N HIS C 267 -54.96 6.25 -6.29
CA HIS C 267 -53.55 6.50 -6.19
C HIS C 267 -52.87 5.24 -6.69
N ILE C 268 -52.68 4.30 -5.77
CA ILE C 268 -52.05 3.02 -6.01
C ILE C 268 -50.90 2.92 -6.98
N LYS C 269 -49.70 2.97 -6.42
CA LYS C 269 -48.48 2.85 -7.18
C LYS C 269 -47.43 2.38 -6.19
N PRO C 270 -46.62 1.42 -6.60
CA PRO C 270 -45.52 0.96 -5.76
C PRO C 270 -44.53 2.10 -5.53
N GLU C 271 -43.54 1.87 -4.67
CA GLU C 271 -42.51 2.86 -4.40
C GLU C 271 -41.73 3.09 -5.73
N TRP C 272 -41.05 4.23 -5.85
CA TRP C 272 -40.39 4.64 -7.11
C TRP C 272 -39.51 3.65 -7.85
N TYR C 273 -38.82 2.77 -7.12
CA TYR C 273 -37.93 1.82 -7.74
C TYR C 273 -38.60 0.70 -8.58
N PHE C 274 -39.91 0.55 -8.46
CA PHE C 274 -40.66 -0.44 -9.26
C PHE C 274 -41.48 0.27 -10.35
N LEU C 275 -41.50 1.61 -10.32
CA LEU C 275 -42.32 2.38 -11.26
C LEU C 275 -42.08 2.12 -12.76
N PHE C 276 -40.84 1.83 -13.15
CA PHE C 276 -40.56 1.51 -14.54
C PHE C 276 -41.22 0.16 -14.89
N ALA C 277 -41.11 -0.81 -13.98
CA ALA C 277 -41.69 -2.14 -14.18
C ALA C 277 -43.17 -2.03 -14.15
N TYR C 278 -43.65 -1.17 -13.25
CA TYR C 278 -45.07 -0.92 -13.08
C TYR C 278 -45.67 -0.39 -14.38
N ALA C 279 -44.96 0.53 -15.01
CA ALA C 279 -45.40 1.11 -16.27
C ALA C 279 -45.49 0.05 -17.35
N ILE C 280 -44.48 -0.80 -17.44
CA ILE C 280 -44.47 -1.82 -18.44
C ILE C 280 -45.67 -2.76 -18.30
N LEU C 281 -45.93 -3.21 -17.06
CA LEU C 281 -47.07 -4.09 -16.75
C LEU C 281 -48.42 -3.53 -17.23
N ARG C 282 -48.78 -2.33 -16.76
CA ARG C 282 -50.08 -1.76 -17.16
C ARG C 282 -50.19 -1.26 -18.63
N SER C 283 -49.07 -1.32 -19.35
CA SER C 283 -49.07 -0.91 -20.75
C SER C 283 -49.72 -1.98 -21.59
N ILE C 284 -49.85 -3.16 -21.02
CA ILE C 284 -50.40 -4.28 -21.74
C ILE C 284 -51.79 -4.65 -21.28
N PRO C 285 -52.76 -4.55 -22.16
CA PRO C 285 -54.13 -4.97 -21.85
C PRO C 285 -54.12 -6.48 -21.84
N ASN C 286 -53.97 -7.06 -20.65
CA ASN C 286 -53.97 -8.52 -20.44
C ASN C 286 -53.34 -8.90 -19.15
N LYS C 287 -54.09 -9.68 -18.38
CA LYS C 287 -53.69 -10.19 -17.10
C LYS C 287 -52.37 -10.93 -17.22
N LEU C 288 -52.38 -12.01 -18.01
CA LEU C 288 -51.19 -12.86 -18.16
C LEU C 288 -50.02 -12.14 -18.76
N GLY C 289 -50.25 -11.52 -19.90
CA GLY C 289 -49.21 -10.82 -20.63
C GLY C 289 -48.52 -9.74 -19.83
N GLY C 290 -49.30 -9.05 -19.00
CA GLY C 290 -48.78 -7.98 -18.19
C GLY C 290 -47.75 -8.43 -17.22
N VAL C 291 -48.04 -9.51 -16.51
CA VAL C 291 -47.11 -10.03 -15.53
C VAL C 291 -46.00 -10.80 -16.21
N LEU C 292 -46.25 -11.23 -17.45
CA LEU C 292 -45.25 -11.96 -18.18
C LEU C 292 -44.22 -10.95 -18.62
N ALA C 293 -44.69 -9.81 -19.13
CA ALA C 293 -43.79 -8.75 -19.55
C ALA C 293 -43.20 -8.03 -18.36
N LEU C 294 -43.91 -8.08 -17.21
CA LEU C 294 -43.38 -7.46 -16.00
C LEU C 294 -42.12 -8.20 -15.63
N ALA C 295 -42.22 -9.51 -15.57
CA ALA C 295 -41.09 -10.33 -15.22
C ALA C 295 -40.00 -10.18 -16.24
N PHE C 296 -40.35 -10.32 -17.52
CA PHE C 296 -39.37 -10.24 -18.62
C PHE C 296 -38.54 -8.96 -18.59
N SER C 297 -39.13 -7.86 -18.09
CA SER C 297 -38.45 -6.56 -18.05
C SER C 297 -37.23 -6.56 -17.14
N ILE C 298 -37.16 -7.54 -16.24
CA ILE C 298 -36.00 -7.68 -15.36
C ILE C 298 -35.12 -8.89 -15.64
N LEU C 299 -35.73 -10.04 -15.93
CA LEU C 299 -34.95 -11.25 -16.29
C LEU C 299 -34.21 -11.07 -17.64
N ILE C 300 -34.53 -10.00 -18.37
CA ILE C 300 -33.87 -9.73 -19.63
C ILE C 300 -32.40 -9.45 -19.39
N LEU C 301 -32.03 -9.13 -18.15
CA LEU C 301 -30.64 -8.84 -17.86
C LEU C 301 -29.84 -10.13 -18.03
N ALA C 302 -30.52 -11.26 -17.93
CA ALA C 302 -29.88 -12.56 -18.10
C ALA C 302 -29.76 -12.92 -19.58
N LEU C 303 -30.24 -12.04 -20.47
CA LEU C 303 -30.12 -12.30 -21.90
C LEU C 303 -29.08 -11.39 -22.50
N ILE C 304 -28.79 -10.27 -21.82
CA ILE C 304 -27.81 -9.32 -22.35
C ILE C 304 -26.50 -9.89 -22.90
N PRO C 305 -25.74 -10.69 -22.13
CA PRO C 305 -24.51 -11.28 -22.67
C PRO C 305 -24.73 -12.08 -23.94
N LEU C 306 -25.92 -12.69 -24.12
CA LEU C 306 -26.13 -13.46 -25.36
C LEU C 306 -26.31 -12.53 -26.60
N LEU C 307 -26.51 -11.24 -26.35
CA LEU C 307 -26.68 -10.32 -27.42
C LEU C 307 -25.60 -9.26 -27.43
N HIS C 308 -24.35 -9.65 -27.11
CA HIS C 308 -23.28 -8.68 -27.09
C HIS C 308 -22.98 -8.14 -28.44
N THR C 309 -22.65 -9.05 -29.36
CA THR C 309 -22.48 -8.68 -30.79
C THR C 309 -21.22 -7.85 -31.23
N SER C 310 -20.82 -6.86 -30.46
CA SER C 310 -19.67 -6.01 -30.83
C SER C 310 -18.32 -6.68 -30.60
N LYS C 311 -17.36 -6.30 -31.42
CA LYS C 311 -16.04 -6.85 -31.26
C LYS C 311 -15.24 -6.18 -30.13
N GLN C 312 -15.71 -5.04 -29.67
CA GLN C 312 -15.12 -4.37 -28.52
C GLN C 312 -16.01 -4.63 -27.32
N ARG C 313 -15.43 -4.62 -26.14
CA ARG C 313 -16.17 -4.91 -24.93
C ARG C 313 -16.87 -3.69 -24.36
N SER C 314 -16.23 -2.55 -24.37
CA SER C 314 -16.79 -1.38 -23.74
C SER C 314 -17.54 -0.48 -24.70
N MET C 315 -18.18 0.55 -24.19
CA MET C 315 -18.85 1.45 -25.06
C MET C 315 -18.01 2.68 -25.29
N MET C 316 -16.94 2.81 -24.52
CA MET C 316 -16.06 3.97 -24.65
C MET C 316 -15.69 4.32 -26.07
N PHE C 317 -15.40 3.33 -26.89
CA PHE C 317 -15.07 3.61 -28.28
C PHE C 317 -16.24 3.37 -29.24
N ARG C 318 -17.46 3.33 -28.75
CA ARG C 318 -18.57 3.17 -29.68
C ARG C 318 -19.76 4.24 -29.68
N PRO C 319 -19.64 5.25 -30.52
CA PRO C 319 -20.62 6.33 -30.55
C PRO C 319 -22.07 5.90 -30.70
N LEU C 320 -22.41 5.10 -31.71
CA LEU C 320 -23.83 4.77 -31.92
C LEU C 320 -24.37 4.08 -30.72
N SER C 321 -23.55 3.20 -30.14
CA SER C 321 -24.01 2.46 -28.99
C SER C 321 -24.22 3.33 -27.79
N GLN C 322 -23.44 4.39 -27.69
CA GLN C 322 -23.60 5.28 -26.59
C GLN C 322 -25.00 5.86 -26.66
N CYS C 323 -25.37 6.42 -27.83
CA CYS C 323 -26.70 7.06 -28.03
C CYS C 323 -27.81 6.11 -27.67
N LEU C 324 -27.73 4.90 -28.18
CA LEU C 324 -28.70 3.88 -27.87
C LEU C 324 -28.75 3.61 -26.35
N PHE C 325 -27.59 3.56 -25.70
CA PHE C 325 -27.56 3.36 -24.26
C PHE C 325 -28.29 4.50 -23.61
N TRP C 326 -27.95 5.73 -23.97
CA TRP C 326 -28.62 6.87 -23.36
C TRP C 326 -30.08 6.93 -23.60
N ALA C 327 -30.51 6.45 -24.76
CA ALA C 327 -31.94 6.36 -25.03
C ALA C 327 -32.55 5.30 -24.07
N LEU C 328 -31.77 4.27 -23.66
CA LEU C 328 -32.30 3.27 -22.69
C LEU C 328 -32.58 3.94 -21.36
N VAL C 329 -31.58 4.64 -20.83
CA VAL C 329 -31.76 5.36 -19.57
C VAL C 329 -32.88 6.39 -19.70
N ALA C 330 -32.86 7.18 -20.80
CA ALA C 330 -33.91 8.19 -21.03
C ALA C 330 -35.27 7.54 -21.03
N ASP C 331 -35.36 6.39 -21.70
CA ASP C 331 -36.60 5.64 -21.77
C ASP C 331 -37.02 5.10 -20.37
N LEU C 332 -36.05 4.78 -19.53
CA LEU C 332 -36.37 4.32 -18.19
C LEU C 332 -36.90 5.46 -17.29
N LEU C 333 -36.61 6.73 -17.65
CA LEU C 333 -37.14 7.83 -16.87
C LEU C 333 -38.61 7.91 -17.20
N THR C 334 -38.90 7.90 -18.50
CA THR C 334 -40.26 7.97 -19.02
C THR C 334 -41.09 6.91 -18.37
N LEU C 335 -40.54 5.70 -18.33
CA LEU C 335 -41.22 4.60 -17.71
C LEU C 335 -41.59 4.87 -16.25
N THR C 336 -40.64 5.37 -15.43
CA THR C 336 -41.00 5.65 -14.01
C THR C 336 -41.95 6.83 -13.92
N TRP C 337 -41.69 7.85 -14.72
CA TRP C 337 -42.56 8.98 -14.76
C TRP C 337 -44.01 8.51 -15.06
N ILE C 338 -44.19 7.76 -16.16
CA ILE C 338 -45.53 7.22 -16.54
C ILE C 338 -46.06 6.36 -15.41
N GLY C 339 -45.23 5.47 -14.90
CA GLY C 339 -45.59 4.58 -13.83
C GLY C 339 -46.14 5.31 -12.63
N GLY C 340 -45.67 6.53 -12.41
CA GLY C 340 -46.15 7.34 -11.30
C GLY C 340 -47.37 8.21 -11.65
N GLN C 341 -48.07 7.88 -12.74
CA GLN C 341 -49.24 8.67 -13.16
C GLN C 341 -50.44 7.78 -13.50
N PRO C 342 -51.65 8.32 -13.38
CA PRO C 342 -52.88 7.56 -13.69
C PRO C 342 -52.91 7.02 -15.14
N VAL C 343 -53.66 5.94 -15.35
CA VAL C 343 -53.74 5.33 -16.68
C VAL C 343 -54.86 5.98 -17.53
N GLU C 344 -54.69 7.26 -17.86
CA GLU C 344 -55.67 7.98 -18.65
C GLU C 344 -55.13 8.38 -20.04
N HIS C 345 -55.77 9.35 -20.73
CA HIS C 345 -55.38 9.69 -22.12
C HIS C 345 -53.98 9.72 -22.66
N PRO C 346 -53.15 10.70 -22.29
CA PRO C 346 -51.80 10.75 -22.89
C PRO C 346 -50.94 9.59 -22.36
N TYR C 347 -50.88 9.48 -21.06
CA TYR C 347 -50.07 8.50 -20.38
C TYR C 347 -50.13 7.02 -20.82
N ILE C 348 -51.30 6.56 -21.28
CA ILE C 348 -51.44 5.16 -21.76
C ILE C 348 -50.58 4.89 -22.98
N THR C 349 -50.83 5.66 -24.04
CA THR C 349 -50.13 5.45 -25.29
C THR C 349 -48.63 5.65 -25.29
N ILE C 350 -48.11 6.57 -24.48
CA ILE C 350 -46.67 6.72 -24.43
C ILE C 350 -46.13 5.66 -23.54
N GLY C 351 -46.89 5.31 -22.51
CA GLY C 351 -46.50 4.26 -21.58
C GLY C 351 -46.47 2.95 -22.33
N GLN C 352 -47.27 2.88 -23.38
CA GLN C 352 -47.35 1.73 -24.23
C GLN C 352 -46.16 1.76 -25.14
N LEU C 353 -45.93 2.91 -25.79
CA LEU C 353 -44.82 3.08 -26.76
C LEU C 353 -43.47 2.91 -26.11
N ALA C 354 -43.28 3.52 -24.94
CA ALA C 354 -42.02 3.45 -24.24
C ALA C 354 -41.69 2.02 -23.86
N SER C 355 -42.73 1.24 -23.52
CA SER C 355 -42.56 -0.16 -23.16
C SER C 355 -42.07 -0.98 -24.34
N VAL C 356 -42.66 -0.76 -25.54
CA VAL C 356 -42.20 -1.45 -26.73
C VAL C 356 -40.74 -1.09 -26.98
N LEU C 357 -40.42 0.23 -26.89
CA LEU C 357 -39.04 0.72 -27.08
C LEU C 357 -38.04 0.05 -26.16
N TYR C 358 -38.39 -0.07 -24.89
CA TYR C 358 -37.50 -0.70 -23.93
C TYR C 358 -37.04 -2.03 -24.52
N PHE C 359 -38.00 -2.86 -24.92
CA PHE C 359 -37.70 -4.17 -25.48
C PHE C 359 -37.09 -4.10 -26.89
N LEU C 360 -37.47 -3.12 -27.68
CA LEU C 360 -36.90 -2.98 -29.01
C LEU C 360 -35.41 -2.58 -28.92
N LEU C 361 -35.11 -1.72 -27.95
CA LEU C 361 -33.78 -1.21 -27.77
C LEU C 361 -32.81 -2.35 -27.40
N ILE C 362 -33.05 -3.01 -26.27
CA ILE C 362 -32.23 -4.07 -25.78
C ILE C 362 -32.21 -5.31 -26.70
N LEU C 363 -33.38 -5.71 -27.18
CA LEU C 363 -33.45 -6.95 -27.94
C LEU C 363 -33.09 -6.83 -29.45
N VAL C 364 -33.20 -5.62 -30.03
CA VAL C 364 -32.96 -5.46 -31.46
C VAL C 364 -32.04 -4.31 -31.85
N LEU C 365 -32.35 -3.10 -31.38
CA LEU C 365 -31.55 -1.91 -31.73
C LEU C 365 -30.09 -1.96 -31.26
N MET C 366 -29.85 -2.30 -29.99
CA MET C 366 -28.48 -2.35 -29.48
C MET C 366 -27.57 -3.36 -30.15
N PRO C 367 -28.02 -4.62 -30.34
CA PRO C 367 -27.21 -5.61 -31.07
C PRO C 367 -26.98 -5.22 -32.50
N THR C 368 -27.95 -4.57 -33.14
CA THR C 368 -27.77 -4.16 -34.52
C THR C 368 -26.67 -3.12 -34.59
N ALA C 369 -26.71 -2.13 -33.69
CA ALA C 369 -25.69 -1.09 -33.68
C ALA C 369 -24.33 -1.67 -33.51
N GLY C 370 -24.22 -2.75 -32.75
CA GLY C 370 -22.95 -3.41 -32.57
C GLY C 370 -22.45 -3.92 -33.91
N THR C 371 -23.33 -4.58 -34.65
CA THR C 371 -22.95 -5.12 -35.93
C THR C 371 -22.54 -4.01 -36.84
N ILE C 372 -23.34 -2.94 -36.89
CA ILE C 372 -23.00 -1.81 -37.77
C ILE C 372 -21.63 -1.27 -37.38
N GLU C 373 -21.42 -1.09 -36.07
CA GLU C 373 -20.15 -0.60 -35.58
C GLU C 373 -18.99 -1.46 -36.00
N ASN C 374 -19.16 -2.76 -35.96
CA ASN C 374 -18.11 -3.64 -36.39
C ASN C 374 -17.81 -3.38 -37.87
N LYS C 375 -18.85 -3.22 -38.68
CA LYS C 375 -18.64 -3.05 -40.07
C LYS C 375 -17.94 -1.78 -40.44
N LEU C 376 -18.21 -0.71 -39.69
CA LEU C 376 -17.60 0.60 -39.99
C LEU C 376 -16.10 0.56 -39.70
N LEU C 377 -15.70 -0.32 -38.76
CA LEU C 377 -14.31 -0.47 -38.43
C LEU C 377 -13.61 -1.58 -39.31
N LYS C 378 -14.35 -2.12 -40.29
CA LYS C 378 -13.86 -3.19 -41.19
C LYS C 378 -13.64 -4.52 -40.50
N TRP C 379 -14.23 -4.66 -39.32
CA TRP C 379 -14.15 -5.87 -38.48
C TRP C 379 -15.35 -6.75 -38.71
N SER D 1 -65.66 14.75 -9.40
CA SER D 1 -65.11 14.86 -10.78
C SER D 1 -63.60 15.00 -10.75
N ASP D 2 -62.93 14.41 -11.73
CA ASP D 2 -61.45 14.49 -11.80
C ASP D 2 -60.90 15.84 -12.33
N LEU D 3 -61.40 16.93 -11.74
CA LEU D 3 -60.98 18.28 -12.09
C LEU D 3 -60.80 19.00 -10.75
N GLU D 4 -59.59 19.51 -10.47
CA GLU D 4 -59.33 20.21 -9.18
C GLU D 4 -58.21 21.24 -9.09
N LEU D 5 -58.00 21.75 -7.87
CA LEU D 5 -57.03 22.82 -7.59
C LEU D 5 -56.03 22.43 -6.49
N HIS D 6 -54.78 22.89 -6.64
CA HIS D 6 -53.69 22.59 -5.64
C HIS D 6 -53.28 23.87 -4.85
N PRO D 7 -53.09 23.72 -3.53
CA PRO D 7 -52.72 24.83 -2.62
C PRO D 7 -51.47 25.63 -3.02
N PRO D 8 -51.48 26.93 -2.74
CA PRO D 8 -50.34 27.81 -3.04
C PRO D 8 -49.24 27.58 -2.05
N SER D 9 -48.20 28.39 -2.07
CA SER D 9 -47.07 28.17 -1.16
C SER D 9 -46.93 29.27 -0.09
N TYR D 10 -47.51 29.05 1.07
CA TYR D 10 -47.45 30.03 2.16
C TYR D 10 -46.03 30.06 2.79
N PRO D 11 -45.58 31.23 3.25
CA PRO D 11 -44.23 31.39 3.79
C PRO D 11 -44.13 31.12 5.27
N TRP D 12 -44.43 29.90 5.70
CA TRP D 12 -44.37 29.51 7.11
C TRP D 12 -43.03 29.84 7.74
N SER D 13 -42.99 29.83 9.06
CA SER D 13 -41.75 30.10 9.73
C SER D 13 -40.92 28.83 9.86
N HIS D 14 -41.46 27.70 9.38
CA HIS D 14 -40.78 26.42 9.46
C HIS D 14 -40.53 25.73 8.11
N ARG D 15 -40.45 26.52 7.06
CA ARG D 15 -40.10 25.97 5.78
C ARG D 15 -38.89 26.68 5.25
N GLY D 16 -38.00 25.93 4.65
CA GLY D 16 -36.75 26.47 4.19
C GLY D 16 -35.68 25.98 5.18
N LEU D 17 -34.98 24.89 4.79
CA LEU D 17 -33.89 24.25 5.57
C LEU D 17 -33.84 24.50 7.08
N LEU D 18 -32.68 24.94 7.58
CA LEU D 18 -32.46 25.20 9.02
C LEU D 18 -33.52 26.15 9.56
N SER D 19 -34.66 25.64 10.03
CA SER D 19 -35.75 26.54 10.47
C SER D 19 -36.62 26.02 11.61
N SER D 20 -36.37 26.54 12.81
CA SER D 20 -37.05 26.18 14.06
C SER D 20 -38.41 25.51 14.02
N LEU D 21 -39.46 26.35 14.01
CA LEU D 21 -40.91 25.97 14.07
C LEU D 21 -41.37 26.97 15.07
N ASP D 22 -42.38 27.79 14.75
CA ASP D 22 -42.86 28.79 15.72
C ASP D 22 -43.51 28.13 16.92
N HIS D 23 -42.77 28.12 18.04
CA HIS D 23 -43.23 27.48 19.28
C HIS D 23 -44.27 28.23 20.09
N THR D 24 -44.34 29.53 19.88
CA THR D 24 -45.32 30.33 20.54
C THR D 24 -46.59 30.03 19.78
N SER D 25 -46.42 29.73 18.48
CA SER D 25 -47.55 29.42 17.60
C SER D 25 -48.11 28.02 17.79
N ILE D 26 -47.21 27.07 18.10
CA ILE D 26 -47.60 25.67 18.34
C ILE D 26 -48.54 25.65 19.55
N ARG D 27 -48.23 26.53 20.48
CA ARG D 27 -48.98 26.68 21.70
C ARG D 27 -50.34 27.27 21.50
N ARG D 28 -50.43 28.30 20.67
CA ARG D 28 -51.72 28.91 20.35
C ARG D 28 -52.47 27.86 19.55
N GLY D 29 -51.74 27.14 18.70
CA GLY D 29 -52.31 26.08 17.89
C GLY D 29 -52.78 24.92 18.73
N PHE D 30 -52.16 24.73 19.90
CA PHE D 30 -52.60 23.70 20.80
C PHE D 30 -53.93 24.16 21.35
N GLN D 31 -54.00 25.45 21.72
CA GLN D 31 -55.22 26.02 22.26
C GLN D 31 -56.33 25.77 21.26
N VAL D 32 -56.07 26.13 20.00
CA VAL D 32 -57.05 25.94 18.94
C VAL D 32 -57.47 24.49 18.89
N TYR D 33 -56.49 23.58 19.01
CA TYR D 33 -56.81 22.18 18.98
C TYR D 33 -57.76 21.75 20.10
N LYS D 34 -57.40 22.08 21.35
CA LYS D 34 -58.17 21.68 22.53
C LYS D 34 -59.59 22.25 22.56
N GLN D 35 -59.75 23.50 22.14
CA GLN D 35 -61.05 24.15 22.21
C GLN D 35 -61.98 23.85 21.04
N VAL D 36 -61.56 24.22 19.84
CA VAL D 36 -62.40 24.00 18.67
C VAL D 36 -62.17 22.66 17.90
N CYS D 37 -60.91 22.33 17.65
CA CYS D 37 -60.58 21.12 16.87
C CYS D 37 -60.85 19.74 17.54
N SER D 38 -60.49 19.60 18.82
CA SER D 38 -60.63 18.31 19.58
C SER D 38 -62.04 17.73 19.69
N SER D 39 -63.05 18.58 19.64
CA SER D 39 -64.45 18.13 19.75
C SER D 39 -64.81 16.96 18.81
N CYS D 40 -64.18 16.92 17.63
CA CYS D 40 -64.49 15.88 16.68
C CYS D 40 -63.28 15.26 16.04
N HIS D 41 -62.11 15.64 16.53
CA HIS D 41 -60.87 15.11 15.97
C HIS D 41 -59.94 14.57 17.01
N SER D 42 -59.53 13.33 16.82
CA SER D 42 -58.65 12.66 17.75
C SER D 42 -57.25 12.89 17.40
N MET D 43 -56.41 12.95 18.41
CA MET D 43 -54.98 13.10 18.19
C MET D 43 -54.35 12.11 19.15
N ASP D 44 -54.74 10.84 18.99
CA ASP D 44 -54.31 9.75 19.88
C ASP D 44 -52.84 9.30 19.84
N TYR D 45 -51.99 10.00 19.12
CA TYR D 45 -50.58 9.64 19.10
C TYR D 45 -49.75 10.72 19.78
N VAL D 46 -50.41 11.61 20.49
CA VAL D 46 -49.74 12.68 21.23
C VAL D 46 -50.24 12.67 22.70
N ALA D 47 -49.29 12.75 23.62
CA ALA D 47 -49.57 12.76 25.04
C ALA D 47 -49.31 14.15 25.57
N TYR D 48 -49.61 14.36 26.86
CA TYR D 48 -49.43 15.67 27.47
C TYR D 48 -47.96 16.08 27.72
N ARG D 49 -47.11 15.14 28.12
CA ARG D 49 -45.71 15.46 28.32
C ARG D 49 -44.96 15.85 27.04
N HIS D 50 -45.52 15.50 25.89
CA HIS D 50 -44.92 15.88 24.61
C HIS D 50 -44.96 17.40 24.54
N LEU D 51 -46.01 17.98 25.09
CA LEU D 51 -46.17 19.43 25.10
C LEU D 51 -45.24 20.12 26.08
N VAL D 52 -44.49 19.34 26.89
CA VAL D 52 -43.60 19.93 27.91
C VAL D 52 -42.46 20.79 27.39
N GLY D 53 -41.25 20.28 27.37
CA GLY D 53 -40.10 21.08 26.91
C GLY D 53 -40.42 22.06 25.78
N VAL D 54 -41.25 21.60 24.85
CA VAL D 54 -41.66 22.37 23.70
C VAL D 54 -42.38 23.70 24.04
N CYS D 55 -43.69 23.68 24.20
CA CYS D 55 -44.39 24.92 24.48
C CYS D 55 -44.56 25.27 25.96
N TYR D 56 -45.32 24.44 26.66
CA TYR D 56 -45.64 24.67 28.05
C TYR D 56 -44.52 24.33 29.05
N THR D 57 -44.73 24.63 30.32
CA THR D 57 -43.76 24.25 31.34
C THR D 57 -44.32 22.99 31.95
N GLU D 58 -43.53 22.28 32.73
CA GLU D 58 -43.97 21.03 33.32
C GLU D 58 -45.32 21.14 34.07
N ASP D 59 -45.38 22.05 35.04
CA ASP D 59 -46.60 22.22 35.81
C ASP D 59 -47.78 22.60 34.93
N GLU D 60 -47.56 23.53 34.02
CA GLU D 60 -48.60 23.99 33.10
C GLU D 60 -49.25 22.82 32.38
N ALA D 61 -48.42 22.00 31.76
CA ALA D 61 -48.89 20.84 31.01
C ALA D 61 -49.67 19.84 31.85
N LYS D 62 -49.27 19.66 33.10
CA LYS D 62 -49.97 18.73 33.95
C LYS D 62 -51.33 19.28 34.29
N ALA D 63 -51.39 20.58 34.56
CA ALA D 63 -52.64 21.25 34.92
C ALA D 63 -53.70 21.06 33.82
N LEU D 64 -53.28 21.07 32.56
CA LEU D 64 -54.20 20.87 31.45
C LEU D 64 -54.65 19.45 31.42
N ALA D 65 -53.69 18.55 31.64
CA ALA D 65 -53.97 17.14 31.65
C ALA D 65 -54.94 16.87 32.76
N GLU D 66 -54.59 17.34 33.96
CA GLU D 66 -55.42 17.18 35.14
C GLU D 66 -56.86 17.45 34.83
N GLU D 67 -57.14 18.70 34.43
CA GLU D 67 -58.47 19.17 34.07
C GLU D 67 -59.52 18.09 33.81
N VAL D 68 -59.63 17.64 32.56
CA VAL D 68 -60.65 16.65 32.25
C VAL D 68 -60.23 15.22 32.63
N GLU D 69 -60.99 14.21 32.21
CA GLU D 69 -60.68 12.85 32.66
C GLU D 69 -60.68 11.72 31.64
N VAL D 70 -60.18 10.56 32.08
CA VAL D 70 -60.10 9.35 31.27
C VAL D 70 -60.58 8.15 32.13
N GLN D 71 -60.67 6.99 31.50
CA GLN D 71 -61.05 5.78 32.22
C GLN D 71 -59.79 5.08 32.71
N ASP D 72 -59.39 5.39 33.94
CA ASP D 72 -58.17 4.79 34.53
C ASP D 72 -58.44 3.36 34.98
N GLY D 73 -57.34 2.65 35.32
CA GLY D 73 -57.31 1.24 35.75
C GLY D 73 -58.46 0.69 36.57
N PRO D 74 -58.55 -0.63 36.66
CA PRO D 74 -59.66 -1.31 37.34
C PRO D 74 -59.81 -1.09 38.85
N ASN D 75 -61.02 -0.68 39.26
CA ASN D 75 -61.39 -0.52 40.68
C ASN D 75 -61.38 -1.95 41.18
N GLU D 76 -60.82 -2.19 42.37
CA GLU D 76 -60.69 -3.56 42.96
C GLU D 76 -61.81 -4.62 42.76
N ASP D 77 -62.89 -4.22 42.09
CA ASP D 77 -63.96 -5.13 41.72
C ASP D 77 -63.67 -5.52 40.25
N GLY D 78 -64.33 -4.86 39.31
CA GLY D 78 -64.13 -5.17 37.91
C GLY D 78 -64.75 -4.12 37.03
N GLU D 79 -64.97 -2.96 37.61
CA GLU D 79 -65.49 -1.82 36.89
C GLU D 79 -64.36 -0.80 36.94
N MET D 80 -64.24 0.03 35.93
CA MET D 80 -63.18 1.03 35.93
C MET D 80 -63.68 2.32 36.60
N PHE D 81 -62.76 3.24 36.90
CA PHE D 81 -63.13 4.51 37.52
C PHE D 81 -62.56 5.72 36.78
N MET D 82 -62.89 6.91 37.25
CA MET D 82 -62.40 8.14 36.65
C MET D 82 -61.46 8.91 37.59
N ARG D 83 -60.49 9.62 37.01
CA ARG D 83 -59.54 10.46 37.76
C ARG D 83 -58.91 11.59 36.87
N PRO D 84 -58.34 12.65 37.49
CA PRO D 84 -57.76 13.75 36.72
C PRO D 84 -56.54 13.30 35.93
N GLY D 85 -56.63 13.41 34.61
CA GLY D 85 -55.55 12.99 33.71
C GLY D 85 -54.14 13.30 34.14
N LYS D 86 -53.24 12.35 33.96
CA LYS D 86 -51.86 12.55 34.33
C LYS D 86 -51.12 13.02 33.12
N LEU D 87 -49.82 13.20 33.25
CA LEU D 87 -48.99 13.65 32.14
C LEU D 87 -48.74 12.53 31.15
N SER D 88 -49.21 11.31 31.47
CA SER D 88 -48.90 10.15 30.65
C SER D 88 -50.00 9.55 29.79
N ASP D 89 -51.20 10.12 29.77
CA ASP D 89 -52.20 9.55 28.90
C ASP D 89 -52.56 10.40 27.73
N TYR D 90 -52.63 9.78 26.58
CA TYR D 90 -52.86 10.45 25.33
C TYR D 90 -54.25 11.13 25.21
N PHE D 91 -54.25 12.27 24.51
CA PHE D 91 -55.44 13.03 24.17
C PHE D 91 -56.40 11.99 23.46
N PRO D 92 -57.72 11.74 23.75
CA PRO D 92 -59.04 11.80 24.45
C PRO D 92 -59.98 11.51 23.26
N LYS D 93 -60.33 10.25 23.03
CA LYS D 93 -61.19 9.88 21.89
C LYS D 93 -62.65 10.34 22.09
N PRO D 94 -63.11 11.30 21.26
CA PRO D 94 -64.48 11.82 21.35
C PRO D 94 -65.50 10.82 20.85
N TYR D 95 -65.05 9.86 20.06
CA TYR D 95 -65.89 8.82 19.52
C TYR D 95 -65.22 7.48 19.83
N PRO D 96 -65.97 6.56 20.47
CA PRO D 96 -65.47 5.21 20.79
C PRO D 96 -64.97 4.44 19.55
N ASN D 97 -65.86 3.73 18.86
CA ASN D 97 -65.46 3.03 17.64
C ASN D 97 -65.63 3.95 16.38
N PRO D 98 -65.40 3.45 15.14
CA PRO D 98 -65.47 4.33 13.96
C PRO D 98 -66.87 4.76 13.57
N GLU D 99 -67.85 3.89 13.77
CA GLU D 99 -69.21 4.19 13.39
C GLU D 99 -69.87 5.33 14.21
N ALA D 100 -69.26 5.68 15.34
CA ALA D 100 -69.74 6.76 16.20
C ALA D 100 -69.49 8.08 15.54
N ALA D 101 -68.46 8.13 14.70
CA ALA D 101 -68.14 9.33 13.97
C ALA D 101 -69.21 9.54 12.95
N ARG D 102 -69.57 8.46 12.25
CA ARG D 102 -70.62 8.48 11.23
C ARG D 102 -71.92 9.00 11.86
N ALA D 103 -72.30 8.40 12.98
CA ALA D 103 -73.52 8.77 13.72
C ALA D 103 -73.56 10.27 14.01
N ALA D 104 -72.66 10.73 14.86
CA ALA D 104 -72.59 12.14 15.21
C ALA D 104 -71.66 12.85 14.25
N ASN D 105 -72.14 13.04 13.00
CA ASN D 105 -71.43 13.73 11.89
C ASN D 105 -71.92 13.32 10.50
N ASN D 106 -73.22 13.53 10.25
CA ASN D 106 -73.89 13.25 8.95
C ASN D 106 -73.77 11.86 8.26
N GLY D 107 -72.72 11.11 8.58
CA GLY D 107 -72.50 9.80 8.00
C GLY D 107 -71.06 9.72 7.55
N ALA D 108 -70.31 10.77 7.86
CA ALA D 108 -68.94 10.87 7.47
C ALA D 108 -67.99 10.60 8.62
N LEU D 109 -66.77 10.21 8.28
CA LEU D 109 -65.76 9.87 9.29
C LEU D 109 -64.60 10.87 9.25
N PRO D 110 -64.59 11.81 10.20
CA PRO D 110 -63.50 12.79 10.35
C PRO D 110 -62.17 12.12 10.69
N PRO D 111 -61.22 12.13 9.76
CA PRO D 111 -59.91 11.45 9.94
C PRO D 111 -59.03 12.03 11.05
N ASP D 112 -58.23 11.16 11.68
CA ASP D 112 -57.30 11.49 12.80
C ASP D 112 -56.39 12.70 12.52
N LEU D 113 -55.97 13.40 13.57
CA LEU D 113 -55.12 14.58 13.40
C LEU D 113 -53.72 14.43 13.94
N SER D 114 -53.30 13.20 14.19
CA SER D 114 -51.97 12.94 14.71
C SER D 114 -50.98 13.29 13.65
N TYR D 115 -51.17 12.76 12.46
CA TYR D 115 -50.31 13.11 11.36
C TYR D 115 -50.98 14.19 10.50
N ILE D 116 -51.84 13.79 9.55
CA ILE D 116 -52.56 14.75 8.65
C ILE D 116 -51.71 15.73 7.81
N VAL D 117 -50.70 16.34 8.43
CA VAL D 117 -49.82 17.26 7.75
C VAL D 117 -48.87 16.46 6.89
N ARG D 118 -48.66 15.21 7.26
CA ARG D 118 -47.81 14.35 6.48
C ARG D 118 -48.63 13.38 5.68
N ALA D 119 -49.93 13.32 5.99
CA ALA D 119 -50.85 12.41 5.31
C ALA D 119 -51.61 13.06 4.15
N ARG D 120 -51.37 14.34 3.96
CA ARG D 120 -51.99 15.09 2.86
C ARG D 120 -50.89 15.87 2.23
N HIS D 121 -50.90 15.96 0.91
CA HIS D 121 -49.88 16.74 0.21
C HIS D 121 -49.88 18.22 0.64
N GLY D 122 -48.92 19.01 0.18
CA GLY D 122 -48.83 20.41 0.60
C GLY D 122 -48.69 20.60 2.13
N GLY D 123 -49.13 19.60 2.90
CA GLY D 123 -49.06 19.61 4.34
C GLY D 123 -49.89 20.68 5.00
N GLU D 124 -49.20 21.56 5.73
CA GLU D 124 -49.82 22.66 6.45
C GLU D 124 -50.54 23.59 5.49
N ASP D 125 -50.00 23.72 4.27
CA ASP D 125 -50.60 24.55 3.22
C ASP D 125 -52.00 24.06 2.84
N TYR D 126 -52.15 22.75 2.71
CA TYR D 126 -53.44 22.18 2.36
C TYR D 126 -54.41 22.40 3.46
N VAL D 127 -53.96 22.19 4.70
CA VAL D 127 -54.82 22.41 5.86
C VAL D 127 -55.18 23.88 5.92
N PHE D 128 -54.16 24.76 5.76
CA PHE D 128 -54.40 26.20 5.74
C PHE D 128 -55.39 26.56 4.64
N SER D 129 -55.16 26.03 3.44
CA SER D 129 -56.06 26.28 2.33
C SER D 129 -57.44 25.71 2.56
N LEU D 130 -57.52 24.53 3.20
CA LEU D 130 -58.81 23.95 3.52
C LEU D 130 -59.54 24.76 4.54
N LEU D 131 -58.77 25.31 5.50
CA LEU D 131 -59.36 26.14 6.54
C LEU D 131 -59.89 27.46 6.01
N THR D 132 -59.08 28.51 6.14
CA THR D 132 -59.45 29.87 5.71
C THR D 132 -60.36 30.00 4.50
N GLY D 133 -59.92 29.46 3.37
CA GLY D 133 -60.67 29.56 2.13
C GLY D 133 -61.91 28.70 1.99
N TYR D 134 -63.07 29.35 1.99
CA TYR D 134 -64.34 28.68 1.81
C TYR D 134 -65.19 29.44 0.82
N CYS D 135 -65.96 28.74 0.00
CA CYS D 135 -66.68 29.40 -1.04
C CYS D 135 -68.15 29.10 -1.31
N GLU D 136 -68.74 30.02 -2.04
CA GLU D 136 -70.10 29.95 -2.45
C GLU D 136 -70.17 28.87 -3.52
N PRO D 137 -71.02 27.87 -3.31
CA PRO D 137 -71.23 26.78 -4.28
C PRO D 137 -71.72 27.32 -5.60
N PRO D 138 -70.91 27.20 -6.67
CA PRO D 138 -71.24 27.76 -7.99
C PRO D 138 -72.48 27.18 -8.65
N THR D 139 -72.74 27.61 -9.88
CA THR D 139 -73.96 27.24 -10.57
C THR D 139 -74.03 25.89 -11.26
N GLY D 140 -74.96 25.07 -10.80
CA GLY D 140 -75.17 23.76 -11.35
C GLY D 140 -74.69 22.75 -10.35
N VAL D 141 -74.06 23.25 -9.29
CA VAL D 141 -73.56 22.40 -8.22
C VAL D 141 -74.68 22.27 -7.20
N SER D 142 -74.95 21.04 -6.79
CA SER D 142 -76.01 20.77 -5.84
C SER D 142 -75.49 20.17 -4.56
N LEU D 143 -75.15 21.05 -3.62
CA LEU D 143 -74.64 20.71 -2.29
C LEU D 143 -75.24 19.49 -1.66
N ARG D 144 -76.45 19.71 -1.11
CA ARG D 144 -77.22 18.76 -0.29
C ARG D 144 -76.69 18.85 1.13
N GLU D 145 -77.53 19.30 2.08
CA GLU D 145 -76.92 19.62 3.37
C GLU D 145 -76.65 18.45 4.30
N GLY D 146 -75.38 18.32 4.27
CA GLY D 146 -74.53 17.42 4.95
C GLY D 146 -73.20 17.80 4.39
N LEU D 147 -73.14 17.79 3.07
CA LEU D 147 -71.96 18.17 2.36
C LEU D 147 -71.96 19.67 2.13
N TYR D 148 -70.88 20.32 2.49
CA TYR D 148 -70.73 21.75 2.24
C TYR D 148 -69.88 21.86 0.95
N PHE D 149 -69.59 23.08 0.51
CA PHE D 149 -68.73 23.26 -0.67
C PHE D 149 -67.39 23.68 -0.20
N ASN D 150 -66.34 23.16 -0.84
CA ASN D 150 -65.00 23.50 -0.46
C ASN D 150 -64.05 23.39 -1.63
N PRO D 151 -63.42 24.52 -2.00
CA PRO D 151 -62.38 24.50 -3.02
C PRO D 151 -61.23 23.78 -2.35
N TYR D 152 -60.34 23.18 -3.13
CA TYR D 152 -59.23 22.41 -2.59
C TYR D 152 -59.62 20.96 -2.28
N PHE D 153 -60.57 20.77 -1.37
CA PHE D 153 -61.02 19.43 -1.02
C PHE D 153 -61.47 18.72 -2.29
N PRO D 154 -60.95 17.52 -2.49
CA PRO D 154 -61.27 16.72 -3.66
C PRO D 154 -62.71 16.33 -3.78
N GLY D 155 -63.30 16.64 -4.93
CA GLY D 155 -64.69 16.36 -5.19
C GLY D 155 -65.52 17.58 -4.89
N GLN D 156 -64.98 18.43 -4.01
CA GLN D 156 -65.61 19.66 -3.53
C GLN D 156 -66.74 19.47 -2.50
N ALA D 157 -67.17 18.23 -2.32
CA ALA D 157 -68.20 17.89 -1.35
C ALA D 157 -67.49 17.52 -0.05
N ILE D 158 -67.65 18.36 0.97
CA ILE D 158 -67.01 18.10 2.25
C ILE D 158 -68.10 17.66 3.23
N GLY D 159 -67.75 17.56 4.49
CA GLY D 159 -68.74 17.15 5.50
C GLY D 159 -68.46 17.87 6.81
N MET D 160 -67.33 18.52 6.82
CA MET D 160 -66.82 19.22 8.00
C MET D 160 -67.67 20.45 8.42
N ALA D 161 -67.38 21.55 7.76
CA ALA D 161 -67.91 22.91 8.05
C ALA D 161 -66.65 23.76 8.17
N PRO D 162 -66.76 25.08 8.34
CA PRO D 162 -65.56 25.89 8.56
C PRO D 162 -65.38 26.28 10.05
N PRO D 163 -65.03 25.36 10.96
CA PRO D 163 -64.93 25.70 12.39
C PRO D 163 -63.74 26.59 12.67
N ILE D 164 -63.80 27.76 12.10
CA ILE D 164 -62.77 28.75 12.19
C ILE D 164 -63.51 30.07 12.17
N TYR D 165 -64.81 30.02 11.79
CA TYR D 165 -65.72 31.20 11.69
C TYR D 165 -65.27 32.35 12.60
N ASN D 166 -64.16 32.91 12.19
CA ASN D 166 -63.47 34.01 12.88
C ASN D 166 -63.24 33.71 14.37
N GLU D 167 -64.08 32.87 15.04
CA GLU D 167 -63.76 32.63 16.46
C GLU D 167 -64.44 31.44 17.21
N VAL D 168 -64.01 31.47 18.47
CA VAL D 168 -64.27 30.64 19.68
C VAL D 168 -62.90 30.37 20.22
N LEU D 169 -62.56 31.56 20.56
CA LEU D 169 -61.33 32.08 21.00
C LEU D 169 -60.76 31.53 22.27
N GLU D 170 -59.59 32.06 22.57
CA GLU D 170 -58.80 31.67 23.69
C GLU D 170 -57.84 32.81 23.93
N PHE D 171 -56.64 32.46 24.42
CA PHE D 171 -55.57 33.42 24.65
C PHE D 171 -54.68 33.54 25.84
N ASP D 172 -53.39 33.58 25.58
CA ASP D 172 -52.41 33.77 26.61
C ASP D 172 -52.05 35.24 26.50
N ASP D 173 -51.12 35.52 25.61
CA ASP D 173 -50.66 36.88 25.34
C ASP D 173 -51.70 37.72 24.61
N GLY D 174 -52.86 37.13 24.31
CA GLY D 174 -53.96 37.85 23.69
C GLY D 174 -53.78 38.24 22.23
N THR D 175 -53.52 37.26 21.38
CA THR D 175 -53.35 37.52 19.97
C THR D 175 -54.71 37.78 19.33
N PRO D 176 -54.81 38.86 18.55
CA PRO D 176 -56.06 39.20 17.86
C PRO D 176 -56.39 38.06 16.94
N ALA D 177 -57.20 37.14 17.42
CA ALA D 177 -57.48 35.97 16.67
C ALA D 177 -58.60 35.98 15.69
N THR D 178 -58.27 36.27 14.45
CA THR D 178 -59.22 36.22 13.37
C THR D 178 -59.19 34.79 12.85
N MET D 179 -59.75 34.54 11.67
CA MET D 179 -59.74 33.18 11.14
C MET D 179 -58.34 32.81 10.64
N SER D 180 -57.60 33.84 10.21
CA SER D 180 -56.28 33.67 9.65
C SER D 180 -55.34 33.17 10.69
N GLN D 181 -55.10 34.00 11.69
CA GLN D 181 -54.22 33.69 12.79
C GLN D 181 -54.58 32.44 13.51
N VAL D 182 -55.87 32.17 13.65
CA VAL D 182 -56.30 30.95 14.31
C VAL D 182 -55.98 29.73 13.44
N ALA D 183 -55.92 29.91 12.11
CA ALA D 183 -55.61 28.79 11.19
C ALA D 183 -54.12 28.48 11.13
N LYS D 184 -53.30 29.52 10.99
CA LYS D 184 -51.83 29.38 10.92
C LYS D 184 -51.31 28.63 12.11
N ASP D 185 -51.80 29.03 13.27
CA ASP D 185 -51.39 28.42 14.48
C ASP D 185 -51.72 26.93 14.55
N VAL D 186 -52.95 26.53 14.17
CA VAL D 186 -53.32 25.10 14.17
C VAL D 186 -52.36 24.30 13.30
N CYS D 187 -52.12 24.79 12.09
CA CYS D 187 -51.25 24.12 11.17
C CYS D 187 -49.83 24.03 11.75
N THR D 188 -49.36 25.11 12.35
CA THR D 188 -48.02 25.13 12.93
C THR D 188 -47.95 24.07 14.02
N PHE D 189 -48.98 24.00 14.85
CA PHE D 189 -49.04 22.98 15.89
C PHE D 189 -49.18 21.62 15.25
N LEU D 190 -49.98 21.56 14.18
CA LEU D 190 -50.18 20.31 13.48
C LEU D 190 -48.85 19.75 12.92
N ARG D 191 -47.99 20.64 12.41
CA ARG D 191 -46.69 20.24 11.89
C ARG D 191 -45.98 19.49 12.98
N TRP D 192 -46.01 20.08 14.17
CA TRP D 192 -45.35 19.53 15.35
C TRP D 192 -45.92 18.21 15.84
N ALA D 193 -47.23 18.01 15.68
CA ALA D 193 -47.85 16.75 16.13
C ALA D 193 -47.52 15.66 15.12
N ALA D 194 -47.30 16.06 13.89
CA ALA D 194 -46.94 15.11 12.88
C ALA D 194 -45.45 14.78 12.99
N GLU D 195 -44.62 15.80 13.01
CA GLU D 195 -43.18 15.64 13.04
C GLU D 195 -42.55 16.39 14.23
N PRO D 196 -42.61 15.82 15.44
CA PRO D 196 -42.03 16.48 16.63
C PRO D 196 -40.56 16.75 16.47
N GLU D 197 -39.83 15.78 15.92
CA GLU D 197 -38.39 15.84 15.71
C GLU D 197 -37.91 16.99 14.80
N HIS D 198 -38.86 17.67 14.18
CA HIS D 198 -38.59 18.77 13.23
C HIS D 198 -37.38 19.67 13.52
N ASP D 199 -37.34 20.31 14.69
CA ASP D 199 -36.26 21.21 15.06
C ASP D 199 -34.91 20.53 15.04
N HIS D 200 -34.78 19.53 15.90
CA HIS D 200 -33.56 18.77 16.09
C HIS D 200 -33.04 18.19 14.79
N ARG D 201 -33.98 17.74 13.96
CA ARG D 201 -33.70 17.19 12.64
C ARG D 201 -32.82 18.19 11.94
N LYS D 202 -33.36 19.40 11.79
CA LYS D 202 -32.69 20.51 11.14
C LYS D 202 -31.43 21.03 11.87
N ARG D 203 -31.28 20.68 13.14
CA ARG D 203 -30.11 21.11 13.87
C ARG D 203 -28.96 20.19 13.52
N MET D 204 -29.25 18.89 13.50
CA MET D 204 -28.25 17.92 13.15
C MET D 204 -27.84 18.21 11.73
N GLY D 205 -28.83 18.54 10.90
CA GLY D 205 -28.62 18.88 9.50
C GLY D 205 -27.64 20.01 9.30
N LEU D 206 -27.72 21.04 10.17
CA LEU D 206 -26.78 22.14 10.13
C LEU D 206 -25.36 21.61 10.42
N LYS D 207 -25.27 20.77 11.45
CA LYS D 207 -24.00 20.19 11.84
C LYS D 207 -23.48 19.27 10.75
N MET D 208 -24.39 18.51 10.13
CA MET D 208 -24.06 17.58 9.04
C MET D 208 -23.50 18.34 7.85
N LEU D 209 -24.10 19.49 7.52
CA LEU D 209 -23.60 20.32 6.40
C LEU D 209 -22.24 20.95 6.72
N LEU D 210 -22.05 21.41 7.97
CA LEU D 210 -20.77 22.00 8.38
C LEU D 210 -19.67 20.94 8.41
N MET D 211 -20.00 19.74 8.90
CA MET D 211 -19.01 18.69 8.97
C MET D 211 -18.66 18.12 7.64
N MET D 212 -19.68 17.87 6.82
CA MET D 212 -19.44 17.31 5.52
C MET D 212 -18.66 18.34 4.78
N GLY D 213 -19.05 19.58 4.95
CA GLY D 213 -18.35 20.70 4.32
C GLY D 213 -16.90 20.84 4.76
N LEU D 214 -16.52 20.15 5.82
CA LEU D 214 -15.15 20.20 6.28
C LEU D 214 -14.43 18.87 6.01
N LEU D 215 -15.14 17.75 6.19
CA LEU D 215 -14.57 16.41 5.93
C LEU D 215 -14.35 16.16 4.43
N LEU D 216 -15.37 16.48 3.62
CA LEU D 216 -15.28 16.30 2.18
C LEU D 216 -13.99 16.85 1.54
N PRO D 217 -13.63 18.12 1.73
CA PRO D 217 -12.37 18.60 1.16
C PRO D 217 -11.18 17.81 1.73
N LEU D 218 -11.14 17.62 3.04
CA LEU D 218 -10.04 16.89 3.69
C LEU D 218 -9.83 15.45 3.18
N VAL D 219 -10.93 14.71 3.02
CA VAL D 219 -10.85 13.32 2.52
C VAL D 219 -10.39 13.33 1.06
N TYR D 220 -10.77 14.37 0.33
CA TYR D 220 -10.35 14.53 -1.06
C TYR D 220 -8.83 14.73 -1.10
N ALA D 221 -8.33 15.71 -0.34
CA ALA D 221 -6.88 15.95 -0.26
C ALA D 221 -6.14 14.73 0.25
N MET D 222 -6.80 13.89 1.06
CA MET D 222 -6.14 12.66 1.51
C MET D 222 -6.00 11.76 0.29
N LYS D 223 -7.08 11.64 -0.47
CA LYS D 223 -7.11 10.80 -1.64
C LYS D 223 -6.20 11.27 -2.79
N ARG D 224 -6.25 12.55 -3.15
CA ARG D 224 -5.39 12.98 -4.26
C ARG D 224 -3.92 12.85 -3.87
N HIS D 225 -3.64 13.05 -2.58
CA HIS D 225 -2.28 12.91 -2.07
C HIS D 225 -1.77 11.52 -2.38
N LYS D 226 -2.55 10.47 -2.05
CA LYS D 226 -2.09 9.13 -2.35
C LYS D 226 -2.13 8.77 -3.83
N TRP D 227 -3.02 9.38 -4.58
CA TRP D 227 -3.13 9.07 -5.97
C TRP D 227 -2.12 9.85 -6.80
N SER D 228 -1.43 10.81 -6.15
CA SER D 228 -0.50 11.68 -6.87
C SER D 228 0.70 10.94 -7.46
N VAL D 229 1.10 9.82 -6.82
CA VAL D 229 2.21 8.96 -7.32
C VAL D 229 1.82 8.45 -8.70
N LEU D 230 0.51 8.22 -8.87
CA LEU D 230 -0.01 7.78 -10.14
C LEU D 230 -0.39 8.93 -11.11
N LYS D 231 -1.08 9.97 -10.64
CA LYS D 231 -1.49 11.07 -11.57
C LYS D 231 -0.25 11.73 -12.20
N SER D 232 0.75 12.00 -11.37
CA SER D 232 2.02 12.55 -11.84
C SER D 232 2.76 11.32 -11.91
N ARG D 233 3.29 10.97 -13.08
CA ARG D 233 3.96 9.65 -13.26
C ARG D 233 4.37 9.69 -14.65
N LYS D 234 5.51 9.15 -14.98
CA LYS D 234 5.89 9.24 -16.37
C LYS D 234 6.25 7.88 -16.99
N LEU D 235 5.97 7.73 -18.27
CA LEU D 235 6.28 6.50 -18.96
C LEU D 235 7.22 6.74 -20.10
N ALA D 236 8.04 5.74 -20.37
CA ALA D 236 8.93 5.79 -21.48
C ALA D 236 9.01 4.37 -21.94
N TYR D 237 9.21 4.17 -23.24
CA TYR D 237 9.30 2.85 -23.85
C TYR D 237 10.63 2.77 -24.51
N ARG D 238 11.52 1.91 -24.02
CA ARG D 238 12.86 1.81 -24.62
C ARG D 238 13.18 0.41 -25.20
N PRO D 239 12.56 0.05 -26.35
CA PRO D 239 12.75 -1.29 -26.95
C PRO D 239 14.09 -1.45 -27.51
N PRO D 240 14.59 -2.69 -27.68
CA PRO D 240 15.93 -2.93 -28.25
C PRO D 240 15.91 -2.48 -29.67
N LYS D 241 16.93 -1.70 -30.03
CA LYS D 241 17.13 -1.09 -31.35
C LYS D 241 16.75 -1.90 -32.60
N SER E 1 24.79 3.48 -22.20
CA SER E 1 23.56 3.67 -22.99
C SER E 1 22.38 3.69 -22.08
N HIS E 2 22.47 3.02 -20.92
CA HIS E 2 21.40 3.16 -19.95
C HIS E 2 21.74 4.46 -19.25
N THR E 3 22.88 5.02 -19.63
CA THR E 3 23.36 6.30 -19.18
C THR E 3 22.55 7.40 -19.85
N ASP E 4 21.87 7.09 -20.97
CA ASP E 4 21.02 8.11 -21.63
C ASP E 4 19.72 8.27 -20.80
N ILE E 5 19.62 7.52 -19.72
CA ILE E 5 18.42 7.55 -18.96
C ILE E 5 18.21 8.70 -18.11
N LYS E 6 17.37 9.56 -18.70
CA LYS E 6 16.85 10.75 -18.17
C LYS E 6 16.10 10.54 -16.90
N VAL E 7 15.43 11.57 -16.51
CA VAL E 7 14.51 11.57 -15.40
C VAL E 7 13.80 12.84 -15.68
N PRO E 8 12.58 12.70 -16.17
CA PRO E 8 11.78 13.84 -16.63
C PRO E 8 11.65 14.87 -15.57
N ASP E 9 11.64 16.11 -15.98
CA ASP E 9 11.51 17.16 -15.02
C ASP E 9 10.12 17.11 -14.36
N PHE E 10 10.08 17.34 -13.05
CA PHE E 10 8.81 17.34 -12.31
C PHE E 10 8.53 18.72 -11.68
N SER E 11 9.27 19.76 -12.08
CA SER E 11 9.09 21.08 -11.50
C SER E 11 7.63 21.43 -11.53
N ASP E 12 7.01 21.01 -12.61
CA ASP E 12 5.59 21.19 -12.88
C ASP E 12 4.69 20.45 -11.87
N TYR E 13 5.28 19.74 -10.91
CA TYR E 13 4.50 18.98 -9.94
C TYR E 13 5.01 19.15 -8.53
N ARG E 14 6.27 19.50 -8.38
CA ARG E 14 6.87 19.65 -7.05
C ARG E 14 6.34 20.79 -6.26
N ARG E 15 6.14 20.57 -4.96
CA ARG E 15 5.71 21.64 -4.03
C ARG E 15 6.81 22.73 -4.07
N PRO E 16 6.50 23.95 -3.68
CA PRO E 16 7.50 25.03 -3.81
C PRO E 16 8.74 24.79 -2.98
N GLU E 17 8.52 24.25 -1.79
CA GLU E 17 9.57 24.04 -0.81
C GLU E 17 10.67 23.16 -1.31
N VAL E 18 10.40 22.55 -2.45
CA VAL E 18 11.29 21.63 -3.11
C VAL E 18 11.25 22.01 -4.56
N LEU E 19 12.05 22.97 -4.95
CA LEU E 19 12.06 23.38 -6.32
C LEU E 19 13.45 23.72 -6.70
N ASP E 20 14.30 23.82 -5.71
CA ASP E 20 15.65 24.17 -5.95
C ASP E 20 16.62 23.02 -5.85
N SER E 21 17.32 22.78 -6.95
CA SER E 21 18.35 21.75 -7.02
C SER E 21 19.49 22.19 -6.14
N THR E 22 19.61 23.51 -5.96
CA THR E 22 20.68 24.09 -5.18
C THR E 22 20.60 23.74 -3.68
N LYS E 23 19.42 23.42 -3.15
CA LYS E 23 19.37 23.14 -1.71
C LYS E 23 18.70 21.85 -1.17
N SER E 24 19.01 21.52 0.09
CA SER E 24 18.50 20.31 0.74
C SER E 24 17.00 20.21 0.75
N SER E 25 16.52 19.05 1.11
CA SER E 25 15.12 18.86 1.15
C SER E 25 14.73 18.40 2.51
N LYS E 26 15.75 18.09 3.30
CA LYS E 26 15.57 17.66 4.66
C LYS E 26 14.86 18.77 5.48
N GLU E 27 15.02 20.01 5.07
CA GLU E 27 14.41 21.08 5.79
C GLU E 27 12.89 21.15 5.65
N SER E 28 12.42 21.24 4.43
CA SER E 28 11.00 21.33 4.19
C SER E 28 10.26 20.01 4.47
N SER E 29 11.02 18.96 4.76
CA SER E 29 10.43 17.64 5.03
C SER E 29 9.45 17.72 6.18
N GLU E 30 9.92 18.24 7.30
CA GLU E 30 9.06 18.35 8.46
C GLU E 30 7.79 19.12 8.14
N ALA E 31 7.93 20.28 7.49
CA ALA E 31 6.77 21.07 7.12
C ALA E 31 5.90 20.28 6.17
N ARG E 32 6.52 19.60 5.20
CA ARG E 32 5.76 18.80 4.24
C ARG E 32 4.99 17.65 4.89
N LYS E 33 5.66 16.85 5.74
CA LYS E 33 4.99 15.75 6.42
C LYS E 33 3.96 16.39 7.38
N GLY E 34 4.38 17.46 8.03
CA GLY E 34 3.48 18.17 8.91
C GLY E 34 2.15 18.42 8.26
N PHE E 35 2.18 19.16 7.16
CA PHE E 35 0.98 19.49 6.42
C PHE E 35 0.16 18.29 6.05
N SER E 36 0.77 17.35 5.36
CA SER E 36 0.05 16.17 4.92
C SER E 36 -0.51 15.36 6.05
N TYR E 37 0.18 15.33 7.17
CA TYR E 37 -0.32 14.55 8.29
C TYR E 37 -1.40 15.33 9.05
N LEU E 38 -1.21 16.64 9.19
CA LEU E 38 -2.20 17.46 9.88
C LEU E 38 -3.53 17.24 9.22
N VAL E 39 -3.51 17.25 7.88
CA VAL E 39 -4.69 16.98 7.09
C VAL E 39 -5.36 15.66 7.52
N THR E 40 -4.60 14.57 7.56
CA THR E 40 -5.21 13.31 7.97
C THR E 40 -5.60 13.29 9.47
N ALA E 41 -4.86 13.99 10.32
CA ALA E 41 -5.19 14.00 11.75
C ALA E 41 -6.54 14.68 11.92
N THR E 42 -6.64 15.90 11.37
CA THR E 42 -7.86 16.73 11.40
C THR E 42 -9.04 15.93 10.89
N THR E 43 -8.82 15.15 9.83
CA THR E 43 -9.83 14.28 9.26
C THR E 43 -10.32 13.27 10.28
N THR E 44 -9.40 12.51 10.90
CA THR E 44 -9.81 11.53 11.87
C THR E 44 -10.56 12.19 13.02
N VAL E 45 -10.10 13.37 13.47
CA VAL E 45 -10.81 14.11 14.52
C VAL E 45 -12.23 14.36 14.00
N GLY E 46 -12.31 14.76 12.74
CA GLY E 46 -13.61 15.00 12.12
C GLY E 46 -14.47 13.74 12.15
N VAL E 47 -13.97 12.66 11.55
CA VAL E 47 -14.74 11.43 11.51
C VAL E 47 -15.11 10.97 12.91
N ALA E 48 -14.18 11.14 13.84
CA ALA E 48 -14.38 10.73 15.21
C ALA E 48 -15.67 11.37 15.74
N TYR E 49 -15.82 12.67 15.49
CA TYR E 49 -16.99 13.37 15.91
C TYR E 49 -18.27 12.68 15.49
N ALA E 50 -18.40 12.37 14.21
CA ALA E 50 -19.62 11.74 13.70
C ALA E 50 -19.75 10.31 14.17
N ALA E 51 -18.63 9.61 14.29
CA ALA E 51 -18.68 8.23 14.73
C ALA E 51 -19.31 8.16 16.12
N LYS E 52 -18.73 8.88 17.07
CA LYS E 52 -19.30 8.88 18.42
C LYS E 52 -20.76 9.19 18.41
N ASN E 53 -21.09 10.35 17.87
CA ASN E 53 -22.46 10.79 17.83
C ASN E 53 -23.43 9.75 17.29
N VAL E 54 -23.16 9.23 16.09
CA VAL E 54 -24.01 8.18 15.47
C VAL E 54 -24.05 6.92 16.38
N VAL E 55 -22.89 6.51 16.88
CA VAL E 55 -22.82 5.36 17.79
C VAL E 55 -23.64 5.65 19.08
N SER E 56 -23.42 6.83 19.67
CA SER E 56 -24.12 7.22 20.90
C SER E 56 -25.65 7.18 20.71
N GLN E 57 -26.14 7.76 19.64
CA GLN E 57 -27.57 7.75 19.36
C GLN E 57 -28.09 6.33 19.37
N PHE E 58 -27.45 5.46 18.60
CA PHE E 58 -27.85 4.08 18.55
C PHE E 58 -27.82 3.44 19.94
N VAL E 59 -26.75 3.69 20.69
CA VAL E 59 -26.63 3.17 22.03
C VAL E 59 -27.73 3.74 22.93
N SER E 60 -27.87 5.05 22.94
CA SER E 60 -28.88 5.69 23.78
C SER E 60 -30.33 5.37 23.40
N SER E 61 -30.50 4.71 22.24
CA SER E 61 -31.82 4.34 21.76
C SER E 61 -32.39 3.16 22.49
N MET E 62 -31.56 2.39 23.16
CA MET E 62 -32.05 1.23 23.89
C MET E 62 -32.48 1.52 25.38
N SER E 63 -32.78 2.79 25.71
CA SER E 63 -33.09 3.17 27.11
C SER E 63 -34.52 3.60 27.56
N ALA E 64 -35.01 4.70 27.03
CA ALA E 64 -36.27 5.23 27.50
C ALA E 64 -37.41 5.08 26.49
N SER E 65 -38.45 5.90 26.64
CA SER E 65 -39.64 5.89 25.75
C SER E 65 -40.77 6.59 26.47
N ALA E 66 -41.86 5.84 26.59
CA ALA E 66 -43.02 6.24 27.33
C ALA E 66 -42.78 5.50 28.65
N ASP E 67 -41.52 5.47 29.05
CA ASP E 67 -41.08 4.75 30.22
C ASP E 67 -40.33 5.66 31.17
N VAL E 68 -41.03 6.67 31.67
CA VAL E 68 -40.49 7.61 32.65
C VAL E 68 -41.67 7.87 33.61
N LEU E 69 -42.77 7.15 33.33
CA LEU E 69 -44.01 7.14 34.12
C LEU E 69 -43.87 7.66 35.57
N ALA E 70 -43.60 6.72 36.48
CA ALA E 70 -43.38 7.00 37.93
C ALA E 70 -44.53 7.51 38.84
N MET E 71 -45.77 7.60 38.33
CA MET E 71 -46.95 8.13 39.12
C MET E 71 -47.02 7.63 40.58
N SER E 72 -47.70 6.50 40.74
CA SER E 72 -47.82 5.81 42.03
C SER E 72 -48.18 6.60 43.30
N LYS E 73 -47.26 6.57 44.29
CA LYS E 73 -47.46 7.18 45.64
C LYS E 73 -48.73 6.62 46.23
N ILE E 74 -49.04 5.40 45.78
CA ILE E 74 -50.26 4.64 46.09
C ILE E 74 -51.01 4.86 47.40
N GLU E 75 -52.33 4.89 47.29
CA GLU E 75 -53.19 5.06 48.44
C GLU E 75 -53.19 3.79 49.26
N ILE E 76 -52.47 3.81 50.37
CA ILE E 76 -52.44 2.67 51.26
C ILE E 76 -53.26 3.04 52.51
N LYS E 77 -53.53 2.05 53.35
CA LYS E 77 -54.29 2.24 54.58
C LYS E 77 -53.83 1.05 55.46
N LEU E 78 -53.31 1.32 56.66
CA LEU E 78 -52.74 0.25 57.49
C LEU E 78 -53.45 -0.54 58.60
N SER E 79 -54.49 0.03 59.19
CA SER E 79 -55.29 -0.71 60.16
C SER E 79 -56.36 -1.41 59.33
N ASP E 80 -56.42 -0.98 58.06
CA ASP E 80 -57.29 -1.49 57.02
C ASP E 80 -56.88 -2.95 56.72
N ILE E 81 -55.57 -3.18 56.70
CA ILE E 81 -54.99 -4.51 56.53
C ILE E 81 -54.83 -5.00 58.00
N PRO E 82 -55.06 -6.30 58.27
CA PRO E 82 -55.01 -6.88 59.64
C PRO E 82 -53.87 -6.48 60.60
N GLU E 83 -52.90 -7.36 60.84
CA GLU E 83 -51.82 -7.04 61.78
C GLU E 83 -50.39 -7.23 61.25
N GLY E 84 -50.22 -8.06 60.22
CA GLY E 84 -48.90 -8.28 59.66
C GLY E 84 -48.89 -8.91 58.29
N LYS E 85 -49.98 -8.74 57.56
CA LYS E 85 -50.11 -9.35 56.25
C LYS E 85 -49.36 -8.57 55.16
N ASN E 86 -48.34 -9.24 54.59
CA ASN E 86 -47.49 -8.72 53.51
C ASN E 86 -48.36 -8.24 52.32
N MET E 87 -48.21 -6.97 51.94
CA MET E 87 -49.06 -6.40 50.87
C MET E 87 -48.30 -5.65 49.78
N ALA E 88 -48.14 -6.29 48.62
CA ALA E 88 -47.43 -5.69 47.47
C ALA E 88 -48.28 -4.76 46.61
N PHE E 89 -47.68 -3.67 46.14
CA PHE E 89 -48.36 -2.69 45.28
C PHE E 89 -47.56 -2.51 43.99
N LYS E 90 -47.97 -1.54 43.18
CA LYS E 90 -47.24 -1.19 41.96
C LYS E 90 -46.68 0.22 42.12
N TRP E 91 -45.37 0.34 42.38
CA TRP E 91 -44.73 1.65 42.50
C TRP E 91 -43.69 1.78 41.41
N ARG E 92 -44.10 2.43 40.29
CA ARG E 92 -43.27 2.57 39.08
C ARG E 92 -43.08 1.16 38.52
N GLY E 93 -43.95 0.25 38.96
CA GLY E 93 -43.88 -1.14 38.59
C GLY E 93 -43.60 -2.00 39.81
N LYS E 94 -42.35 -1.93 40.28
CA LYS E 94 -41.84 -2.71 41.43
C LYS E 94 -42.79 -3.02 42.62
N PRO E 95 -42.97 -4.32 42.90
CA PRO E 95 -43.84 -4.82 43.99
C PRO E 95 -43.46 -4.35 45.41
N LEU E 96 -44.20 -3.36 45.91
CA LEU E 96 -43.98 -2.73 47.22
C LEU E 96 -44.50 -3.54 48.43
N PHE E 97 -43.79 -4.61 48.80
CA PHE E 97 -44.14 -5.52 49.94
C PHE E 97 -44.43 -4.86 51.33
N VAL E 98 -45.67 -4.45 51.59
CA VAL E 98 -45.99 -3.80 52.90
C VAL E 98 -46.46 -4.75 54.03
N ARG E 99 -45.51 -5.30 54.80
CA ARG E 99 -45.87 -6.16 55.93
C ARG E 99 -46.05 -5.30 57.19
N HIS E 100 -47.13 -5.53 57.93
CA HIS E 100 -47.38 -4.80 59.16
C HIS E 100 -46.75 -5.49 60.35
N ARG E 101 -46.86 -4.90 61.54
CA ARG E 101 -46.13 -5.46 62.66
C ARG E 101 -46.94 -5.79 63.93
N THR E 102 -47.02 -7.07 64.24
CA THR E 102 -47.67 -7.53 65.46
C THR E 102 -46.60 -7.34 66.52
N LYS E 103 -46.98 -6.92 67.73
CA LYS E 103 -46.00 -6.68 68.81
C LYS E 103 -44.88 -7.72 68.86
N LYS E 104 -45.25 -8.98 69.05
CA LYS E 104 -44.29 -10.09 69.11
C LYS E 104 -43.20 -10.00 68.03
N GLU E 105 -43.61 -9.89 66.77
CA GLU E 105 -42.65 -9.85 65.65
C GLU E 105 -41.84 -8.55 65.48
N ILE E 106 -42.05 -7.56 66.35
CA ILE E 106 -41.26 -6.33 66.31
C ILE E 106 -40.04 -6.57 67.19
N ASP E 107 -40.19 -7.48 68.14
CA ASP E 107 -39.15 -7.78 69.09
C ASP E 107 -38.04 -8.67 68.53
N GLN E 108 -38.31 -9.35 67.42
CA GLN E 108 -37.30 -10.16 66.78
C GLN E 108 -36.54 -9.22 65.87
N GLU E 109 -37.20 -8.10 65.56
CA GLU E 109 -36.64 -7.06 64.74
C GLU E 109 -35.97 -6.02 65.61
N ALA E 110 -36.38 -5.98 66.88
CA ALA E 110 -35.74 -5.10 67.85
C ALA E 110 -34.50 -5.83 68.35
N ALA E 111 -34.23 -6.99 67.74
CA ALA E 111 -33.08 -7.80 68.06
C ALA E 111 -32.25 -8.07 66.81
N VAL E 112 -31.28 -7.21 66.54
CA VAL E 112 -30.40 -7.36 65.39
C VAL E 112 -28.94 -7.48 65.89
N GLU E 113 -27.97 -7.23 65.01
CA GLU E 113 -26.56 -7.24 65.37
C GLU E 113 -25.74 -6.25 64.52
N VAL E 114 -25.57 -5.03 65.04
CA VAL E 114 -24.83 -3.97 64.33
C VAL E 114 -23.29 -4.21 64.33
N SER E 115 -22.81 -4.97 65.32
CA SER E 115 -21.37 -5.28 65.41
C SER E 115 -20.96 -6.17 64.23
N GLN E 116 -21.71 -7.24 64.02
CA GLN E 116 -21.49 -8.18 62.92
C GLN E 116 -22.52 -7.89 61.80
N LEU E 117 -22.24 -6.88 60.96
CA LEU E 117 -23.19 -6.51 59.89
C LEU E 117 -22.55 -5.96 58.59
N ARG E 118 -23.30 -6.07 57.49
CA ARG E 118 -22.87 -5.62 56.17
C ARG E 118 -23.18 -4.15 55.98
N ASP E 119 -24.47 -3.84 55.87
CA ASP E 119 -24.97 -2.46 55.78
C ASP E 119 -25.53 -2.21 57.20
N PRO E 120 -24.71 -1.59 58.07
CA PRO E 120 -25.06 -1.38 59.49
C PRO E 120 -26.38 -0.67 59.75
N GLN E 121 -27.32 -1.37 60.39
CA GLN E 121 -28.65 -0.82 60.75
C GLN E 121 -29.47 -1.72 61.67
N HIS E 122 -30.55 -1.14 62.18
CA HIS E 122 -31.47 -1.82 63.09
C HIS E 122 -32.86 -1.59 62.49
N ASP E 123 -33.83 -2.44 62.83
CA ASP E 123 -35.20 -2.26 62.33
C ASP E 123 -35.73 -0.92 62.75
N LEU E 124 -35.36 -0.48 63.97
CA LEU E 124 -35.74 0.84 64.49
C LEU E 124 -35.01 1.91 63.70
N GLU E 125 -33.74 1.64 63.35
CA GLU E 125 -32.93 2.61 62.61
C GLU E 125 -33.41 2.76 61.16
N ARG E 126 -34.31 1.88 60.76
CA ARG E 126 -34.92 1.95 59.47
C ARG E 126 -36.22 2.76 59.63
N VAL E 127 -37.26 2.09 60.08
CA VAL E 127 -38.60 2.69 60.29
C VAL E 127 -38.68 3.94 61.23
N LYS E 128 -39.34 4.99 60.76
CA LYS E 128 -39.53 6.26 61.50
C LYS E 128 -40.66 6.17 62.57
N LYS E 129 -41.65 5.30 62.32
CA LYS E 129 -42.73 5.01 63.30
C LYS E 129 -42.48 3.56 63.70
N PRO E 130 -41.71 3.36 64.78
CA PRO E 130 -41.24 2.04 65.26
C PRO E 130 -41.92 0.71 64.85
N GLU E 131 -43.22 0.70 64.58
CA GLU E 131 -43.89 -0.54 64.19
C GLU E 131 -44.65 -0.48 62.86
N TRP E 132 -44.03 0.06 61.81
CA TRP E 132 -44.72 0.18 60.53
C TRP E 132 -43.85 0.17 59.26
N VAL E 133 -42.67 -0.46 59.30
CA VAL E 133 -41.76 -0.47 58.13
C VAL E 133 -42.40 -0.95 56.82
N ILE E 134 -42.34 -0.11 55.81
CA ILE E 134 -42.86 -0.46 54.50
C ILE E 134 -41.74 -0.98 53.65
N LEU E 135 -41.85 -2.22 53.23
CA LEU E 135 -40.82 -2.82 52.43
C LEU E 135 -41.16 -2.86 50.96
N ILE E 136 -40.32 -3.52 50.20
CA ILE E 136 -40.48 -3.62 48.77
C ILE E 136 -40.12 -5.06 48.39
N GLY E 137 -40.27 -5.40 47.13
CA GLY E 137 -39.90 -6.72 46.66
C GLY E 137 -38.98 -6.63 45.48
N VAL E 138 -37.70 -6.92 45.70
CA VAL E 138 -36.71 -6.88 44.64
C VAL E 138 -35.56 -7.85 44.85
N CYS E 139 -34.91 -7.71 46.01
CA CYS E 139 -33.68 -8.42 46.37
C CYS E 139 -32.47 -7.72 45.78
N THR E 140 -31.62 -7.20 46.65
CA THR E 140 -30.42 -6.46 46.21
C THR E 140 -29.44 -7.24 45.33
N HIS E 141 -29.58 -8.56 45.27
CA HIS E 141 -28.76 -9.38 44.42
C HIS E 141 -29.41 -9.49 43.04
N LEU E 142 -30.54 -10.21 42.95
CA LEU E 142 -31.24 -10.36 41.65
C LEU E 142 -32.73 -9.95 41.67
N GLY E 143 -33.62 -10.87 41.25
CA GLY E 143 -35.02 -10.53 41.16
C GLY E 143 -36.06 -11.48 41.74
N CYS E 144 -35.87 -11.90 42.97
CA CYS E 144 -36.86 -12.75 43.62
C CYS E 144 -37.50 -11.99 44.72
N VAL E 145 -38.69 -11.48 44.44
CA VAL E 145 -39.47 -10.71 45.39
C VAL E 145 -39.66 -11.52 46.70
N PRO E 146 -38.94 -11.09 47.74
CA PRO E 146 -38.84 -11.75 49.08
C PRO E 146 -40.02 -12.53 49.72
N ILE E 147 -40.65 -13.44 48.98
CA ILE E 147 -41.81 -14.27 49.43
C ILE E 147 -42.20 -14.30 50.96
N ALA E 148 -43.43 -13.84 51.25
CA ALA E 148 -43.98 -13.77 52.62
C ALA E 148 -43.88 -15.06 53.44
N ASN E 149 -42.90 -15.10 54.36
CA ASN E 149 -42.57 -16.27 55.24
C ASN E 149 -41.52 -17.17 54.62
N ALA E 150 -41.60 -18.48 54.92
CA ALA E 150 -40.72 -19.53 54.35
C ALA E 150 -39.17 -19.33 54.41
N GLY E 151 -38.70 -18.41 55.25
CA GLY E 151 -37.27 -18.15 55.34
C GLY E 151 -36.67 -18.44 56.70
N ASP E 152 -35.54 -17.80 56.99
CA ASP E 152 -34.87 -18.02 58.26
C ASP E 152 -35.42 -17.08 59.36
N PHE E 153 -34.70 -15.99 59.63
CA PHE E 153 -35.08 -15.04 60.70
C PHE E 153 -36.37 -14.27 60.32
N GLY E 154 -36.92 -13.53 61.29
CA GLY E 154 -38.12 -12.69 61.11
C GLY E 154 -39.34 -13.27 60.39
N GLY E 155 -39.18 -13.55 59.10
CA GLY E 155 -40.23 -14.13 58.29
C GLY E 155 -39.76 -14.32 56.86
N TYR E 156 -39.62 -13.21 56.15
CA TYR E 156 -39.17 -13.11 54.74
C TYR E 156 -38.20 -14.17 54.17
N TYR E 157 -38.32 -14.43 52.88
CA TYR E 157 -37.44 -15.37 52.17
C TYR E 157 -37.31 -14.88 50.78
N CYS E 158 -36.08 -14.81 50.30
CA CYS E 158 -35.80 -14.30 48.98
C CYS E 158 -35.29 -15.42 48.02
N PRO E 159 -36.21 -16.14 47.37
CA PRO E 159 -35.87 -17.26 46.46
C PRO E 159 -34.86 -17.06 45.31
N CYS E 160 -35.34 -17.08 44.05
CA CYS E 160 -34.47 -17.09 42.83
C CYS E 160 -33.82 -18.44 42.94
N HIS E 161 -32.73 -18.43 43.68
CA HIS E 161 -32.02 -19.63 43.99
C HIS E 161 -32.49 -19.84 45.41
N GLY E 162 -32.01 -18.97 46.29
CA GLY E 162 -32.35 -19.00 47.69
C GLY E 162 -31.49 -18.02 48.46
N SER E 163 -32.14 -17.24 49.32
CA SER E 163 -31.48 -16.24 50.17
C SER E 163 -32.47 -15.96 51.28
N HIS E 164 -31.98 -15.79 52.50
CA HIS E 164 -32.90 -15.60 53.59
C HIS E 164 -33.01 -14.19 54.18
N TYR E 165 -34.24 -13.74 54.35
CA TYR E 165 -34.53 -12.42 54.86
C TYR E 165 -35.30 -12.48 56.18
N ASP E 166 -35.68 -11.31 56.69
CA ASP E 166 -36.46 -11.23 57.94
C ASP E 166 -37.43 -10.04 57.87
N ALA E 167 -38.19 -9.82 58.94
CA ALA E 167 -39.20 -8.76 58.97
C ALA E 167 -38.66 -7.32 59.02
N SER E 168 -37.65 -7.05 58.23
CA SER E 168 -37.08 -5.72 58.07
C SER E 168 -36.45 -5.73 56.70
N GLY E 169 -36.55 -6.89 56.04
CA GLY E 169 -36.01 -7.10 54.71
C GLY E 169 -34.55 -7.52 54.71
N ARG E 170 -33.88 -7.25 55.83
CA ARG E 170 -32.45 -7.52 56.04
C ARG E 170 -31.92 -8.87 55.55
N ILE E 171 -30.70 -8.87 55.02
CA ILE E 171 -30.09 -10.11 54.59
C ILE E 171 -29.40 -10.79 55.77
N ARG E 172 -29.98 -11.88 56.21
CA ARG E 172 -29.48 -12.58 57.33
C ARG E 172 -28.43 -13.60 56.95
N LYS E 173 -28.72 -14.39 55.92
CA LYS E 173 -27.77 -15.39 55.48
C LYS E 173 -26.70 -14.95 54.48
N GLY E 174 -27.04 -14.81 53.20
CA GLY E 174 -26.02 -14.46 52.24
C GLY E 174 -26.26 -13.68 50.94
N PRO E 175 -26.62 -14.41 49.87
CA PRO E 175 -26.75 -13.89 48.49
C PRO E 175 -27.06 -12.40 48.25
N ALA E 176 -28.06 -11.83 48.92
CA ALA E 176 -28.38 -10.41 48.73
C ALA E 176 -27.47 -9.50 49.55
N PRO E 177 -26.71 -8.63 48.89
CA PRO E 177 -25.79 -7.74 49.60
C PRO E 177 -26.44 -6.80 50.65
N LEU E 178 -27.67 -6.33 50.41
CA LEU E 178 -28.30 -5.38 51.35
C LEU E 178 -29.68 -5.79 51.93
N ASN E 179 -30.32 -4.82 52.62
CA ASN E 179 -31.60 -5.05 53.33
C ASN E 179 -32.87 -4.46 52.66
N LEU E 180 -33.10 -4.83 51.40
CA LEU E 180 -34.24 -4.33 50.61
C LEU E 180 -34.27 -2.81 50.45
N GLU E 181 -35.45 -2.25 50.24
CA GLU E 181 -35.57 -0.82 50.06
C GLU E 181 -36.81 -0.23 50.73
N VAL E 182 -36.59 0.71 51.65
CA VAL E 182 -37.68 1.43 52.32
C VAL E 182 -38.03 2.66 51.48
N PRO E 183 -39.21 2.64 50.85
CA PRO E 183 -39.65 3.76 49.99
C PRO E 183 -39.98 4.98 50.84
N SER E 184 -38.96 5.47 51.57
CA SER E 184 -39.11 6.56 52.54
C SER E 184 -40.16 6.13 53.57
N TYR E 185 -40.83 5.01 53.24
CA TYR E 185 -41.86 4.32 54.01
C TYR E 185 -43.03 5.22 54.61
N GLU E 186 -42.82 6.54 54.62
CA GLU E 186 -43.72 7.58 55.19
C GLU E 186 -45.27 7.49 54.94
N PHE E 187 -46.05 7.97 55.92
CA PHE E 187 -47.53 7.94 55.88
C PHE E 187 -48.15 9.31 55.66
N THR E 188 -49.39 9.44 56.19
CA THR E 188 -50.17 10.68 56.23
C THR E 188 -50.50 10.87 57.73
N SER E 189 -51.50 10.14 58.23
CA SER E 189 -51.84 10.17 59.66
C SER E 189 -51.35 8.85 60.27
N ASP E 190 -52.00 8.34 61.31
CA ASP E 190 -51.56 7.06 61.88
C ASP E 190 -52.00 5.86 61.03
N ASP E 191 -53.31 5.70 60.86
CA ASP E 191 -53.88 4.62 60.05
C ASP E 191 -53.61 4.86 58.56
N MET E 192 -53.85 6.11 58.11
CA MET E 192 -53.63 6.49 56.73
C MET E 192 -52.16 6.43 56.42
N VAL E 193 -51.83 6.11 55.17
CA VAL E 193 -50.44 5.96 54.77
C VAL E 193 -50.25 6.08 53.24
N ILE E 194 -49.11 6.64 52.84
CA ILE E 194 -48.74 6.75 51.44
C ILE E 194 -47.36 6.10 51.29
N VAL E 195 -46.51 6.63 50.40
CA VAL E 195 -45.13 6.11 50.19
C VAL E 195 -44.24 7.09 49.41
N GLY E 196 -43.17 7.56 50.05
CA GLY E 196 -42.24 8.46 49.39
C GLY E 196 -42.19 9.86 49.98
N VAL F 6 -14.72 2.29 -56.70
CA VAL F 6 -13.55 3.22 -56.73
C VAL F 6 -13.93 4.66 -56.52
N SER F 7 -14.88 5.22 -57.22
CA SER F 7 -14.96 6.67 -57.03
C SER F 7 -15.97 7.17 -55.99
N ALA F 8 -16.66 8.25 -56.37
CA ALA F 8 -17.55 9.02 -55.45
C ALA F 8 -18.14 8.21 -54.27
N SER F 9 -18.81 7.13 -54.59
CA SER F 9 -19.47 6.28 -53.57
C SER F 9 -18.44 5.61 -52.63
N SER F 10 -17.36 5.06 -53.20
CA SER F 10 -16.36 4.37 -52.39
C SER F 10 -15.70 5.30 -51.42
N ARG F 11 -15.41 6.51 -51.88
CA ARG F 11 -14.81 7.52 -51.04
C ARG F 11 -15.77 7.98 -50.00
N TRP F 12 -17.06 7.95 -50.33
CA TRP F 12 -18.10 8.32 -49.38
C TRP F 12 -18.15 7.28 -48.26
N LEU F 13 -18.16 6.00 -48.63
CA LEU F 13 -18.17 4.94 -47.65
C LEU F 13 -16.89 5.02 -46.86
N GLU F 14 -15.80 5.33 -47.56
CA GLU F 14 -14.50 5.46 -46.90
C GLU F 14 -14.50 6.67 -45.98
N GLY F 15 -15.24 7.72 -46.35
CA GLY F 15 -15.31 8.91 -45.50
C GLY F 15 -16.20 8.63 -44.28
N ILE F 16 -17.29 7.88 -44.47
CA ILE F 16 -18.14 7.51 -43.35
C ILE F 16 -17.26 6.72 -42.39
N ARG F 17 -16.50 5.76 -42.94
CA ARG F 17 -15.58 4.95 -42.13
C ARG F 17 -14.54 5.80 -41.41
N LYS F 18 -14.01 6.81 -42.10
CA LYS F 18 -13.02 7.66 -41.46
C LYS F 18 -13.66 8.47 -40.37
N TRP F 19 -14.90 8.90 -40.60
CA TRP F 19 -15.65 9.66 -39.61
C TRP F 19 -15.88 8.82 -38.34
N TYR F 20 -16.36 7.59 -38.52
CA TYR F 20 -16.63 6.72 -37.40
C TYR F 20 -15.40 6.52 -36.63
N TYR F 21 -14.33 6.24 -37.35
CA TYR F 21 -13.02 6.03 -36.75
C TYR F 21 -12.71 7.19 -35.83
N ASN F 22 -12.76 8.40 -36.36
CA ASN F 22 -12.44 9.56 -35.57
C ASN F 22 -13.35 9.73 -34.34
N ALA F 23 -14.60 9.34 -34.50
CA ALA F 23 -15.58 9.46 -33.45
C ALA F 23 -15.34 8.46 -32.35
N ALA F 24 -14.96 7.24 -32.76
CA ALA F 24 -14.72 6.16 -31.85
C ALA F 24 -13.67 6.52 -30.83
N GLY F 25 -12.81 7.45 -31.22
CA GLY F 25 -11.81 8.00 -30.34
C GLY F 25 -10.78 7.10 -29.65
N PHE F 26 -10.44 5.94 -30.23
CA PHE F 26 -9.33 5.21 -29.62
C PHE F 26 -8.04 5.87 -30.09
N ASN F 27 -8.14 6.54 -31.22
CA ASN F 27 -7.04 7.31 -31.78
C ASN F 27 -6.55 8.34 -30.79
N LYS F 28 -7.46 8.92 -30.04
CA LYS F 28 -7.11 9.99 -29.14
C LYS F 28 -6.17 9.55 -28.04
N LEU F 29 -6.19 8.24 -27.76
CA LEU F 29 -5.31 7.64 -26.74
C LEU F 29 -4.24 6.85 -27.42
N GLY F 30 -3.85 7.26 -28.62
CA GLY F 30 -2.77 6.61 -29.34
C GLY F 30 -2.92 5.11 -29.57
N LEU F 31 -4.14 4.60 -29.37
CA LEU F 31 -4.43 3.19 -29.52
C LEU F 31 -4.57 2.85 -30.98
N MET F 32 -4.39 1.61 -31.33
CA MET F 32 -4.62 1.22 -32.71
C MET F 32 -5.86 0.35 -32.62
N ARG F 33 -6.59 0.16 -33.73
CA ARG F 33 -7.85 -0.62 -33.67
C ARG F 33 -7.73 -2.02 -33.04
N ASP F 34 -6.70 -2.78 -33.42
CA ASP F 34 -6.54 -4.09 -32.84
C ASP F 34 -6.25 -4.10 -31.33
N ASP F 35 -5.73 -2.99 -30.80
CA ASP F 35 -5.50 -2.91 -29.35
C ASP F 35 -6.82 -2.88 -28.61
N THR F 36 -7.92 -2.55 -29.30
CA THR F 36 -9.19 -2.49 -28.60
C THR F 36 -10.01 -3.77 -28.68
N ILE F 37 -9.60 -4.72 -29.50
CA ILE F 37 -10.34 -5.99 -29.67
C ILE F 37 -10.66 -6.63 -28.32
N HIS F 38 -11.87 -7.17 -28.15
CA HIS F 38 -12.25 -7.89 -26.91
C HIS F 38 -11.49 -9.18 -26.87
N GLU F 39 -10.98 -9.57 -25.71
CA GLU F 39 -10.15 -10.79 -25.65
C GLU F 39 -10.86 -12.10 -25.47
N ASN F 40 -11.38 -12.71 -26.51
CA ASN F 40 -11.93 -14.06 -26.31
C ASN F 40 -10.76 -15.09 -26.60
N ASP F 41 -11.00 -16.39 -26.39
CA ASP F 41 -9.94 -17.38 -26.70
C ASP F 41 -9.22 -17.23 -28.08
N ASP F 42 -10.00 -17.02 -29.18
CA ASP F 42 -9.38 -16.92 -30.53
C ASP F 42 -8.38 -15.80 -30.50
N VAL F 43 -8.79 -14.68 -29.92
CA VAL F 43 -7.93 -13.51 -29.81
C VAL F 43 -6.79 -13.72 -28.81
N LYS F 44 -7.09 -14.44 -27.71
CA LYS F 44 -6.08 -14.66 -26.70
C LYS F 44 -4.90 -15.34 -27.39
N GLU F 45 -5.22 -16.35 -28.21
CA GLU F 45 -4.22 -17.09 -28.93
C GLU F 45 -3.49 -16.26 -29.97
N ALA F 46 -4.22 -15.36 -30.66
CA ALA F 46 -3.55 -14.51 -31.66
C ALA F 46 -2.50 -13.68 -30.96
N ILE F 47 -2.90 -13.06 -29.83
CA ILE F 47 -1.95 -12.28 -29.05
C ILE F 47 -0.72 -13.11 -28.79
N ARG F 48 -0.95 -14.36 -28.38
CA ARG F 48 0.14 -15.25 -28.04
C ARG F 48 1.05 -15.41 -29.21
N ARG F 49 0.49 -15.57 -30.40
CA ARG F 49 1.29 -15.82 -31.56
C ARG F 49 2.07 -14.67 -32.07
N LEU F 50 1.90 -13.46 -31.51
CA LEU F 50 2.60 -12.26 -32.09
C LEU F 50 4.08 -12.40 -31.92
N PRO F 51 4.87 -11.78 -32.77
CA PRO F 51 6.31 -11.81 -32.59
C PRO F 51 6.66 -10.83 -31.51
N GLU F 52 7.90 -10.93 -31.01
CA GLU F 52 8.40 -10.09 -29.94
C GLU F 52 8.09 -8.57 -30.11
N ASN F 53 8.51 -8.00 -31.23
CA ASN F 53 8.32 -6.56 -31.48
C ASN F 53 6.87 -6.02 -31.33
N LEU F 54 5.92 -6.61 -32.07
CA LEU F 54 4.54 -6.18 -32.04
C LEU F 54 4.00 -6.40 -30.65
N TYR F 55 4.33 -7.54 -30.03
CA TYR F 55 3.82 -7.79 -28.70
C TYR F 55 4.27 -6.65 -27.78
N ASP F 56 5.56 -6.35 -27.80
CA ASP F 56 6.00 -5.31 -26.95
C ASP F 56 5.30 -3.98 -27.26
N ASP F 57 5.19 -3.60 -28.56
CA ASP F 57 4.51 -2.34 -28.94
C ASP F 57 3.03 -2.37 -28.50
N ARG F 58 2.40 -3.51 -28.66
CA ARG F 58 1.04 -3.67 -28.18
C ARG F 58 0.98 -3.38 -26.67
N VAL F 59 1.90 -3.97 -25.88
CA VAL F 59 1.87 -3.59 -24.45
C VAL F 59 2.11 -2.13 -24.12
N PHE F 60 3.02 -1.47 -24.83
CA PHE F 60 3.24 -0.10 -24.48
C PHE F 60 2.01 0.77 -24.76
N ARG F 61 1.35 0.52 -25.90
CA ARG F 61 0.13 1.26 -26.26
C ARG F 61 -0.98 1.04 -25.20
N ILE F 62 -1.32 -0.22 -24.91
CA ILE F 62 -2.36 -0.46 -23.93
C ILE F 62 -2.00 0.35 -22.68
N LYS F 63 -0.70 0.29 -22.30
CA LYS F 63 -0.21 0.97 -21.08
C LYS F 63 -0.35 2.45 -21.21
N ARG F 64 -0.01 2.99 -22.39
CA ARG F 64 -0.13 4.41 -22.60
C ARG F 64 -1.57 4.80 -22.49
N ALA F 65 -2.46 3.97 -23.04
CA ALA F 65 -3.88 4.29 -23.01
C ALA F 65 -4.48 4.18 -21.58
N LEU F 66 -4.25 3.07 -20.89
CA LEU F 66 -4.77 2.96 -19.53
C LEU F 66 -4.30 4.15 -18.67
N ASP F 67 -3.09 4.63 -18.93
CA ASP F 67 -2.56 5.72 -18.19
C ASP F 67 -3.41 6.93 -18.43
N LEU F 68 -3.61 7.26 -19.71
CA LEU F 68 -4.44 8.40 -20.09
C LEU F 68 -5.83 8.24 -19.54
N SER F 69 -6.42 7.06 -19.76
CA SER F 69 -7.77 6.76 -19.32
C SER F 69 -7.94 7.00 -17.87
N MET F 70 -6.86 6.83 -17.10
CA MET F 70 -6.91 7.06 -15.65
C MET F 70 -7.06 8.52 -15.33
N ARG F 71 -6.15 9.35 -15.82
CA ARG F 71 -6.25 10.77 -15.49
C ARG F 71 -7.13 11.47 -16.44
N GLN F 72 -8.00 10.68 -17.06
CA GLN F 72 -9.02 11.17 -18.02
C GLN F 72 -8.57 12.23 -18.96
N GLN F 73 -7.32 12.11 -19.37
CA GLN F 73 -6.72 13.02 -20.31
C GLN F 73 -6.70 12.33 -21.69
N ILE F 74 -6.03 12.99 -22.65
CA ILE F 74 -5.95 12.48 -24.00
C ILE F 74 -4.67 13.00 -24.65
N LEU F 75 -4.24 12.40 -25.74
CA LEU F 75 -2.99 12.84 -26.38
C LEU F 75 -3.18 14.07 -27.27
N PRO F 76 -2.14 14.91 -27.39
CA PRO F 76 -2.21 16.07 -28.31
C PRO F 76 -2.60 15.55 -29.69
N LYS F 77 -3.33 16.35 -30.46
CA LYS F 77 -3.83 15.92 -31.77
C LYS F 77 -2.81 15.32 -32.71
N GLU F 78 -1.58 15.82 -32.66
CA GLU F 78 -0.54 15.32 -33.55
C GLU F 78 -0.19 13.89 -33.31
N GLN F 79 -0.34 13.42 -32.07
CA GLN F 79 0.01 12.05 -31.74
C GLN F 79 -1.15 11.09 -31.78
N TRP F 80 -2.29 11.54 -32.27
CA TRP F 80 -3.43 10.62 -32.37
C TRP F 80 -3.07 9.70 -33.50
N THR F 81 -3.55 8.49 -33.49
CA THR F 81 -3.23 7.67 -34.61
C THR F 81 -4.11 8.01 -35.73
N LYS F 82 -3.53 8.10 -36.88
CA LYS F 82 -4.24 8.46 -38.06
C LYS F 82 -4.88 7.27 -38.63
N TYR F 83 -6.12 7.43 -39.07
CA TYR F 83 -6.87 6.39 -39.72
C TYR F 83 -6.01 5.92 -40.82
N GLU F 84 -6.15 4.68 -41.23
CA GLU F 84 -5.36 4.17 -42.35
C GLU F 84 -3.91 4.64 -42.41
N GLU F 85 -3.26 4.35 -41.30
CA GLU F 85 -1.87 4.49 -41.02
C GLU F 85 -1.95 3.61 -39.79
N ASP F 86 -3.15 3.05 -39.65
CA ASP F 86 -3.54 2.22 -38.55
C ASP F 86 -3.32 0.79 -39.00
N LYS F 87 -2.16 0.26 -38.63
CA LYS F 87 -1.75 -1.06 -39.02
C LYS F 87 -2.60 -2.03 -38.28
N SER F 88 -3.27 -2.93 -38.99
CA SER F 88 -4.07 -3.90 -38.30
C SER F 88 -3.23 -5.16 -38.05
N TYR F 89 -2.20 -5.01 -37.20
CA TYR F 89 -1.27 -6.06 -36.92
C TYR F 89 -1.84 -7.42 -36.53
N LEU F 90 -2.99 -7.44 -35.82
CA LEU F 90 -3.57 -8.72 -35.33
C LEU F 90 -4.28 -9.53 -36.41
N GLU F 91 -4.99 -8.83 -37.29
CA GLU F 91 -5.81 -9.50 -38.28
C GLU F 91 -5.32 -10.84 -38.84
N PRO F 92 -4.13 -10.89 -39.47
CA PRO F 92 -3.70 -12.14 -40.08
C PRO F 92 -3.60 -13.25 -39.05
N TYR F 93 -3.22 -12.95 -37.80
CA TYR F 93 -3.09 -14.03 -36.80
C TYR F 93 -4.45 -14.47 -36.41
N LEU F 94 -5.31 -13.50 -36.15
CA LEU F 94 -6.64 -13.81 -35.70
C LEU F 94 -7.31 -14.68 -36.73
N LYS F 95 -7.14 -14.31 -38.02
CA LYS F 95 -7.81 -15.04 -39.07
C LYS F 95 -7.35 -16.46 -39.07
N GLU F 96 -6.06 -16.66 -38.91
CA GLU F 96 -5.54 -18.00 -38.97
C GLU F 96 -5.99 -18.80 -37.80
N VAL F 97 -6.13 -18.17 -36.64
CA VAL F 97 -6.54 -18.90 -35.45
C VAL F 97 -7.96 -19.31 -35.62
N ILE F 98 -8.76 -18.46 -36.25
CA ILE F 98 -10.14 -18.80 -36.48
C ILE F 98 -10.22 -19.92 -37.46
N ARG F 99 -9.37 -19.85 -38.46
CA ARG F 99 -9.42 -20.85 -39.51
C ARG F 99 -9.09 -22.20 -38.92
N GLU F 100 -8.22 -22.21 -37.92
CA GLU F 100 -7.82 -23.46 -37.28
C GLU F 100 -8.97 -24.00 -36.45
N ARG F 101 -9.64 -23.13 -35.73
CA ARG F 101 -10.75 -23.61 -34.90
C ARG F 101 -11.88 -24.15 -35.79
N LYS F 102 -12.15 -23.45 -36.88
CA LYS F 102 -13.21 -23.87 -37.78
C LYS F 102 -12.92 -25.26 -38.33
N GLU F 103 -11.65 -25.56 -38.57
CA GLU F 103 -11.28 -26.87 -39.08
C GLU F 103 -11.54 -27.93 -37.97
N ARG F 104 -11.21 -27.58 -36.73
CA ARG F 104 -11.43 -28.52 -35.68
C ARG F 104 -12.92 -28.79 -35.65
N GLU F 105 -13.71 -27.72 -35.71
CA GLU F 105 -15.13 -27.88 -35.67
C GLU F 105 -15.70 -28.77 -36.77
N GLU F 106 -15.19 -28.65 -38.00
CA GLU F 106 -15.72 -29.50 -39.08
C GLU F 106 -15.45 -30.94 -38.77
N TRP F 107 -14.23 -31.22 -38.27
CA TRP F 107 -13.84 -32.59 -37.94
C TRP F 107 -14.72 -33.16 -36.83
N ALA F 108 -15.19 -32.30 -35.94
CA ALA F 108 -16.02 -32.76 -34.85
C ALA F 108 -17.45 -33.13 -35.27
N LYS F 109 -17.82 -32.89 -36.54
CA LYS F 109 -19.18 -33.20 -36.98
C LYS F 109 -19.27 -34.54 -37.62
N LYS F 110 -18.19 -35.01 -38.20
CA LYS F 110 -18.31 -36.28 -38.89
C LYS F 110 -18.42 -37.47 -37.97
N GLY G 1 -8.19 -15.11 -7.03
CA GLY G 1 -6.88 -15.38 -7.68
C GLY G 1 -6.21 -14.09 -8.22
N ARG G 2 -5.24 -14.44 -9.04
CA ARG G 2 -4.37 -13.62 -9.94
C ARG G 2 -3.05 -13.03 -9.32
N GLN G 3 -2.97 -12.47 -8.09
CA GLN G 3 -1.61 -12.05 -7.49
C GLN G 3 -0.85 -10.97 -8.23
N PHE G 4 0.40 -10.84 -7.95
CA PHE G 4 1.24 -9.82 -8.56
C PHE G 4 2.50 -10.57 -8.80
N GLY G 5 2.95 -10.56 -10.04
CA GLY G 5 4.12 -11.29 -10.38
C GLY G 5 3.73 -12.44 -11.27
N HIS G 6 2.42 -12.67 -11.38
CA HIS G 6 1.88 -13.70 -12.28
C HIS G 6 0.80 -13.06 -13.20
N LEU G 7 0.80 -11.74 -13.34
CA LEU G 7 -0.23 -11.14 -14.14
C LEU G 7 0.02 -11.35 -15.56
N THR G 8 1.02 -10.64 -16.11
CA THR G 8 1.38 -10.80 -17.52
C THR G 8 2.87 -10.50 -17.77
N ARG G 9 3.30 -10.57 -19.04
CA ARG G 9 4.70 -10.35 -19.46
C ARG G 9 4.87 -8.96 -20.04
N VAL G 10 5.74 -8.15 -19.45
CA VAL G 10 5.92 -6.77 -19.99
C VAL G 10 7.38 -6.50 -20.17
N ARG G 11 7.75 -5.84 -21.28
CA ARG G 11 9.14 -5.56 -21.56
C ARG G 11 9.52 -4.12 -21.99
N HIS G 12 10.60 -3.60 -21.41
CA HIS G 12 11.17 -2.32 -21.77
C HIS G 12 10.25 -1.14 -21.56
N VAL G 13 9.78 -0.91 -20.37
CA VAL G 13 8.91 0.22 -20.13
C VAL G 13 9.35 0.79 -18.84
N ILE G 14 9.85 2.02 -18.86
CA ILE G 14 10.32 2.62 -17.61
C ILE G 14 9.21 3.44 -16.97
N THR G 15 9.17 3.55 -15.65
CA THR G 15 8.14 4.35 -15.01
C THR G 15 8.68 5.24 -13.93
N TYR G 16 8.73 6.52 -14.15
CA TYR G 16 9.25 7.40 -13.14
C TYR G 16 8.10 7.82 -12.21
N SER G 17 8.35 7.86 -10.92
CA SER G 17 7.32 8.30 -9.96
C SER G 17 7.96 9.24 -9.02
N LEU G 18 7.16 9.95 -8.25
CA LEU G 18 7.66 10.90 -7.31
C LEU G 18 6.85 10.71 -6.09
N SER G 19 7.48 10.80 -4.94
CA SER G 19 6.82 10.58 -3.67
C SER G 19 5.67 11.60 -3.43
N PRO G 20 4.55 11.15 -2.85
CA PRO G 20 3.40 12.03 -2.55
C PRO G 20 3.74 13.17 -1.63
N PHE G 21 4.81 13.06 -0.87
CA PHE G 21 5.14 14.14 0.07
C PHE G 21 6.00 15.18 -0.60
N GLU G 22 6.24 15.00 -1.91
CA GLU G 22 7.05 15.93 -2.66
C GLU G 22 6.37 16.57 -3.82
N GLN G 23 5.08 16.41 -3.90
CA GLN G 23 4.34 17.02 -4.99
C GLN G 23 3.02 17.54 -4.47
N ARG G 24 2.32 18.32 -5.29
CA ARG G 24 1.08 18.84 -4.83
C ARG G 24 -0.08 17.97 -5.26
N ALA G 25 -1.07 17.83 -4.38
CA ALA G 25 -2.24 17.01 -4.65
C ALA G 25 -3.20 17.75 -5.61
N PHE G 26 -3.05 19.05 -5.66
CA PHE G 26 -3.87 19.85 -6.55
C PHE G 26 -3.06 20.81 -7.37
N PRO G 27 -2.23 20.30 -8.31
CA PRO G 27 -1.44 21.18 -9.20
C PRO G 27 -2.40 21.97 -10.03
N HIS G 28 -2.01 22.55 -11.14
CA HIS G 28 -2.94 23.38 -11.94
C HIS G 28 -4.46 22.92 -11.84
N TYR G 29 -5.07 23.00 -10.64
CA TYR G 29 -6.43 22.48 -10.44
C TYR G 29 -7.47 23.27 -11.17
N PHE G 30 -7.43 24.57 -11.08
CA PHE G 30 -8.38 25.35 -11.79
C PHE G 30 -7.83 25.63 -13.18
N SER G 31 -6.53 25.89 -13.26
CA SER G 31 -5.83 26.17 -14.51
C SER G 31 -6.07 25.04 -15.52
N LYS G 32 -5.33 23.93 -15.38
CA LYS G 32 -5.53 22.79 -16.28
C LYS G 32 -6.87 22.09 -16.10
N GLY G 33 -7.34 22.02 -14.87
CA GLY G 33 -8.58 21.35 -14.57
C GLY G 33 -9.82 21.72 -15.35
N ILE G 34 -10.32 22.94 -15.17
CA ILE G 34 -11.56 23.32 -15.89
C ILE G 34 -11.68 23.09 -17.43
N PRO G 35 -10.66 23.49 -18.22
CA PRO G 35 -10.63 23.20 -19.65
C PRO G 35 -10.89 21.73 -19.92
N ASN G 36 -10.35 20.86 -19.08
CA ASN G 36 -10.56 19.44 -19.23
C ASN G 36 -11.99 19.06 -19.07
N VAL G 37 -12.66 19.59 -18.04
CA VAL G 37 -14.05 19.25 -17.86
C VAL G 37 -14.92 19.77 -19.04
N LEU G 38 -14.52 20.90 -19.62
CA LEU G 38 -15.22 21.42 -20.77
C LEU G 38 -15.02 20.48 -21.98
N ARG G 39 -13.80 19.98 -22.14
CA ARG G 39 -13.45 19.11 -23.26
C ARG G 39 -14.19 17.77 -23.16
N ARG G 40 -14.31 17.27 -21.92
CA ARG G 40 -15.00 16.02 -21.69
C ARG G 40 -16.47 16.22 -21.96
N THR G 41 -16.99 17.37 -21.57
CA THR G 41 -18.39 17.61 -21.80
C THR G 41 -18.66 17.66 -23.30
N ARG G 42 -17.80 18.40 -24.05
CA ARG G 42 -17.92 18.51 -25.54
C ARG G 42 -17.99 17.15 -26.19
N ALA G 43 -17.06 16.29 -25.77
CA ALA G 43 -16.94 14.98 -26.33
C ALA G 43 -18.14 14.12 -26.10
N CYS G 44 -18.86 14.38 -25.02
CA CYS G 44 -19.97 13.52 -24.70
C CYS G 44 -21.37 14.03 -24.92
N ILE G 45 -21.59 15.37 -24.97
CA ILE G 45 -22.96 15.94 -25.08
C ILE G 45 -23.80 15.28 -26.12
N LEU G 46 -23.33 15.34 -27.37
CA LEU G 46 -24.06 14.79 -28.51
C LEU G 46 -24.50 13.33 -28.38
N ARG G 47 -24.00 12.65 -27.38
CA ARG G 47 -24.41 11.29 -27.17
C ARG G 47 -25.23 11.17 -25.89
N VAL G 48 -24.96 12.00 -24.90
CA VAL G 48 -25.73 11.95 -23.68
C VAL G 48 -26.95 12.83 -23.80
N ALA G 49 -26.74 14.13 -24.00
CA ALA G 49 -27.83 15.12 -24.09
C ALA G 49 -29.11 14.83 -24.87
N PRO G 50 -29.04 14.53 -26.18
CA PRO G 50 -30.28 14.35 -26.97
C PRO G 50 -31.34 13.39 -26.39
N PRO G 51 -31.04 12.11 -26.14
CA PRO G 51 -32.03 11.21 -25.54
C PRO G 51 -32.77 11.84 -24.41
N PHE G 52 -32.06 12.53 -23.54
CA PHE G 52 -32.71 13.16 -22.42
C PHE G 52 -33.67 14.25 -22.81
N VAL G 53 -33.27 15.16 -23.71
CA VAL G 53 -34.21 16.21 -24.09
C VAL G 53 -35.40 15.62 -24.76
N ALA G 54 -35.22 14.51 -25.48
CA ALA G 54 -36.38 13.86 -26.10
C ALA G 54 -37.40 13.52 -25.00
N PHE G 55 -36.93 13.04 -23.85
CA PHE G 55 -37.81 12.79 -22.72
C PHE G 55 -38.30 14.12 -22.15
N TYR G 56 -37.37 15.06 -21.92
CA TYR G 56 -37.75 16.39 -21.38
C TYR G 56 -38.94 16.91 -22.10
N LEU G 57 -38.89 16.89 -23.43
CA LEU G 57 -40.01 17.38 -24.22
C LEU G 57 -41.25 16.49 -24.06
N VAL G 58 -41.07 15.16 -24.17
CA VAL G 58 -42.19 14.22 -24.03
C VAL G 58 -42.89 14.45 -22.70
N TYR G 59 -42.09 14.75 -21.66
CA TYR G 59 -42.62 15.05 -20.31
C TYR G 59 -43.55 16.28 -20.24
N THR G 60 -43.08 17.44 -20.73
CA THR G 60 -43.91 18.64 -20.62
C THR G 60 -45.11 18.59 -21.53
N TRP G 61 -44.92 18.02 -22.72
CA TRP G 61 -46.03 17.86 -23.64
C TRP G 61 -47.05 16.95 -22.99
N GLY G 62 -46.57 15.79 -22.52
CA GLY G 62 -47.40 14.76 -21.89
C GLY G 62 -48.29 15.27 -20.79
N THR G 63 -47.77 16.19 -20.01
CA THR G 63 -48.52 16.76 -18.92
C THR G 63 -49.55 17.77 -19.43
N GLN G 64 -49.16 18.63 -20.38
CA GLN G 64 -50.10 19.63 -20.91
C GLN G 64 -51.33 19.00 -21.48
N GLU G 65 -51.18 18.00 -22.35
CA GLU G 65 -52.32 17.32 -22.96
C GLU G 65 -53.24 16.76 -21.88
N PHE G 66 -52.64 16.13 -20.88
CA PHE G 66 -53.40 15.56 -19.77
C PHE G 66 -54.26 16.63 -19.10
N GLU G 67 -53.61 17.68 -18.59
CA GLU G 67 -54.29 18.78 -17.89
C GLU G 67 -55.30 19.50 -18.72
N LYS G 68 -54.95 19.74 -19.98
CA LYS G 68 -55.83 20.47 -20.88
C LYS G 68 -57.03 19.63 -21.30
N SER G 69 -56.91 18.31 -21.18
CA SER G 69 -57.97 17.39 -21.58
C SER G 69 -59.14 17.31 -20.63
N LYS G 70 -58.89 17.53 -19.35
CA LYS G 70 -59.94 17.46 -18.33
C LYS G 70 -60.74 18.75 -18.25
N ARG G 71 -60.90 19.39 -19.41
CA ARG G 71 -61.63 20.62 -19.58
C ARG G 71 -62.38 20.44 -20.91
N LYS G 72 -63.35 21.33 -21.21
CA LYS G 72 -64.10 21.27 -22.49
C LYS G 72 -65.16 22.37 -22.66
N ASN G 73 -65.32 22.86 -23.89
CA ASN G 73 -66.30 23.86 -24.17
C ASN G 73 -67.72 23.21 -24.54
N PRO G 74 -68.20 23.24 -25.82
CA PRO G 74 -69.54 22.70 -26.12
C PRO G 74 -69.65 21.16 -26.11
N ALA G 75 -70.88 20.67 -26.37
CA ALA G 75 -71.20 19.23 -26.41
C ALA G 75 -70.89 18.47 -25.11
N GLU H 9 -68.44 38.93 12.10
CA GLU H 9 -69.78 38.35 12.36
C GLU H 9 -70.87 39.37 11.99
N GLU H 10 -71.01 40.43 12.79
CA GLU H 10 -71.95 41.48 12.44
C GLU H 10 -71.13 42.69 12.03
N GLU H 11 -69.98 42.85 12.71
CA GLU H 11 -69.04 43.98 12.50
C GLU H 11 -68.11 44.19 13.74
N GLU H 12 -66.80 43.84 13.56
CA GLU H 12 -65.69 44.28 14.46
C GLU H 12 -64.40 43.39 14.64
N LEU H 13 -64.18 42.37 13.82
CA LEU H 13 -62.83 41.72 13.81
C LEU H 13 -62.29 41.91 12.41
N VAL H 14 -61.18 42.63 12.33
CA VAL H 14 -60.56 42.97 11.06
C VAL H 14 -59.80 41.81 10.43
N ASP H 15 -60.55 40.86 9.84
CA ASP H 15 -59.98 39.68 9.17
C ASP H 15 -59.00 40.11 8.07
N PRO H 16 -57.71 39.87 8.31
CA PRO H 16 -56.66 40.31 7.38
C PRO H 16 -56.80 39.67 6.04
N LEU H 17 -57.28 38.43 6.02
CA LEU H 17 -57.49 37.71 4.80
C LEU H 17 -58.37 38.54 3.93
N THR H 18 -59.56 38.88 4.45
CA THR H 18 -60.53 39.72 3.71
C THR H 18 -59.88 40.97 3.12
N THR H 19 -59.10 41.68 3.94
CA THR H 19 -58.37 42.90 3.53
C THR H 19 -57.40 42.62 2.39
N VAL H 20 -56.43 41.76 2.63
CA VAL H 20 -55.45 41.43 1.60
C VAL H 20 -56.13 40.78 0.38
N ARG H 21 -57.19 39.99 0.63
CA ARG H 21 -57.94 39.37 -0.47
C ARG H 21 -58.52 40.40 -1.41
N GLU H 22 -59.06 41.49 -0.86
CA GLU H 22 -59.65 42.54 -1.70
C GLU H 22 -58.66 42.91 -2.76
N GLN H 23 -57.52 43.44 -2.31
CA GLN H 23 -56.43 43.91 -3.17
C GLN H 23 -56.03 42.81 -4.12
N CYS H 24 -55.97 41.62 -3.58
CA CYS H 24 -55.60 40.46 -4.34
C CYS H 24 -56.65 40.14 -5.39
N GLU H 25 -57.85 39.78 -4.93
CA GLU H 25 -58.99 39.43 -5.80
C GLU H 25 -59.07 40.36 -6.97
N GLN H 26 -59.10 41.66 -6.68
CA GLN H 26 -59.11 42.70 -7.71
C GLN H 26 -58.26 42.30 -8.91
N LEU H 27 -56.96 42.56 -8.77
CA LEU H 27 -55.93 42.33 -9.81
C LEU H 27 -56.14 41.55 -11.12
N GLU H 28 -55.69 42.21 -12.20
CA GLU H 28 -55.71 41.76 -13.61
C GLU H 28 -56.07 40.30 -13.92
N LYS H 29 -55.15 39.39 -13.59
CA LYS H 29 -55.35 37.97 -13.85
C LYS H 29 -56.67 37.46 -13.28
N CYS H 30 -57.02 37.90 -12.08
CA CYS H 30 -58.28 37.51 -11.46
C CYS H 30 -59.46 38.30 -12.03
N VAL H 31 -59.21 39.52 -12.50
CA VAL H 31 -60.30 40.32 -13.10
C VAL H 31 -60.82 39.52 -14.29
N LYS H 32 -59.88 39.10 -15.14
CA LYS H 32 -60.21 38.33 -16.34
C LYS H 32 -60.86 37.02 -15.99
N ALA H 33 -60.31 36.35 -15.00
CA ALA H 33 -60.84 35.06 -14.62
C ALA H 33 -62.27 35.22 -14.12
N ARG H 34 -62.50 36.18 -13.23
CA ARG H 34 -63.84 36.41 -12.72
C ARG H 34 -64.78 36.80 -13.87
N GLU H 35 -64.26 37.50 -14.86
CA GLU H 35 -65.08 37.86 -16.01
C GLU H 35 -65.67 36.59 -16.60
N ARG H 36 -64.82 35.61 -16.89
CA ARG H 36 -65.27 34.32 -17.43
C ARG H 36 -66.23 33.62 -16.51
N LEU H 37 -65.99 33.75 -15.21
CA LEU H 37 -66.86 33.15 -14.22
C LEU H 37 -68.24 33.69 -14.48
N GLU H 38 -68.37 35.01 -14.34
CA GLU H 38 -69.63 35.71 -14.59
C GLU H 38 -70.21 35.35 -15.94
N LEU H 39 -69.34 35.30 -16.95
CA LEU H 39 -69.77 34.97 -18.30
C LEU H 39 -70.44 33.61 -18.28
N CYS H 40 -69.70 32.60 -17.88
CA CYS H 40 -70.23 31.26 -17.79
C CYS H 40 -71.39 31.17 -16.78
N ASP H 41 -71.29 31.92 -15.68
CA ASP H 41 -72.29 31.91 -14.61
C ASP H 41 -73.64 32.30 -15.19
N GLU H 42 -73.65 33.39 -15.94
CA GLU H 42 -74.84 33.88 -16.58
C GLU H 42 -75.40 32.93 -17.65
N ARG H 43 -74.54 32.08 -18.25
CA ARG H 43 -75.04 31.09 -19.22
C ARG H 43 -75.82 30.02 -18.50
N VAL H 44 -75.20 29.46 -17.46
CA VAL H 44 -75.79 28.39 -16.65
C VAL H 44 -77.17 28.76 -16.14
N SER H 45 -77.33 30.01 -15.71
CA SER H 45 -78.60 30.49 -15.21
C SER H 45 -79.62 30.60 -16.34
N SER H 46 -79.15 31.03 -17.52
CA SER H 46 -80.00 31.26 -18.68
C SER H 46 -80.63 30.03 -19.37
N ARG H 47 -80.80 28.93 -18.65
CA ARG H 47 -81.37 27.74 -19.27
C ARG H 47 -82.08 26.80 -18.31
N SER H 48 -82.25 25.57 -18.77
CA SER H 48 -82.90 24.55 -17.98
C SER H 48 -82.08 23.25 -18.04
N GLN H 49 -82.32 22.46 -19.08
CA GLN H 49 -81.71 21.10 -19.25
C GLN H 49 -80.17 21.12 -19.55
N THR H 50 -79.44 22.10 -19.01
CA THR H 50 -78.00 22.22 -19.27
C THR H 50 -77.13 21.49 -18.24
N GLU H 51 -75.82 21.41 -18.53
CA GLU H 51 -74.88 20.76 -17.62
C GLU H 51 -73.44 21.32 -17.56
N GLU H 52 -73.10 22.28 -18.43
CA GLU H 52 -71.75 22.94 -18.39
C GLU H 52 -71.78 23.78 -17.10
N ASP H 53 -71.30 23.17 -16.02
CA ASP H 53 -71.49 23.70 -14.66
C ASP H 53 -70.65 24.78 -13.97
N CYS H 54 -69.79 25.50 -14.69
CA CYS H 54 -69.03 26.62 -14.08
C CYS H 54 -68.02 26.28 -12.94
N THR H 55 -67.75 24.99 -12.72
CA THR H 55 -66.82 24.58 -11.64
C THR H 55 -65.35 24.98 -11.94
N GLU H 56 -64.92 24.74 -13.18
CA GLU H 56 -63.55 25.05 -13.60
C GLU H 56 -63.18 26.53 -13.45
N GLU H 57 -64.03 27.40 -14.03
CA GLU H 57 -63.81 28.84 -13.98
C GLU H 57 -63.53 29.37 -12.59
N LEU H 58 -64.23 28.82 -11.59
CA LEU H 58 -64.04 29.23 -10.20
C LEU H 58 -62.63 28.96 -9.70
N LEU H 59 -62.17 27.72 -9.86
CA LEU H 59 -60.82 27.33 -9.41
C LEU H 59 -59.72 28.19 -10.03
N ASP H 60 -59.79 28.40 -11.36
CA ASP H 60 -58.81 29.24 -12.07
C ASP H 60 -58.73 30.60 -11.41
N PHE H 61 -59.89 31.21 -11.15
CA PHE H 61 -59.96 32.50 -10.44
C PHE H 61 -59.25 32.40 -9.13
N LEU H 62 -59.69 31.43 -8.32
CA LEU H 62 -59.15 31.20 -6.99
C LEU H 62 -57.64 31.02 -7.01
N HIS H 63 -57.16 30.15 -7.90
CA HIS H 63 -55.73 29.92 -8.05
C HIS H 63 -54.98 31.23 -8.22
N ALA H 64 -55.35 31.98 -9.26
CA ALA H 64 -54.72 33.27 -9.56
C ALA H 64 -54.78 34.20 -8.36
N ARG H 65 -55.94 34.23 -7.71
CA ARG H 65 -56.13 35.03 -6.53
C ARG H 65 -55.23 34.50 -5.41
N ASP H 66 -55.40 33.23 -5.07
CA ASP H 66 -54.63 32.62 -4.00
C ASP H 66 -53.09 32.67 -4.05
N HIS H 67 -52.50 32.56 -5.25
CA HIS H 67 -51.04 32.67 -5.34
C HIS H 67 -50.66 34.05 -4.80
N CYS H 68 -51.33 35.09 -5.33
CA CYS H 68 -51.10 36.47 -4.88
C CYS H 68 -51.44 36.64 -3.39
N VAL H 69 -52.38 35.84 -2.88
CA VAL H 69 -52.72 35.88 -1.45
C VAL H 69 -51.51 35.39 -0.64
N ALA H 70 -51.03 34.21 -0.95
CA ALA H 70 -49.88 33.69 -0.23
C ALA H 70 -48.71 34.70 -0.18
N HIS H 71 -48.37 35.25 -1.34
CA HIS H 71 -47.26 36.19 -1.49
C HIS H 71 -47.39 37.42 -0.59
N LYS H 72 -48.58 37.98 -0.51
CA LYS H 72 -48.81 39.17 0.29
C LYS H 72 -49.32 38.91 1.74
N LEU H 73 -49.73 37.69 2.09
CA LEU H 73 -50.38 37.47 3.39
C LEU H 73 -49.57 37.57 4.65
N PHE H 74 -49.19 36.42 5.17
CA PHE H 74 -48.40 36.26 6.40
C PHE H 74 -47.51 37.40 6.90
N ASN H 75 -47.14 38.30 5.98
CA ASN H 75 -46.38 39.52 6.29
C ASN H 75 -46.99 40.22 7.49
N SER H 76 -48.29 40.49 7.38
CA SER H 76 -49.01 41.19 8.43
C SER H 76 -49.27 40.33 9.67
N LEU H 77 -49.75 39.10 9.47
CA LEU H 77 -50.03 38.14 10.58
C LEU H 77 -49.00 38.12 11.69
N LYS H 78 -49.49 38.03 12.91
CA LYS H 78 -48.65 38.03 14.10
C LYS H 78 -48.73 36.67 14.82
N MET I 1 59.35 -20.38 -3.75
CA MET I 1 58.28 -19.47 -4.30
C MET I 1 57.07 -20.29 -4.52
N LEU I 2 56.83 -21.19 -3.58
CA LEU I 2 55.72 -22.10 -3.64
C LEU I 2 54.40 -21.34 -3.53
N SER I 3 53.31 -22.03 -3.28
CA SER I 3 51.97 -21.41 -3.31
C SER I 3 51.52 -21.39 -4.73
N VAL I 4 51.38 -22.61 -5.22
CA VAL I 4 50.92 -22.95 -6.53
C VAL I 4 49.98 -21.94 -7.15
N ALA I 5 48.85 -21.69 -6.48
CA ALA I 5 47.89 -20.73 -6.99
C ALA I 5 48.51 -19.33 -7.25
N ALA I 6 49.27 -18.80 -6.30
CA ALA I 6 49.84 -17.47 -6.47
C ALA I 6 51.04 -17.48 -7.40
N ARG I 7 51.59 -18.67 -7.63
CA ARG I 7 52.68 -18.85 -8.61
C ARG I 7 51.96 -18.61 -9.96
N SER I 8 50.67 -18.23 -9.82
CA SER I 8 49.76 -17.80 -10.88
C SER I 8 49.40 -18.88 -11.82
N GLY I 9 48.11 -19.02 -12.15
CA GLY I 9 47.72 -20.06 -13.11
C GLY I 9 46.70 -21.16 -12.71
N PRO I 10 47.08 -22.09 -11.84
CA PRO I 10 46.20 -23.22 -11.46
C PRO I 10 45.05 -22.68 -10.68
N PHE I 11 43.91 -23.31 -10.61
CA PHE I 11 42.80 -22.72 -9.88
C PHE I 11 42.76 -22.94 -8.37
N ALA I 12 42.04 -22.05 -7.66
CA ALA I 12 41.93 -22.04 -6.20
C ALA I 12 40.57 -21.52 -5.68
N PRO I 13 39.62 -22.38 -5.41
CA PRO I 13 38.34 -21.98 -4.85
C PRO I 13 38.36 -21.74 -3.40
N VAL I 14 37.52 -20.83 -2.92
CA VAL I 14 37.38 -20.53 -1.51
C VAL I 14 35.92 -20.58 -1.13
N LEU I 15 35.63 -21.14 0.05
CA LEU I 15 34.27 -21.12 0.62
C LEU I 15 34.35 -20.31 1.91
N SER I 16 33.22 -19.86 2.41
CA SER I 16 33.23 -19.01 3.57
C SER I 16 32.00 -19.10 4.38
N ALA I 17 32.05 -18.51 5.54
CA ALA I 17 30.90 -18.44 6.44
C ALA I 17 30.18 -17.10 6.29
N THR I 18 30.99 -16.05 6.27
CA THR I 18 30.51 -14.72 6.14
C THR I 18 30.85 -14.17 4.78
N SER I 19 32.07 -14.42 4.27
CA SER I 19 32.45 -13.92 2.92
C SER I 19 31.85 -14.75 1.81
N ARG I 20 32.38 -14.64 0.59
CA ARG I 20 31.71 -15.31 -0.54
C ARG I 20 32.55 -16.32 -1.27
N GLY I 21 31.89 -17.28 -1.91
CA GLY I 21 32.56 -18.33 -2.67
C GLY I 21 33.35 -17.74 -3.81
N VAL I 22 34.66 -17.96 -3.80
CA VAL I 22 35.54 -17.44 -4.85
C VAL I 22 36.11 -18.60 -5.71
N ALA I 23 36.48 -18.26 -6.95
CA ALA I 23 37.11 -19.17 -7.91
C ALA I 23 38.07 -18.19 -8.58
N GLY I 24 39.37 -18.34 -8.38
CA GLY I 24 40.19 -17.34 -8.98
C GLY I 24 41.65 -17.38 -9.20
N ALA I 25 42.13 -18.20 -10.11
CA ALA I 25 43.56 -18.12 -10.45
C ALA I 25 43.91 -17.46 -11.81
N LEU I 26 44.91 -17.98 -12.51
CA LEU I 26 45.27 -17.30 -13.74
C LEU I 26 45.22 -17.95 -15.11
N ARG I 27 44.96 -17.06 -16.07
CA ARG I 27 44.70 -17.28 -17.46
C ARG I 27 44.29 -15.83 -17.92
N PRO I 28 44.07 -15.58 -19.20
CA PRO I 28 43.63 -14.27 -19.64
C PRO I 28 42.20 -14.00 -19.36
N LEU I 29 41.87 -12.75 -19.62
CA LEU I 29 40.54 -12.16 -19.57
C LEU I 29 40.77 -10.69 -19.49
N VAL I 30 41.63 -10.29 -18.54
CA VAL I 30 41.87 -8.86 -18.28
C VAL I 30 42.16 -8.00 -19.53
N GLN I 31 42.92 -8.53 -20.49
CA GLN I 31 43.21 -7.79 -21.73
C GLN I 31 42.30 -8.24 -22.87
N ALA I 32 41.04 -8.54 -22.51
CA ALA I 32 39.93 -8.86 -23.43
C ALA I 32 38.83 -7.94 -22.98
N ALA I 33 39.05 -7.30 -21.84
CA ALA I 33 38.15 -6.29 -21.32
C ALA I 33 38.55 -4.99 -22.02
N VAL I 34 39.82 -4.91 -22.45
CA VAL I 34 40.34 -3.76 -23.16
C VAL I 34 39.92 -3.82 -24.65
N PRO I 35 40.51 -4.72 -25.48
CA PRO I 35 39.94 -4.96 -26.81
C PRO I 35 38.65 -5.62 -26.39
N ALA I 36 37.55 -4.92 -26.53
CA ALA I 36 36.36 -5.33 -25.85
C ALA I 36 35.21 -6.05 -26.52
N THR I 37 34.18 -6.23 -25.69
CA THR I 37 32.90 -6.93 -25.90
C THR I 37 32.97 -8.19 -25.03
N SER I 38 33.56 -8.01 -23.85
CA SER I 38 33.64 -9.04 -22.86
C SER I 38 32.54 -8.68 -21.94
N GLU I 39 31.39 -9.27 -22.20
CA GLU I 39 30.16 -9.03 -21.45
C GLU I 39 30.30 -9.56 -20.05
N SER I 40 29.25 -10.20 -19.58
CA SER I 40 29.18 -10.78 -18.25
C SER I 40 27.74 -10.74 -17.90
N PRO I 41 27.31 -11.57 -16.97
CA PRO I 41 25.94 -11.47 -16.48
C PRO I 41 25.94 -10.31 -15.56
N VAL I 42 24.82 -9.99 -15.02
CA VAL I 42 24.95 -9.35 -13.73
C VAL I 42 23.76 -9.59 -12.95
N LEU I 43 24.23 -10.61 -12.35
CA LEU I 43 23.62 -11.41 -11.47
C LEU I 43 22.53 -12.20 -12.16
N ASP I 44 22.96 -13.17 -12.98
CA ASP I 44 22.08 -14.18 -13.61
C ASP I 44 22.29 -15.23 -12.52
N LEU I 45 21.45 -16.27 -12.38
CA LEU I 45 21.63 -17.26 -11.25
C LEU I 45 23.09 -17.26 -10.62
N LYS I 46 23.34 -16.36 -9.64
CA LYS I 46 24.73 -16.10 -9.19
C LYS I 46 25.04 -15.99 -7.73
N ARG I 47 25.58 -14.83 -7.35
CA ARG I 47 26.11 -14.57 -6.06
C ARG I 47 26.47 -13.05 -6.04
N SER I 48 27.75 -12.69 -6.15
CA SER I 48 28.23 -11.27 -6.22
C SER I 48 29.75 -11.12 -6.06
N VAL I 49 30.33 -10.28 -6.91
CA VAL I 49 31.77 -10.07 -6.93
C VAL I 49 32.19 -8.91 -6.05
N LEU I 50 33.50 -8.82 -5.81
CA LEU I 50 34.13 -7.83 -4.94
C LEU I 50 34.05 -8.30 -3.49
N CYS I 51 32.90 -8.88 -3.13
CA CYS I 51 32.66 -9.47 -1.79
C CYS I 51 32.74 -8.48 -0.63
N ARG I 52 32.20 -8.87 0.51
CA ARG I 52 32.24 -7.95 1.62
C ARG I 52 32.78 -8.44 2.97
N GLU I 53 33.24 -7.44 3.72
CA GLU I 53 33.84 -7.50 5.06
C GLU I 53 35.00 -6.53 5.04
N SER I 54 34.82 -5.53 4.19
CA SER I 54 35.74 -4.41 4.04
C SER I 54 34.82 -3.18 4.16
N LEU I 55 35.36 -2.05 4.63
CA LEU I 55 34.58 -0.81 4.82
C LEU I 55 35.43 0.38 5.21
N ARG I 56 35.01 1.01 6.30
CA ARG I 56 35.65 2.18 6.95
C ARG I 56 34.58 2.87 7.80
N GLY I 57 34.26 4.12 7.47
CA GLY I 57 33.24 4.86 8.20
C GLY I 57 32.94 6.22 7.59
N VAL J 1 4.88 29.71 11.39
CA VAL J 1 5.59 30.95 11.82
C VAL J 1 7.04 30.64 12.20
N ALA J 2 7.98 31.06 11.33
CA ALA J 2 9.45 30.85 11.53
C ALA J 2 9.72 29.38 11.19
N PRO J 3 10.80 28.72 11.71
CA PRO J 3 11.03 27.28 11.44
C PRO J 3 9.77 26.35 11.47
N THR J 4 8.65 26.88 10.96
CA THR J 4 7.35 26.20 10.78
C THR J 4 6.55 25.52 11.89
N LEU J 5 5.26 25.87 11.95
CA LEU J 5 4.32 25.28 12.91
C LEU J 5 4.11 23.82 12.62
N THR J 6 3.94 23.49 11.34
CA THR J 6 3.75 22.11 10.93
C THR J 6 5.00 21.31 11.25
N ALA J 7 6.16 21.93 11.02
CA ALA J 7 7.42 21.28 11.31
C ALA J 7 7.48 20.84 12.79
N ARG J 8 7.04 21.73 13.68
CA ARG J 8 7.02 21.41 15.08
C ARG J 8 5.92 20.43 15.39
N LEU J 9 4.78 20.58 14.72
CA LEU J 9 3.68 19.63 14.87
C LEU J 9 4.16 18.26 14.47
N TYR J 10 5.02 18.20 13.47
CA TYR J 10 5.53 16.92 13.08
C TYR J 10 6.54 16.41 14.06
N SER J 11 7.61 17.21 14.28
CA SER J 11 8.70 16.85 15.19
C SER J 11 8.27 16.50 16.61
N LEU J 12 7.44 17.33 17.21
CA LEU J 12 7.02 17.10 18.60
C LEU J 12 5.79 16.21 18.78
N LEU J 13 4.95 16.09 17.78
CA LEU J 13 3.69 15.40 17.97
C LEU J 13 3.26 14.39 16.89
N PHE J 14 3.89 14.42 15.71
CA PHE J 14 3.45 13.54 14.64
C PHE J 14 4.49 12.47 14.23
N ARG J 15 5.69 12.51 14.76
CA ARG J 15 6.69 11.54 14.33
C ARG J 15 6.40 10.14 14.88
N ARG J 16 5.74 10.09 16.01
CA ARG J 16 5.40 8.83 16.63
C ARG J 16 3.94 8.57 16.30
N THR J 17 3.52 7.30 16.21
CA THR J 17 2.10 7.05 15.99
C THR J 17 1.38 7.22 17.32
N SER J 18 2.16 7.15 18.41
CA SER J 18 1.62 7.32 19.76
C SER J 18 1.11 8.68 19.98
N THR J 19 2.01 9.65 19.95
CA THR J 19 1.63 11.04 20.12
C THR J 19 0.58 11.40 19.09
N PHE J 20 0.72 10.91 17.87
CA PHE J 20 -0.26 11.16 16.82
C PHE J 20 -1.64 10.78 17.33
N ALA J 21 -1.77 9.51 17.75
CA ALA J 21 -3.03 9.01 18.26
C ALA J 21 -3.44 9.85 19.41
N LEU J 22 -2.53 10.03 20.36
CA LEU J 22 -2.82 10.85 21.53
C LEU J 22 -3.38 12.26 21.18
N THR J 23 -2.79 12.98 20.21
CA THR J 23 -3.32 14.32 19.92
C THR J 23 -4.65 14.26 19.28
N ILE J 24 -4.83 13.33 18.35
CA ILE J 24 -6.12 13.18 17.70
C ILE J 24 -7.24 12.99 18.77
N VAL J 25 -7.00 12.12 19.75
CA VAL J 25 -8.00 11.90 20.76
C VAL J 25 -8.23 13.12 21.65
N VAL J 26 -7.14 13.82 22.00
CA VAL J 26 -7.25 15.06 22.81
C VAL J 26 -7.94 16.12 21.95
N GLY J 27 -7.53 16.19 20.69
CA GLY J 27 -8.12 17.11 19.73
C GLY J 27 -9.57 16.77 19.45
N ALA J 28 -9.93 15.48 19.59
CA ALA J 28 -11.32 15.06 19.40
C ALA J 28 -12.24 15.68 20.49
N LEU J 29 -11.80 15.63 21.76
CA LEU J 29 -12.54 16.20 22.87
C LEU J 29 -12.94 17.65 22.63
N PHE J 30 -11.93 18.51 22.61
CA PHE J 30 -12.13 19.93 22.44
C PHE J 30 -12.95 20.25 21.22
N PHE J 31 -12.61 19.63 20.10
CA PHE J 31 -13.36 19.87 18.88
C PHE J 31 -14.83 19.69 19.14
N GLU J 32 -15.19 18.57 19.78
CA GLU J 32 -16.58 18.32 20.09
C GLU J 32 -17.18 19.46 20.89
N ARG J 33 -16.52 19.82 22.00
CA ARG J 33 -16.97 20.91 22.84
C ARG J 33 -17.15 22.19 22.03
N ALA J 34 -16.15 22.53 21.21
CA ALA J 34 -16.19 23.76 20.42
C ALA J 34 -17.26 23.77 19.32
N PHE J 35 -17.32 22.69 18.56
CA PHE J 35 -18.27 22.60 17.46
C PHE J 35 -19.71 22.39 17.89
N ASP J 36 -19.95 21.35 18.72
CA ASP J 36 -21.29 20.99 19.17
C ASP J 36 -22.00 22.25 19.67
N GLN J 37 -21.25 23.03 20.42
CA GLN J 37 -21.75 24.29 20.99
C GLN J 37 -21.80 25.38 19.91
N GLY J 38 -20.78 25.40 19.07
CA GLY J 38 -20.64 26.39 17.99
C GLY J 38 -21.79 26.31 17.03
N ALA J 39 -22.11 25.09 16.62
CA ALA J 39 -23.24 24.86 15.74
C ALA J 39 -24.57 25.15 16.47
N ASP J 40 -24.65 24.79 17.78
CA ASP J 40 -25.86 25.10 18.58
C ASP J 40 -25.99 26.59 18.65
N ALA J 41 -24.85 27.26 18.87
CA ALA J 41 -24.82 28.72 18.92
C ALA J 41 -25.24 29.33 17.59
N ILE J 42 -24.52 29.07 16.51
CA ILE J 42 -24.92 29.64 15.21
C ILE J 42 -26.41 29.45 15.00
N TYR J 43 -26.89 28.25 15.30
CA TYR J 43 -28.33 27.95 15.22
C TYR J 43 -29.17 29.04 15.93
N GLU J 44 -28.61 29.73 16.95
CA GLU J 44 -29.34 30.82 17.71
C GLU J 44 -29.59 32.09 16.92
N HIS J 45 -29.50 32.04 15.60
CA HIS J 45 -29.85 33.20 14.83
C HIS J 45 -31.23 32.98 14.31
N ILE J 46 -32.02 32.51 15.25
CA ILE J 46 -33.39 32.21 15.10
C ILE J 46 -33.93 32.40 16.57
N ASN J 47 -33.97 33.66 17.02
CA ASN J 47 -34.39 34.00 18.40
C ASN J 47 -35.88 33.79 18.55
N GLU J 48 -36.33 32.63 18.13
CA GLU J 48 -37.73 32.33 18.07
C GLU J 48 -38.18 31.44 19.22
N GLY J 49 -38.46 30.17 18.90
CA GLY J 49 -38.93 29.20 19.87
C GLY J 49 -37.93 29.02 20.96
N LYS J 50 -36.75 29.62 20.72
CA LYS J 50 -35.64 29.70 21.63
C LYS J 50 -36.17 29.51 23.02
N LEU J 51 -36.15 28.27 23.48
CA LEU J 51 -36.66 27.87 24.77
C LEU J 51 -36.27 28.80 25.87
N TRP J 52 -35.07 29.34 25.80
CA TRP J 52 -34.60 30.30 26.79
C TRP J 52 -35.48 31.55 26.78
N LYS J 53 -35.76 32.06 25.58
CA LYS J 53 -36.58 33.27 25.43
C LYS J 53 -38.00 33.05 25.97
N HIS J 54 -38.56 31.84 25.73
CA HIS J 54 -39.89 31.52 26.23
C HIS J 54 -39.85 31.33 27.77
N ILE J 55 -38.76 30.71 28.28
CA ILE J 55 -38.59 30.44 29.73
C ILE J 55 -38.85 31.67 30.61
N LYS J 56 -38.43 32.84 30.12
CA LYS J 56 -38.63 34.09 30.83
C LYS J 56 -40.11 34.54 30.88
N HIS J 57 -40.83 34.39 29.75
CA HIS J 57 -42.24 34.82 29.68
C HIS J 57 -43.18 33.99 30.56
N LYS J 58 -43.18 32.68 30.41
CA LYS J 58 -44.02 31.85 31.25
C LYS J 58 -43.28 31.35 32.51
N MET K 1 8.44 -23.77 32.39
CA MET K 1 7.07 -23.76 31.79
C MET K 1 6.96 -22.73 30.64
N LEU K 2 7.19 -21.45 30.93
CA LEU K 2 7.15 -20.37 29.89
C LEU K 2 8.01 -19.14 30.30
N THR K 3 9.33 -19.31 30.41
CA THR K 3 10.20 -18.20 30.83
C THR K 3 11.62 -18.17 30.21
N ARG K 4 11.69 -18.35 28.90
CA ARG K 4 12.94 -18.27 28.18
C ARG K 4 13.17 -16.78 27.90
N PHE K 5 12.14 -15.98 28.23
CA PHE K 5 12.14 -14.54 27.99
C PHE K 5 12.83 -13.71 29.06
N LEU K 6 13.69 -14.31 29.87
CA LEU K 6 14.43 -13.57 30.89
C LEU K 6 15.88 -13.34 30.45
N GLY K 7 16.38 -12.12 30.56
CA GLY K 7 17.75 -11.84 30.16
C GLY K 7 17.98 -10.40 29.76
N PRO K 8 19.25 -9.99 29.70
CA PRO K 8 19.64 -8.60 29.40
C PRO K 8 18.92 -8.03 28.21
N ARG K 9 18.92 -8.74 27.12
CA ARG K 9 18.26 -8.28 25.93
C ARG K 9 16.74 -8.12 26.13
N TYR K 10 16.08 -9.13 26.66
CA TYR K 10 14.64 -9.01 26.88
C TYR K 10 14.34 -7.84 27.81
N ARG K 11 15.14 -7.68 28.86
CA ARG K 11 14.97 -6.53 29.72
C ARG K 11 15.12 -5.28 28.88
N GLN K 12 16.16 -5.24 28.03
CA GLN K 12 16.38 -4.08 27.16
C GLN K 12 15.23 -3.82 26.26
N LEU K 13 14.66 -4.89 25.68
CA LEU K 13 13.51 -4.77 24.82
C LEU K 13 12.42 -4.03 25.56
N ALA K 14 12.06 -4.55 26.71
CA ALA K 14 11.01 -3.99 27.52
C ALA K 14 11.14 -2.49 27.76
N ARG K 15 12.36 -2.02 28.04
CA ARG K 15 12.59 -0.60 28.33
C ARG K 15 12.46 0.30 27.10
N ASN K 16 12.69 -0.26 25.93
CA ASN K 16 12.59 0.51 24.71
C ASN K 16 11.14 0.69 24.32
N TRP K 17 10.29 -0.19 24.84
CA TRP K 17 8.88 -0.11 24.55
C TRP K 17 8.04 0.52 25.68
N VAL K 18 8.69 0.91 26.77
CA VAL K 18 7.99 1.56 27.86
C VAL K 18 7.39 2.94 27.53
N PRO K 19 8.20 3.90 27.01
CA PRO K 19 7.64 5.20 26.67
C PRO K 19 6.47 4.98 25.72
N THR K 20 6.61 4.04 24.80
CA THR K 20 5.55 3.74 23.85
C THR K 20 4.29 3.15 24.51
N ALA K 21 4.44 2.03 25.22
CA ALA K 21 3.29 1.38 25.85
C ALA K 21 2.52 2.33 26.82
N GLN K 22 3.26 3.07 27.63
CA GLN K 22 2.66 4.03 28.52
C GLN K 22 1.83 5.02 27.68
N LEU K 23 2.47 5.62 26.68
CA LEU K 23 1.82 6.63 25.83
C LEU K 23 0.57 6.08 25.19
N TRP K 24 0.65 4.82 24.76
CA TRP K 24 -0.46 4.13 24.13
C TRP K 24 -1.65 3.95 25.11
N GLY K 25 -1.38 3.52 26.31
CA GLY K 25 -2.44 3.36 27.27
C GLY K 25 -3.15 4.69 27.53
N ALA K 26 -2.39 5.79 27.56
CA ALA K 26 -2.96 7.11 27.79
C ALA K 26 -3.93 7.44 26.67
N VAL K 27 -3.57 7.05 25.44
CA VAL K 27 -4.43 7.27 24.29
C VAL K 27 -5.78 6.66 24.59
N GLY K 28 -5.79 5.34 24.84
CA GLY K 28 -6.99 4.62 25.15
C GLY K 28 -7.72 5.19 26.33
N ALA K 29 -6.99 5.69 27.32
CA ALA K 29 -7.64 6.25 28.50
C ALA K 29 -8.47 7.46 28.13
N VAL K 30 -7.77 8.48 27.61
CA VAL K 30 -8.41 9.69 27.16
C VAL K 30 -9.51 9.32 26.19
N GLY K 31 -9.27 8.26 25.43
CA GLY K 31 -10.24 7.76 24.49
C GLY K 31 -11.50 7.26 25.15
N LEU K 32 -11.36 6.43 26.18
CA LEU K 32 -12.52 5.91 26.87
C LEU K 32 -13.28 7.04 27.55
N VAL K 33 -12.54 7.94 28.22
CA VAL K 33 -13.15 9.09 28.92
C VAL K 33 -14.02 9.91 27.97
N SER K 34 -13.41 10.44 26.94
CA SER K 34 -14.10 11.23 25.95
C SER K 34 -15.25 10.49 25.28
N ALA K 35 -15.15 9.16 25.17
CA ALA K 35 -16.19 8.34 24.55
C ALA K 35 -17.49 8.19 25.32
N THR K 36 -17.41 8.18 26.64
CA THR K 36 -18.62 8.04 27.44
C THR K 36 -18.85 9.21 28.36
N ASP K 37 -18.08 10.29 28.14
CA ASP K 37 -18.16 11.50 28.94
C ASP K 37 -17.69 11.45 30.41
N SER K 38 -17.50 12.63 30.97
CA SER K 38 -16.95 12.82 32.30
C SER K 38 -17.75 12.36 33.57
N ARG K 39 -18.75 11.51 33.40
CA ARG K 39 -19.42 10.94 34.57
C ARG K 39 -19.03 9.47 34.59
N LEU K 40 -19.22 8.80 33.44
CA LEU K 40 -18.96 7.34 33.25
C LEU K 40 -17.48 6.95 33.36
N ILE K 41 -16.66 7.95 33.77
CA ILE K 41 -15.21 7.91 34.06
C ILE K 41 -14.54 9.24 33.71
N LEU K 42 -13.88 9.83 34.70
CA LEU K 42 -13.09 11.07 34.55
C LEU K 42 -13.68 12.42 34.20
N ASP K 43 -14.06 13.14 35.22
CA ASP K 43 -14.57 14.49 35.11
C ASP K 43 -13.38 15.41 35.31
N TRP K 44 -13.51 16.73 34.98
CA TRP K 44 -12.44 17.75 35.24
C TRP K 44 -11.94 18.53 34.01
N VAL K 45 -11.32 19.69 34.29
CA VAL K 45 -10.74 20.64 33.30
C VAL K 45 -11.79 21.51 32.47
N PRO K 46 -11.39 22.35 31.46
CA PRO K 46 -12.35 23.35 30.88
C PRO K 46 -13.65 22.95 30.17
N THR K 47 -14.26 21.81 30.48
CA THR K 47 -15.46 21.41 29.78
C THR K 47 -16.79 21.31 30.53
N ILE K 48 -17.47 22.47 30.65
CA ILE K 48 -18.87 22.63 31.17
C ILE K 48 -19.38 21.92 32.48
N ASN K 49 -20.65 22.24 32.86
CA ASN K 49 -21.36 21.73 34.07
C ASN K 49 -21.07 22.49 35.36
#